data_1YJV
#
_entry.id   1YJV
#
loop_
_entity.id
_entity.type
_entity.pdbx_description
1 polymer 'Copper-transporting ATPase 1'
2 non-polymer 'COPPER (I) ION'
#
_entity_poly.entity_id   1
_entity_poly.type   'polypeptide(L)'
_entity_poly.pdbx_seq_one_letter_code
;MGDGVLELVVRGMTCASCVHKIESSLTKHRGILYCSVALATNKAHIKYDPEIIGPRDIIHTIESLGFEASLVKIE
;
_entity_poly.pdbx_strand_id   A
#
loop_
_chem_comp.id
_chem_comp.type
_chem_comp.name
_chem_comp.formula
CU1 non-polymer 'COPPER (I) ION' 'Cu 1'
#
# COMPACT_ATOMS: atom_id res chain seq x y z
N MET A 1 5.43 -17.53 11.45
CA MET A 1 5.82 -17.05 10.12
C MET A 1 4.89 -15.88 9.79
N GLY A 2 5.21 -15.05 8.79
CA GLY A 2 4.36 -13.96 8.37
C GLY A 2 4.87 -13.42 7.04
N ASP A 3 3.98 -12.80 6.27
CA ASP A 3 4.24 -12.21 4.98
C ASP A 3 5.03 -10.91 5.10
N GLY A 4 5.44 -10.32 3.96
CA GLY A 4 6.18 -9.08 3.88
C GLY A 4 5.35 -7.91 4.41
N VAL A 5 5.31 -7.75 5.73
CA VAL A 5 4.56 -6.67 6.37
C VAL A 5 5.32 -5.37 6.20
N LEU A 6 4.66 -4.36 5.61
CA LEU A 6 5.34 -3.14 5.17
C LEU A 6 4.43 -1.94 5.33
N GLU A 7 4.28 -1.45 6.57
CA GLU A 7 3.39 -0.34 6.83
C GLU A 7 4.06 0.98 6.42
N LEU A 8 4.10 1.23 5.11
CA LEU A 8 4.63 2.45 4.52
C LEU A 8 3.62 3.59 4.63
N VAL A 9 4.11 4.84 4.59
CA VAL A 9 3.28 6.02 4.50
C VAL A 9 2.83 6.13 3.05
N VAL A 10 1.57 6.50 2.81
CA VAL A 10 0.97 6.75 1.53
C VAL A 10 0.24 8.09 1.67
N ARG A 11 0.58 9.07 0.82
CA ARG A 11 0.04 10.42 0.86
C ARG A 11 -0.71 10.72 -0.43
N GLY A 12 -1.52 11.78 -0.39
CA GLY A 12 -2.46 12.14 -1.44
C GLY A 12 -3.85 11.55 -1.18
N MET A 13 -3.99 10.70 -0.16
CA MET A 13 -5.23 10.03 0.18
C MET A 13 -6.21 11.04 0.81
N THR A 14 -6.73 11.97 0.01
CA THR A 14 -7.43 13.13 0.53
C THR A 14 -8.78 12.81 1.19
N CYS A 15 -9.38 11.63 0.96
CA CYS A 15 -10.66 11.27 1.56
C CYS A 15 -10.87 9.76 1.53
N ALA A 16 -11.95 9.31 2.18
CA ALA A 16 -12.35 7.91 2.20
C ALA A 16 -12.40 7.32 0.78
N SER A 17 -12.89 8.11 -0.18
CA SER A 17 -12.98 7.72 -1.58
C SER A 17 -11.60 7.43 -2.19
N CYS A 18 -10.53 8.06 -1.68
CA CYS A 18 -9.19 7.58 -1.98
C CYS A 18 -8.95 6.27 -1.25
N VAL A 19 -9.01 6.30 0.08
CA VAL A 19 -8.62 5.19 0.94
C VAL A 19 -9.18 3.86 0.43
N HIS A 20 -10.50 3.74 0.32
CA HIS A 20 -11.09 2.45 -0.06
C HIS A 20 -10.74 2.06 -1.51
N LYS A 21 -10.50 3.04 -2.37
CA LYS A 21 -10.13 2.81 -3.76
C LYS A 21 -8.72 2.24 -3.80
N ILE A 22 -7.79 2.87 -3.08
CA ILE A 22 -6.43 2.37 -2.92
C ILE A 22 -6.50 0.94 -2.43
N GLU A 23 -7.19 0.74 -1.31
CA GLU A 23 -7.36 -0.56 -0.69
C GLU A 23 -7.80 -1.59 -1.74
N SER A 24 -9.02 -1.41 -2.25
CA SER A 24 -9.66 -2.32 -3.18
C SER A 24 -8.77 -2.56 -4.40
N SER A 25 -8.10 -1.51 -4.90
CA SER A 25 -7.24 -1.62 -6.06
C SER A 25 -6.04 -2.50 -5.70
N LEU A 26 -5.36 -2.21 -4.60
CA LEU A 26 -4.19 -2.97 -4.21
C LEU A 26 -4.54 -4.44 -3.98
N THR A 27 -5.66 -4.69 -3.31
CA THR A 27 -6.17 -6.02 -3.05
C THR A 27 -6.46 -6.80 -4.35
N LYS A 28 -6.46 -6.14 -5.52
CA LYS A 28 -6.46 -6.84 -6.80
C LYS A 28 -5.22 -7.72 -6.97
N HIS A 29 -4.07 -7.27 -6.46
CA HIS A 29 -2.83 -8.04 -6.55
C HIS A 29 -3.05 -9.39 -5.84
N ARG A 30 -2.62 -10.51 -6.43
CA ARG A 30 -2.47 -11.74 -5.65
C ARG A 30 -1.24 -11.59 -4.75
N GLY A 31 -0.27 -10.78 -5.14
CA GLY A 31 0.97 -10.64 -4.40
C GLY A 31 0.82 -9.76 -3.15
N ILE A 32 -0.28 -9.90 -2.43
CA ILE A 32 -0.52 -9.28 -1.15
C ILE A 32 -1.35 -10.28 -0.34
N LEU A 33 -1.21 -10.27 0.97
CA LEU A 33 -2.14 -11.00 1.85
C LEU A 33 -3.12 -10.04 2.53
N TYR A 34 -2.75 -8.76 2.72
CA TYR A 34 -3.59 -7.80 3.42
C TYR A 34 -3.22 -6.39 2.98
N CYS A 35 -4.17 -5.45 3.04
CA CYS A 35 -3.91 -4.02 2.98
C CYS A 35 -4.88 -3.29 3.90
N SER A 36 -4.36 -2.42 4.79
CA SER A 36 -5.13 -1.60 5.71
C SER A 36 -4.55 -0.17 5.70
N VAL A 37 -5.14 0.66 4.83
CA VAL A 37 -4.81 2.04 4.61
C VAL A 37 -5.54 2.96 5.60
N ALA A 38 -4.95 4.13 5.89
CA ALA A 38 -5.62 5.16 6.68
C ALA A 38 -5.02 6.54 6.37
N LEU A 39 -5.89 7.51 6.06
CA LEU A 39 -5.50 8.90 5.85
C LEU A 39 -5.21 9.64 7.17
N ALA A 40 -5.54 9.03 8.32
CA ALA A 40 -5.21 9.59 9.62
C ALA A 40 -3.69 9.58 9.80
N THR A 41 -3.09 8.40 9.63
CA THR A 41 -1.65 8.21 9.66
C THR A 41 -1.03 8.61 8.32
N ASN A 42 -1.80 8.50 7.22
CA ASN A 42 -1.33 8.61 5.85
C ASN A 42 -0.51 7.38 5.53
N LYS A 43 -1.10 6.19 5.67
CA LYS A 43 -0.35 4.94 5.61
C LYS A 43 -1.10 3.85 4.90
N ALA A 44 -0.37 2.76 4.65
CA ALA A 44 -0.85 1.50 4.08
C ALA A 44 -0.16 0.34 4.79
N HIS A 45 -0.84 -0.29 5.74
CA HIS A 45 -0.38 -1.54 6.31
C HIS A 45 -0.72 -2.59 5.27
N ILE A 46 0.16 -2.70 4.29
CA ILE A 46 0.16 -3.82 3.39
C ILE A 46 0.96 -4.95 4.02
N LYS A 47 0.54 -6.16 3.72
CA LYS A 47 1.37 -7.33 3.80
C LYS A 47 1.52 -7.77 2.35
N TYR A 48 2.70 -7.51 1.77
CA TYR A 48 3.00 -7.77 0.38
C TYR A 48 3.75 -9.10 0.26
N ASP A 49 3.34 -9.91 -0.71
CA ASP A 49 3.94 -11.21 -0.96
C ASP A 49 5.29 -11.01 -1.66
N PRO A 50 6.40 -11.49 -1.06
CA PRO A 50 7.72 -11.27 -1.62
C PRO A 50 8.15 -12.28 -2.69
N GLU A 51 7.31 -13.25 -3.11
CA GLU A 51 7.61 -14.02 -4.31
C GLU A 51 7.07 -13.28 -5.54
N ILE A 52 5.85 -12.73 -5.45
CA ILE A 52 5.22 -12.09 -6.60
C ILE A 52 5.59 -10.61 -6.71
N ILE A 53 5.53 -9.86 -5.60
CA ILE A 53 5.48 -8.42 -5.60
C ILE A 53 6.68 -7.91 -4.81
N GLY A 54 7.19 -6.78 -5.25
CA GLY A 54 8.12 -5.93 -4.51
C GLY A 54 7.42 -4.62 -4.16
N PRO A 55 7.94 -3.87 -3.17
CA PRO A 55 7.37 -2.59 -2.75
C PRO A 55 7.20 -1.65 -3.95
N ARG A 56 8.18 -1.68 -4.86
CA ARG A 56 8.14 -0.93 -6.12
C ARG A 56 6.80 -1.11 -6.84
N ASP A 57 6.23 -2.32 -6.87
CA ASP A 57 5.00 -2.57 -7.60
C ASP A 57 3.85 -1.82 -6.94
N ILE A 58 3.71 -1.98 -5.62
CA ILE A 58 2.71 -1.24 -4.86
C ILE A 58 2.85 0.26 -5.12
N ILE A 59 4.08 0.77 -5.05
CA ILE A 59 4.37 2.17 -5.35
C ILE A 59 3.87 2.50 -6.75
N HIS A 60 4.24 1.73 -7.77
CA HIS A 60 3.77 1.94 -9.14
C HIS A 60 2.24 2.00 -9.18
N THR A 61 1.55 1.12 -8.45
CA THR A 61 0.10 1.14 -8.43
C THR A 61 -0.39 2.46 -7.82
N ILE A 62 0.07 2.77 -6.61
CA ILE A 62 -0.23 4.01 -5.88
C ILE A 62 -0.06 5.25 -6.78
N GLU A 63 1.09 5.34 -7.47
CA GLU A 63 1.37 6.37 -8.45
C GLU A 63 0.34 6.33 -9.58
N SER A 64 0.12 5.14 -10.15
CA SER A 64 -0.76 4.93 -11.29
C SER A 64 -2.22 5.30 -10.98
N LEU A 65 -2.64 5.31 -9.70
CA LEU A 65 -3.83 6.04 -9.31
C LEU A 65 -3.51 7.54 -9.36
N GLY A 66 -3.28 8.17 -8.21
CA GLY A 66 -2.84 9.57 -8.17
C GLY A 66 -2.17 9.91 -6.84
N PHE A 67 -1.38 8.99 -6.29
CA PHE A 67 -0.91 9.08 -4.91
C PHE A 67 0.61 8.93 -4.85
N GLU A 68 1.21 9.16 -3.67
CA GLU A 68 2.64 9.02 -3.44
C GLU A 68 2.84 8.21 -2.16
N ALA A 69 4.06 7.71 -1.89
CA ALA A 69 4.32 6.88 -0.74
C ALA A 69 5.79 6.94 -0.31
N SER A 70 6.08 6.53 0.93
CA SER A 70 7.43 6.42 1.48
C SER A 70 7.44 5.41 2.64
N LEU A 71 8.37 4.47 2.64
CA LEU A 71 8.58 3.54 3.75
C LEU A 71 9.13 4.33 4.94
N VAL A 72 8.32 4.57 5.97
CA VAL A 72 8.81 5.14 7.21
C VAL A 72 9.81 4.16 7.83
N LYS A 73 9.41 2.89 7.91
CA LYS A 73 10.22 1.82 8.47
C LYS A 73 11.32 1.43 7.47
N ILE A 74 12.31 2.32 7.30
CA ILE A 74 13.51 2.03 6.53
C ILE A 74 14.23 0.85 7.20
N GLU A 75 14.98 1.12 8.28
CA GLU A 75 15.70 0.11 9.03
C GLU A 75 14.71 -0.76 9.78
CU CU1 B . -10.18 11.22 -1.87
N MET A 1 8.57 -14.92 0.56
CA MET A 1 9.08 -16.20 1.09
C MET A 1 8.19 -16.70 2.23
N GLY A 2 8.07 -15.91 3.30
CA GLY A 2 7.27 -16.19 4.48
C GLY A 2 7.39 -15.02 5.46
N ASP A 3 7.39 -13.81 4.89
CA ASP A 3 8.02 -12.61 5.41
C ASP A 3 7.21 -11.39 4.97
N GLY A 4 5.91 -11.59 4.73
CA GLY A 4 5.10 -10.66 3.97
C GLY A 4 4.56 -9.52 4.81
N VAL A 5 5.33 -8.45 4.98
CA VAL A 5 4.85 -7.21 5.58
C VAL A 5 5.53 -6.01 4.92
N LEU A 6 4.76 -4.94 4.64
CA LEU A 6 5.31 -3.65 4.27
C LEU A 6 4.38 -2.56 4.79
N GLU A 7 4.87 -1.68 5.66
CA GLU A 7 4.17 -0.47 6.01
C GLU A 7 4.93 0.69 5.36
N LEU A 8 4.25 1.46 4.52
CA LEU A 8 4.82 2.63 3.88
C LEU A 8 3.86 3.80 4.05
N VAL A 9 4.38 5.02 4.19
CA VAL A 9 3.60 6.22 4.22
C VAL A 9 3.21 6.47 2.77
N VAL A 10 1.94 6.81 2.54
CA VAL A 10 1.35 7.05 1.25
C VAL A 10 0.75 8.44 1.35
N ARG A 11 1.24 9.41 0.57
CA ARG A 11 0.75 10.78 0.61
C ARG A 11 -0.04 11.09 -0.66
N GLY A 12 -0.97 12.04 -0.53
CA GLY A 12 -1.96 12.39 -1.54
C GLY A 12 -3.33 11.77 -1.22
N MET A 13 -3.44 10.96 -0.17
CA MET A 13 -4.69 10.30 0.21
C MET A 13 -5.65 11.30 0.85
N THR A 14 -6.14 12.25 0.07
CA THR A 14 -6.79 13.43 0.63
C THR A 14 -8.14 13.15 1.30
N CYS A 15 -8.77 11.99 1.08
CA CYS A 15 -10.06 11.67 1.70
C CYS A 15 -10.30 10.17 1.69
N ALA A 16 -11.38 9.74 2.36
CA ALA A 16 -11.82 8.35 2.38
C ALA A 16 -11.91 7.76 0.97
N SER A 17 -12.35 8.59 0.00
CA SER A 17 -12.47 8.18 -1.38
C SER A 17 -11.12 7.78 -1.97
N CYS A 18 -10.01 8.35 -1.49
CA CYS A 18 -8.68 7.84 -1.81
C CYS A 18 -8.45 6.52 -1.09
N VAL A 19 -8.58 6.53 0.24
CA VAL A 19 -8.25 5.40 1.09
C VAL A 19 -8.89 4.09 0.58
N HIS A 20 -10.22 4.05 0.51
CA HIS A 20 -10.91 2.82 0.13
C HIS A 20 -10.63 2.45 -1.33
N LYS A 21 -10.37 3.44 -2.19
CA LYS A 21 -10.01 3.20 -3.58
C LYS A 21 -8.67 2.49 -3.61
N ILE A 22 -7.68 2.98 -2.87
CA ILE A 22 -6.39 2.32 -2.74
C ILE A 22 -6.62 0.90 -2.25
N GLU A 23 -7.30 0.73 -1.11
CA GLU A 23 -7.50 -0.57 -0.49
C GLU A 23 -8.15 -1.55 -1.48
N SER A 24 -9.23 -1.13 -2.13
CA SER A 24 -9.90 -1.88 -3.18
C SER A 24 -8.91 -2.22 -4.32
N SER A 25 -8.17 -1.22 -4.80
CA SER A 25 -7.29 -1.37 -5.93
C SER A 25 -6.20 -2.41 -5.62
N LEU A 26 -5.67 -2.34 -4.42
CA LEU A 26 -4.68 -3.25 -3.89
C LEU A 26 -5.25 -4.67 -3.79
N THR A 27 -6.38 -4.82 -3.10
CA THR A 27 -6.94 -6.13 -2.83
C THR A 27 -7.24 -6.93 -4.11
N LYS A 28 -7.34 -6.24 -5.26
CA LYS A 28 -7.34 -6.91 -6.55
C LYS A 28 -6.18 -7.89 -6.72
N HIS A 29 -4.96 -7.55 -6.28
CA HIS A 29 -3.79 -8.38 -6.60
C HIS A 29 -3.85 -9.74 -5.89
N ARG A 30 -3.05 -10.71 -6.35
CA ARG A 30 -3.02 -12.06 -5.80
C ARG A 30 -1.80 -12.29 -4.91
N GLY A 31 -0.69 -11.60 -5.17
CA GLY A 31 0.49 -11.68 -4.31
C GLY A 31 0.30 -10.97 -2.98
N ILE A 32 -0.74 -10.12 -2.87
CA ILE A 32 -1.06 -9.47 -1.62
C ILE A 32 -1.77 -10.46 -0.70
N LEU A 33 -1.57 -10.26 0.60
CA LEU A 33 -2.20 -10.98 1.69
C LEU A 33 -3.18 -10.04 2.38
N TYR A 34 -2.80 -8.77 2.62
CA TYR A 34 -3.71 -7.77 3.16
C TYR A 34 -3.24 -6.35 2.78
N CYS A 35 -4.15 -5.38 2.93
CA CYS A 35 -3.93 -3.95 2.74
C CYS A 35 -4.78 -3.23 3.79
N SER A 36 -4.15 -2.47 4.69
CA SER A 36 -4.82 -1.65 5.69
C SER A 36 -4.33 -0.21 5.48
N VAL A 37 -5.08 0.62 4.77
CA VAL A 37 -4.66 1.98 4.41
C VAL A 37 -5.45 3.02 5.20
N ALA A 38 -4.76 4.10 5.63
CA ALA A 38 -5.33 5.12 6.51
C ALA A 38 -4.69 6.49 6.26
N LEU A 39 -5.51 7.50 6.01
CA LEU A 39 -5.10 8.91 5.91
C LEU A 39 -4.84 9.52 7.27
N ALA A 40 -5.29 8.87 8.35
CA ALA A 40 -5.03 9.32 9.71
C ALA A 40 -3.51 9.38 9.93
N THR A 41 -2.83 8.29 9.60
CA THR A 41 -1.37 8.25 9.57
C THR A 41 -0.90 8.87 8.25
N ASN A 42 -1.55 8.48 7.15
CA ASN A 42 -1.13 8.63 5.76
C ASN A 42 -0.22 7.46 5.44
N LYS A 43 -0.68 6.24 5.69
CA LYS A 43 0.10 5.04 5.48
C LYS A 43 -0.77 3.93 4.94
N ALA A 44 -0.10 2.95 4.33
CA ALA A 44 -0.67 1.69 3.95
C ALA A 44 0.17 0.58 4.57
N HIS A 45 -0.48 -0.23 5.39
CA HIS A 45 0.05 -1.42 5.98
C HIS A 45 -0.37 -2.56 5.06
N ILE A 46 0.51 -2.90 4.13
CA ILE A 46 0.37 -4.01 3.24
C ILE A 46 0.98 -5.23 3.91
N LYS A 47 0.45 -6.39 3.54
CA LYS A 47 1.11 -7.66 3.72
C LYS A 47 0.98 -8.34 2.37
N TYR A 48 2.06 -8.93 1.85
CA TYR A 48 2.15 -9.49 0.51
C TYR A 48 3.33 -10.43 0.48
N ASP A 49 3.35 -11.44 -0.39
CA ASP A 49 4.55 -12.23 -0.58
C ASP A 49 5.52 -11.50 -1.52
N PRO A 50 6.77 -11.24 -1.10
CA PRO A 50 7.72 -10.45 -1.87
C PRO A 50 8.12 -11.05 -3.22
N GLU A 51 7.98 -12.36 -3.45
CA GLU A 51 8.24 -12.93 -4.76
C GLU A 51 7.02 -12.66 -5.65
N ILE A 52 5.82 -12.89 -5.15
CA ILE A 52 4.61 -12.73 -5.98
C ILE A 52 4.33 -11.25 -6.27
N ILE A 53 4.52 -10.35 -5.31
CA ILE A 53 4.30 -8.92 -5.45
C ILE A 53 5.54 -8.25 -4.84
N GLY A 54 6.23 -7.41 -5.61
CA GLY A 54 7.31 -6.61 -5.08
C GLY A 54 6.75 -5.32 -4.47
N PRO A 55 7.59 -4.57 -3.73
CA PRO A 55 7.22 -3.24 -3.26
C PRO A 55 6.92 -2.34 -4.46
N ARG A 56 7.76 -2.43 -5.50
CA ARG A 56 7.62 -1.69 -6.76
C ARG A 56 6.21 -1.78 -7.33
N ASP A 57 5.61 -2.98 -7.37
CA ASP A 57 4.25 -3.16 -7.87
C ASP A 57 3.29 -2.27 -7.10
N ILE A 58 3.28 -2.40 -5.78
CA ILE A 58 2.34 -1.70 -4.92
C ILE A 58 2.57 -0.20 -5.02
N ILE A 59 3.81 0.24 -4.78
CA ILE A 59 4.20 1.63 -4.93
C ILE A 59 3.72 2.15 -6.27
N HIS A 60 4.01 1.43 -7.35
CA HIS A 60 3.68 1.90 -8.67
C HIS A 60 2.17 1.88 -8.92
N THR A 61 1.42 0.99 -8.28
CA THR A 61 -0.03 1.06 -8.31
C THR A 61 -0.46 2.38 -7.66
N ILE A 62 0.12 2.69 -6.49
CA ILE A 62 -0.10 3.94 -5.78
C ILE A 62 0.27 5.16 -6.66
N GLU A 63 1.39 5.10 -7.39
CA GLU A 63 1.77 6.13 -8.37
C GLU A 63 0.65 6.27 -9.40
N SER A 64 0.33 5.16 -10.06
CA SER A 64 -0.63 5.07 -11.15
C SER A 64 -1.99 5.65 -10.74
N LEU A 65 -2.45 5.33 -9.53
CA LEU A 65 -3.72 5.81 -9.02
C LEU A 65 -3.73 7.34 -8.92
N GLY A 66 -3.18 7.92 -7.85
CA GLY A 66 -3.10 9.37 -7.75
C GLY A 66 -2.09 9.88 -6.73
N PHE A 67 -1.13 9.05 -6.28
CA PHE A 67 -0.52 9.23 -4.97
C PHE A 67 0.99 9.03 -5.04
N GLU A 68 1.69 9.27 -3.91
CA GLU A 68 3.10 8.98 -3.77
C GLU A 68 3.27 8.11 -2.53
N ALA A 69 4.41 7.41 -2.39
CA ALA A 69 4.72 6.64 -1.20
C ALA A 69 6.19 6.74 -0.80
N SER A 70 6.49 6.43 0.46
CA SER A 70 7.84 6.29 1.00
C SER A 70 7.75 5.38 2.23
N LEU A 71 8.79 4.58 2.50
CA LEU A 71 8.78 3.63 3.62
C LEU A 71 8.58 4.36 4.96
N VAL A 72 7.98 3.70 5.95
CA VAL A 72 7.84 4.22 7.30
C VAL A 72 8.09 3.08 8.29
N LYS A 73 9.09 3.21 9.18
CA LYS A 73 9.44 2.23 10.20
C LYS A 73 10.42 2.85 11.20
N ILE A 74 11.52 3.43 10.71
CA ILE A 74 12.47 4.15 11.55
C ILE A 74 11.84 5.51 11.83
N GLU A 75 11.79 6.37 10.81
CA GLU A 75 10.83 7.46 10.71
C GLU A 75 9.45 6.85 10.44
CU CU1 B . -9.64 11.50 -1.74
N MET A 1 7.14 -15.96 0.55
CA MET A 1 6.91 -16.54 1.88
C MET A 1 5.43 -16.87 2.02
N GLY A 2 4.96 -17.22 3.23
CA GLY A 2 3.52 -17.25 3.52
C GLY A 2 2.91 -15.89 3.15
N ASP A 3 3.50 -14.83 3.74
CA ASP A 3 3.47 -13.47 3.23
C ASP A 3 4.56 -12.69 3.97
N GLY A 4 4.68 -11.39 3.71
CA GLY A 4 5.59 -10.48 4.37
C GLY A 4 4.85 -9.18 4.69
N VAL A 5 5.14 -8.60 5.85
CA VAL A 5 4.53 -7.34 6.28
C VAL A 5 5.34 -6.16 5.74
N LEU A 6 4.67 -5.04 5.47
CA LEU A 6 5.32 -3.75 5.31
C LEU A 6 4.33 -2.66 5.71
N GLU A 7 4.83 -1.47 6.04
CA GLU A 7 4.07 -0.31 6.46
C GLU A 7 4.74 0.90 5.83
N LEU A 8 4.00 1.60 4.96
CA LEU A 8 4.45 2.75 4.21
C LEU A 8 3.57 3.92 4.63
N VAL A 9 4.13 5.12 4.74
CA VAL A 9 3.33 6.34 4.79
C VAL A 9 2.93 6.64 3.34
N VAL A 10 1.64 6.87 3.09
CA VAL A 10 1.04 7.08 1.80
C VAL A 10 0.46 8.49 1.79
N ARG A 11 1.17 9.40 1.14
CA ARG A 11 0.91 10.83 1.12
C ARG A 11 0.10 11.14 -0.14
N GLY A 12 -0.95 11.95 0.01
CA GLY A 12 -1.84 12.37 -1.08
C GLY A 12 -3.21 11.69 -1.03
N MET A 13 -3.37 10.70 -0.15
CA MET A 13 -4.59 9.94 0.07
C MET A 13 -5.64 10.83 0.74
N THR A 14 -6.16 11.80 0.00
CA THR A 14 -6.82 12.96 0.58
C THR A 14 -8.26 12.74 1.05
N CYS A 15 -8.85 11.56 0.86
CA CYS A 15 -10.20 11.27 1.30
C CYS A 15 -10.44 9.77 1.42
N ALA A 16 -11.52 9.39 2.12
CA ALA A 16 -11.99 8.01 2.24
C ALA A 16 -12.09 7.37 0.85
N SER A 17 -12.57 8.16 -0.12
CA SER A 17 -12.60 7.82 -1.52
C SER A 17 -11.26 7.26 -1.99
N CYS A 18 -10.14 7.87 -1.59
CA CYS A 18 -8.82 7.33 -1.87
C CYS A 18 -8.49 6.08 -1.05
N VAL A 19 -8.71 6.12 0.28
CA VAL A 19 -8.54 4.95 1.15
C VAL A 19 -9.10 3.69 0.48
N HIS A 20 -10.42 3.63 0.28
CA HIS A 20 -11.03 2.39 -0.21
C HIS A 20 -10.67 2.10 -1.67
N LYS A 21 -10.47 3.14 -2.50
CA LYS A 21 -10.00 2.97 -3.88
C LYS A 21 -8.66 2.24 -3.87
N ILE A 22 -7.67 2.75 -3.13
CA ILE A 22 -6.39 2.10 -2.96
C ILE A 22 -6.61 0.65 -2.56
N GLU A 23 -7.26 0.41 -1.42
CA GLU A 23 -7.40 -0.94 -0.89
C GLU A 23 -8.05 -1.87 -1.90
N SER A 24 -9.24 -1.49 -2.38
CA SER A 24 -10.02 -2.25 -3.35
C SER A 24 -9.17 -2.56 -4.58
N SER A 25 -8.43 -1.56 -5.08
CA SER A 25 -7.65 -1.72 -6.29
C SER A 25 -6.52 -2.71 -6.01
N LEU A 26 -5.73 -2.43 -4.99
CA LEU A 26 -4.56 -3.24 -4.67
C LEU A 26 -4.93 -4.69 -4.40
N THR A 27 -6.02 -4.92 -3.66
CA THR A 27 -6.50 -6.26 -3.35
C THR A 27 -6.80 -7.08 -4.62
N LYS A 28 -6.93 -6.43 -5.79
CA LYS A 28 -6.98 -7.12 -7.07
C LYS A 28 -5.78 -8.06 -7.23
N HIS A 29 -4.58 -7.62 -6.83
CA HIS A 29 -3.37 -8.39 -7.06
C HIS A 29 -3.19 -9.38 -5.91
N ARG A 30 -3.38 -10.68 -6.16
CA ARG A 30 -3.27 -11.71 -5.13
C ARG A 30 -1.94 -11.67 -4.36
N GLY A 31 -0.90 -11.06 -4.95
CA GLY A 31 0.36 -10.83 -4.27
C GLY A 31 0.17 -10.13 -2.93
N ILE A 32 -0.78 -9.19 -2.82
CA ILE A 32 -1.17 -8.62 -1.55
C ILE A 32 -2.29 -9.50 -0.97
N LEU A 33 -2.12 -9.91 0.30
CA LEU A 33 -3.11 -10.70 1.02
C LEU A 33 -4.03 -9.75 1.78
N TYR A 34 -3.46 -8.74 2.46
CA TYR A 34 -4.23 -7.72 3.15
C TYR A 34 -3.56 -6.37 2.98
N CYS A 35 -4.37 -5.32 2.86
CA CYS A 35 -3.98 -3.92 2.81
C CYS A 35 -4.87 -3.18 3.81
N SER A 36 -4.30 -2.17 4.47
CA SER A 36 -4.89 -1.55 5.64
C SER A 36 -4.40 -0.10 5.69
N VAL A 37 -5.07 0.78 4.95
CA VAL A 37 -4.67 2.17 4.79
C VAL A 37 -5.50 3.10 5.67
N ALA A 38 -4.95 4.25 6.04
CA ALA A 38 -5.71 5.27 6.77
C ALA A 38 -5.09 6.63 6.53
N LEU A 39 -5.91 7.65 6.27
CA LEU A 39 -5.49 9.04 6.13
C LEU A 39 -5.31 9.75 7.48
N ALA A 40 -5.76 9.13 8.57
CA ALA A 40 -5.52 9.63 9.91
C ALA A 40 -4.01 9.68 10.16
N THR A 41 -3.34 8.56 9.88
CA THR A 41 -1.88 8.48 9.90
C THR A 41 -1.34 8.93 8.53
N ASN A 42 -1.99 8.53 7.44
CA ASN A 42 -1.54 8.65 6.05
C ASN A 42 -0.58 7.51 5.78
N LYS A 43 -1.08 6.27 5.89
CA LYS A 43 -0.27 5.08 5.75
C LYS A 43 -1.04 4.01 5.01
N ALA A 44 -0.29 2.99 4.58
CA ALA A 44 -0.75 1.70 4.15
C ALA A 44 0.10 0.66 4.88
N HIS A 45 -0.51 -0.06 5.82
CA HIS A 45 0.04 -1.31 6.31
C HIS A 45 -0.45 -2.37 5.35
N ILE A 46 0.45 -3.26 4.94
CA ILE A 46 0.23 -4.25 3.92
C ILE A 46 0.88 -5.54 4.37
N LYS A 47 0.30 -6.63 3.90
CA LYS A 47 0.62 -7.99 4.24
C LYS A 47 0.54 -8.70 2.89
N TYR A 48 1.70 -8.93 2.27
CA TYR A 48 1.85 -9.25 0.86
C TYR A 48 3.00 -10.22 0.69
N ASP A 49 2.89 -11.19 -0.22
CA ASP A 49 3.99 -12.09 -0.50
C ASP A 49 4.98 -11.38 -1.45
N PRO A 50 6.25 -11.19 -1.06
CA PRO A 50 7.21 -10.52 -1.92
C PRO A 50 7.51 -11.33 -3.17
N GLU A 51 7.48 -12.67 -3.11
CA GLU A 51 7.85 -13.54 -4.23
C GLU A 51 6.73 -13.63 -5.29
N ILE A 52 6.13 -12.49 -5.65
CA ILE A 52 5.04 -12.37 -6.61
C ILE A 52 4.75 -10.89 -6.90
N ILE A 53 4.83 -10.02 -5.89
CA ILE A 53 4.71 -8.58 -6.09
C ILE A 53 5.77 -7.92 -5.21
N GLY A 54 6.71 -7.19 -5.81
CA GLY A 54 7.72 -6.50 -5.03
C GLY A 54 7.07 -5.34 -4.29
N PRO A 55 7.66 -4.87 -3.18
CA PRO A 55 7.20 -3.65 -2.52
C PRO A 55 7.16 -2.52 -3.54
N ARG A 56 8.23 -2.39 -4.33
CA ARG A 56 8.28 -1.42 -5.43
C ARG A 56 7.06 -1.50 -6.34
N ASP A 57 6.53 -2.70 -6.62
CA ASP A 57 5.41 -2.86 -7.52
C ASP A 57 4.15 -2.29 -6.88
N ILE A 58 3.98 -2.53 -5.59
CA ILE A 58 2.94 -1.87 -4.81
C ILE A 58 3.13 -0.35 -4.88
N ILE A 59 4.35 0.17 -4.68
CA ILE A 59 4.63 1.58 -4.88
C ILE A 59 4.14 2.04 -6.26
N HIS A 60 4.62 1.40 -7.33
CA HIS A 60 4.26 1.73 -8.71
C HIS A 60 2.74 1.79 -8.86
N THR A 61 2.03 0.82 -8.26
CA THR A 61 0.58 0.78 -8.32
C THR A 61 -0.01 1.99 -7.61
N ILE A 62 0.45 2.27 -6.38
CA ILE A 62 0.03 3.45 -5.63
C ILE A 62 0.25 4.73 -6.43
N GLU A 63 1.42 4.90 -7.04
CA GLU A 63 1.71 6.04 -7.89
C GLU A 63 0.71 6.10 -9.05
N SER A 64 0.53 4.98 -9.76
CA SER A 64 -0.39 4.87 -10.86
C SER A 64 -1.80 5.32 -10.46
N LEU A 65 -2.30 4.84 -9.32
CA LEU A 65 -3.59 5.28 -8.79
C LEU A 65 -3.56 6.78 -8.47
N GLY A 66 -2.68 7.21 -7.57
CA GLY A 66 -2.63 8.61 -7.17
C GLY A 66 -1.33 9.07 -6.51
N PHE A 67 -0.76 8.25 -5.61
CA PHE A 67 -0.23 8.77 -4.35
C PHE A 67 1.28 8.54 -4.21
N GLU A 68 1.89 9.24 -3.25
CA GLU A 68 3.30 9.14 -2.94
C GLU A 68 3.43 8.20 -1.75
N ALA A 69 3.76 6.93 -2.01
CA ALA A 69 4.13 6.02 -0.93
C ALA A 69 5.60 6.20 -0.59
N SER A 70 5.90 6.14 0.70
CA SER A 70 7.21 6.36 1.27
C SER A 70 7.34 5.42 2.45
N LEU A 71 8.42 4.65 2.52
CA LEU A 71 8.81 4.06 3.79
C LEU A 71 9.12 5.20 4.78
N VAL A 72 9.13 4.83 6.07
CA VAL A 72 9.40 5.72 7.19
C VAL A 72 9.80 4.83 8.36
N LYS A 73 11.10 4.65 8.56
CA LYS A 73 11.68 3.94 9.70
C LYS A 73 13.00 4.64 9.99
N ILE A 74 13.91 4.55 9.02
CA ILE A 74 14.83 5.63 8.73
C ILE A 74 14.01 6.72 8.03
N GLU A 75 14.41 7.98 8.19
CA GLU A 75 14.09 9.11 7.34
C GLU A 75 15.35 9.97 7.37
CU CU1 B . -9.81 10.68 -2.45
N MET A 1 2.29 -15.98 3.12
CA MET A 1 3.13 -17.15 3.45
C MET A 1 4.60 -16.72 3.37
N GLY A 2 5.21 -16.43 4.52
CA GLY A 2 6.43 -15.63 4.53
C GLY A 2 6.14 -14.26 3.92
N ASP A 3 4.92 -13.79 4.13
CA ASP A 3 4.40 -12.54 3.60
C ASP A 3 5.17 -11.37 4.21
N GLY A 4 5.76 -10.55 3.34
CA GLY A 4 6.45 -9.33 3.71
C GLY A 4 5.40 -8.35 4.21
N VAL A 5 5.39 -8.11 5.53
CA VAL A 5 4.64 -7.03 6.14
C VAL A 5 5.41 -5.74 5.92
N LEU A 6 4.79 -4.77 5.25
CA LEU A 6 5.42 -3.55 4.80
C LEU A 6 4.51 -2.38 5.17
N GLU A 7 4.98 -1.55 6.09
CA GLU A 7 4.39 -0.28 6.42
C GLU A 7 4.98 0.77 5.49
N LEU A 8 4.16 1.31 4.60
CA LEU A 8 4.49 2.51 3.84
C LEU A 8 3.79 3.69 4.47
N VAL A 9 4.38 4.88 4.34
CA VAL A 9 3.64 6.13 4.32
C VAL A 9 3.14 6.26 2.87
N VAL A 10 1.91 6.73 2.71
CA VAL A 10 1.28 7.01 1.44
C VAL A 10 0.70 8.42 1.56
N ARG A 11 0.94 9.28 0.56
CA ARG A 11 0.50 10.67 0.56
C ARG A 11 -0.24 10.98 -0.73
N GLY A 12 -1.06 12.03 -0.70
CA GLY A 12 -1.94 12.39 -1.81
C GLY A 12 -3.35 11.80 -1.64
N MET A 13 -3.50 10.76 -0.81
CA MET A 13 -4.76 10.07 -0.63
C MET A 13 -5.74 10.90 0.21
N THR A 14 -6.23 12.00 -0.36
CA THR A 14 -6.84 13.08 0.39
C THR A 14 -8.12 12.72 1.17
N CYS A 15 -8.80 11.60 0.90
CA CYS A 15 -10.10 11.33 1.54
C CYS A 15 -10.48 9.85 1.47
N ALA A 16 -11.65 9.52 2.03
CA ALA A 16 -12.25 8.20 1.99
C ALA A 16 -12.26 7.63 0.58
N SER A 17 -12.63 8.45 -0.41
CA SER A 17 -12.67 8.09 -1.80
C SER A 17 -11.28 7.74 -2.36
N CYS A 18 -10.20 8.21 -1.74
CA CYS A 18 -8.88 7.65 -1.92
C CYS A 18 -8.77 6.31 -1.18
N VAL A 19 -8.87 6.33 0.15
CA VAL A 19 -8.70 5.17 1.02
C VAL A 19 -9.30 3.89 0.41
N HIS A 20 -10.63 3.88 0.22
CA HIS A 20 -11.31 2.66 -0.18
C HIS A 20 -10.86 2.22 -1.58
N LYS A 21 -10.48 3.17 -2.43
CA LYS A 21 -10.04 2.91 -3.78
C LYS A 21 -8.67 2.24 -3.73
N ILE A 22 -7.76 2.78 -2.91
CA ILE A 22 -6.45 2.19 -2.69
C ILE A 22 -6.65 0.74 -2.23
N GLU A 23 -7.36 0.54 -1.12
CA GLU A 23 -7.56 -0.79 -0.56
C GLU A 23 -8.23 -1.73 -1.56
N SER A 24 -9.38 -1.33 -2.10
CA SER A 24 -10.11 -2.14 -3.07
C SER A 24 -9.21 -2.51 -4.24
N SER A 25 -8.44 -1.55 -4.77
CA SER A 25 -7.61 -1.78 -5.94
C SER A 25 -6.53 -2.79 -5.54
N LEU A 26 -5.83 -2.50 -4.44
CA LEU A 26 -4.82 -3.39 -3.90
C LEU A 26 -5.33 -4.83 -3.81
N THR A 27 -6.49 -5.05 -3.19
CA THR A 27 -7.02 -6.40 -3.03
C THR A 27 -7.23 -7.14 -4.36
N LYS A 28 -7.20 -6.44 -5.51
CA LYS A 28 -7.26 -7.11 -6.79
C LYS A 28 -6.01 -7.95 -7.09
N HIS A 29 -4.85 -7.58 -6.52
CA HIS A 29 -3.62 -8.35 -6.71
C HIS A 29 -3.53 -9.38 -5.60
N ARG A 30 -3.79 -10.67 -5.89
CA ARG A 30 -3.57 -11.71 -4.88
C ARG A 30 -2.16 -11.64 -4.29
N GLY A 31 -1.19 -11.11 -5.03
CA GLY A 31 0.14 -10.86 -4.51
C GLY A 31 0.13 -10.13 -3.16
N ILE A 32 -0.75 -9.14 -2.99
CA ILE A 32 -0.94 -8.54 -1.69
C ILE A 32 -1.91 -9.44 -0.92
N LEU A 33 -1.47 -9.91 0.24
CA LEU A 33 -2.23 -10.78 1.13
C LEU A 33 -3.23 -9.94 1.92
N TYR A 34 -2.82 -8.74 2.34
CA TYR A 34 -3.68 -7.84 3.10
C TYR A 34 -3.27 -6.39 2.83
N CYS A 35 -4.21 -5.46 2.99
CA CYS A 35 -3.99 -4.02 2.99
C CYS A 35 -4.74 -3.40 4.16
N SER A 36 -4.18 -2.34 4.73
CA SER A 36 -4.80 -1.48 5.73
C SER A 36 -4.14 -0.11 5.63
N VAL A 37 -4.79 0.84 4.97
CA VAL A 37 -4.31 2.22 4.90
C VAL A 37 -4.92 3.05 6.03
N ALA A 38 -4.40 4.25 6.26
CA ALA A 38 -5.09 5.24 7.09
C ALA A 38 -4.66 6.64 6.73
N LEU A 39 -5.64 7.52 6.55
CA LEU A 39 -5.48 8.96 6.62
C LEU A 39 -4.75 9.30 7.91
N ALA A 40 -5.22 8.78 9.05
CA ALA A 40 -4.75 9.18 10.38
C ALA A 40 -3.22 9.17 10.47
N THR A 41 -2.60 8.05 10.10
CA THR A 41 -1.15 7.87 10.12
C THR A 41 -0.52 8.19 8.75
N ASN A 42 -1.33 8.53 7.74
CA ASN A 42 -0.94 8.60 6.33
C ASN A 42 -0.22 7.31 5.92
N LYS A 43 -0.70 6.15 6.39
CA LYS A 43 0.05 4.91 6.28
C LYS A 43 -0.67 3.92 5.38
N ALA A 44 0.06 2.85 5.08
CA ALA A 44 -0.38 1.70 4.33
C ALA A 44 0.41 0.49 4.80
N HIS A 45 -0.19 -0.27 5.71
CA HIS A 45 0.26 -1.60 6.04
C HIS A 45 -0.26 -2.48 4.93
N ILE A 46 0.63 -2.92 4.05
CA ILE A 46 0.36 -4.02 3.14
C ILE A 46 1.08 -5.22 3.75
N LYS A 47 0.50 -6.40 3.60
CA LYS A 47 1.24 -7.65 3.71
C LYS A 47 1.19 -8.28 2.32
N TYR A 48 2.34 -8.69 1.76
CA TYR A 48 2.40 -9.25 0.41
C TYR A 48 3.33 -10.45 0.35
N ASP A 49 2.98 -11.45 -0.48
CA ASP A 49 3.86 -12.59 -0.70
C ASP A 49 5.01 -12.13 -1.62
N PRO A 50 6.27 -12.16 -1.17
CA PRO A 50 7.39 -11.46 -1.81
C PRO A 50 7.94 -12.24 -3.01
N GLU A 51 7.05 -12.53 -3.96
CA GLU A 51 7.31 -13.24 -5.20
C GLU A 51 6.38 -12.64 -6.27
N ILE A 52 5.09 -12.61 -5.95
CA ILE A 52 4.04 -12.21 -6.88
C ILE A 52 4.04 -10.70 -7.10
N ILE A 53 4.39 -9.92 -6.07
CA ILE A 53 4.42 -8.46 -6.16
C ILE A 53 5.55 -7.98 -5.25
N GLY A 54 6.33 -7.01 -5.70
CA GLY A 54 7.39 -6.37 -4.94
C GLY A 54 6.91 -5.10 -4.24
N PRO A 55 7.71 -4.56 -3.32
CA PRO A 55 7.41 -3.31 -2.64
C PRO A 55 7.40 -2.17 -3.66
N ARG A 56 8.39 -2.16 -4.56
CA ARG A 56 8.42 -1.21 -5.67
C ARG A 56 7.12 -1.29 -6.46
N ASP A 57 6.63 -2.49 -6.75
CA ASP A 57 5.43 -2.67 -7.56
C ASP A 57 4.24 -2.05 -6.83
N ILE A 58 4.09 -2.35 -5.53
CA ILE A 58 3.06 -1.73 -4.70
C ILE A 58 3.16 -0.20 -4.79
N ILE A 59 4.36 0.35 -4.57
CA ILE A 59 4.57 1.79 -4.67
C ILE A 59 4.11 2.30 -6.05
N HIS A 60 4.61 1.69 -7.12
CA HIS A 60 4.23 2.04 -8.49
C HIS A 60 2.72 1.90 -8.69
N THR A 61 2.05 0.97 -8.01
CA THR A 61 0.60 0.86 -8.11
C THR A 61 -0.02 2.13 -7.50
N ILE A 62 0.43 2.49 -6.29
CA ILE A 62 0.01 3.70 -5.61
C ILE A 62 0.25 4.94 -6.50
N GLU A 63 1.39 5.00 -7.20
CA GLU A 63 1.62 6.02 -8.23
C GLU A 63 0.52 5.95 -9.30
N SER A 64 0.35 4.77 -9.89
CA SER A 64 -0.58 4.53 -10.99
C SER A 64 -2.02 4.91 -10.64
N LEU A 65 -2.40 4.81 -9.36
CA LEU A 65 -3.64 5.43 -8.91
C LEU A 65 -3.52 6.95 -9.03
N GLY A 66 -3.03 7.65 -8.00
CA GLY A 66 -2.73 9.07 -8.13
C GLY A 66 -1.79 9.61 -7.05
N PHE A 67 -0.94 8.76 -6.44
CA PHE A 67 -0.46 9.04 -5.09
C PHE A 67 1.05 8.87 -4.97
N GLU A 68 1.57 9.20 -3.78
CA GLU A 68 2.97 9.09 -3.41
C GLU A 68 3.04 8.00 -2.35
N ALA A 69 4.16 7.25 -2.26
CA ALA A 69 4.42 6.41 -1.10
C ALA A 69 5.90 6.16 -0.91
N SER A 70 6.27 5.74 0.30
CA SER A 70 7.61 5.32 0.69
C SER A 70 7.44 4.32 1.83
N LEU A 71 8.35 3.35 1.95
CA LEU A 71 8.45 2.60 3.20
C LEU A 71 8.62 3.58 4.36
N VAL A 72 8.05 3.28 5.53
CA VAL A 72 8.20 4.11 6.73
C VAL A 72 8.72 3.25 7.89
N LYS A 73 9.77 3.71 8.58
CA LYS A 73 10.31 3.08 9.77
C LYS A 73 11.35 4.02 10.39
N ILE A 74 12.28 4.50 9.58
CA ILE A 74 13.28 5.48 9.99
C ILE A 74 12.60 6.85 9.90
N GLU A 75 12.25 7.42 11.05
CA GLU A 75 11.74 8.76 11.23
C GLU A 75 12.34 9.24 12.56
CU CU1 B . -9.71 11.32 -1.92
N MET A 1 9.37 -16.70 7.25
CA MET A 1 10.13 -16.59 5.99
C MET A 1 9.13 -16.27 4.90
N GLY A 2 9.52 -15.46 3.90
CA GLY A 2 8.60 -14.93 2.90
C GLY A 2 7.61 -13.93 3.51
N ASP A 3 7.96 -13.34 4.66
CA ASP A 3 7.04 -12.54 5.46
C ASP A 3 7.04 -11.11 4.93
N GLY A 4 6.57 -10.92 3.70
CA GLY A 4 6.51 -9.60 3.09
C GLY A 4 5.56 -8.71 3.89
N VAL A 5 6.09 -7.69 4.55
CA VAL A 5 5.31 -6.67 5.24
C VAL A 5 6.01 -5.34 5.07
N LEU A 6 5.25 -4.26 4.89
CA LEU A 6 5.77 -2.92 5.04
C LEU A 6 4.65 -1.99 5.50
N GLU A 7 5.02 -0.97 6.26
CA GLU A 7 4.27 0.26 6.29
C GLU A 7 4.91 1.17 5.28
N LEU A 8 4.12 1.71 4.37
CA LEU A 8 4.52 2.84 3.55
C LEU A 8 3.76 4.05 4.05
N VAL A 9 4.35 5.24 3.89
CA VAL A 9 3.64 6.49 3.95
C VAL A 9 2.94 6.60 2.60
N VAL A 10 1.73 7.16 2.57
CA VAL A 10 0.95 7.36 1.37
C VAL A 10 0.23 8.69 1.46
N ARG A 11 0.30 9.47 0.38
CA ARG A 11 -0.17 10.84 0.30
C ARG A 11 -0.95 11.02 -1.02
N GLY A 12 -1.71 12.12 -1.12
CA GLY A 12 -2.50 12.45 -2.30
C GLY A 12 -3.96 12.04 -2.11
N MET A 13 -4.19 10.88 -1.50
CA MET A 13 -5.52 10.31 -1.25
C MET A 13 -6.33 11.11 -0.22
N THR A 14 -6.69 12.34 -0.57
CA THR A 14 -7.20 13.35 0.35
C THR A 14 -8.62 13.08 0.88
N CYS A 15 -9.14 11.86 0.81
CA CYS A 15 -10.46 11.51 1.32
C CYS A 15 -10.61 9.99 1.38
N ALA A 16 -11.55 9.54 2.22
CA ALA A 16 -11.90 8.14 2.39
C ALA A 16 -12.15 7.47 1.04
N SER A 17 -12.78 8.20 0.12
CA SER A 17 -13.05 7.72 -1.22
C SER A 17 -11.76 7.31 -1.93
N CYS A 18 -10.64 7.98 -1.69
CA CYS A 18 -9.33 7.52 -2.12
C CYS A 18 -8.78 6.37 -1.28
N VAL A 19 -8.88 6.45 0.05
CA VAL A 19 -8.41 5.37 0.91
C VAL A 19 -8.96 4.01 0.45
N HIS A 20 -10.29 3.85 0.42
CA HIS A 20 -10.86 2.56 0.04
C HIS A 20 -10.66 2.25 -1.44
N LYS A 21 -10.51 3.26 -2.29
CA LYS A 21 -10.19 3.09 -3.70
C LYS A 21 -8.81 2.39 -3.80
N ILE A 22 -7.80 2.92 -3.11
CA ILE A 22 -6.51 2.26 -3.01
C ILE A 22 -6.74 0.84 -2.53
N GLU A 23 -7.31 0.69 -1.34
CA GLU A 23 -7.39 -0.61 -0.67
C GLU A 23 -8.04 -1.65 -1.59
N SER A 24 -9.25 -1.35 -2.07
CA SER A 24 -10.02 -2.18 -2.98
C SER A 24 -9.22 -2.49 -4.24
N SER A 25 -8.63 -1.47 -4.88
CA SER A 25 -7.92 -1.66 -6.13
C SER A 25 -6.72 -2.58 -5.89
N LEU A 26 -5.83 -2.18 -5.00
CA LEU A 26 -4.60 -2.84 -4.68
C LEU A 26 -4.86 -4.31 -4.31
N THR A 27 -5.80 -4.58 -3.40
CA THR A 27 -6.10 -5.96 -3.03
C THR A 27 -6.54 -6.85 -4.21
N LYS A 28 -6.86 -6.28 -5.38
CA LYS A 28 -7.18 -7.10 -6.55
C LYS A 28 -5.97 -7.89 -7.05
N HIS A 29 -4.74 -7.43 -6.78
CA HIS A 29 -3.56 -8.10 -7.27
C HIS A 29 -3.22 -9.30 -6.38
N ARG A 30 -2.99 -10.47 -6.99
CA ARG A 30 -2.45 -11.60 -6.26
C ARG A 30 -1.11 -11.19 -5.64
N GLY A 31 -0.74 -11.80 -4.52
CA GLY A 31 0.47 -11.45 -3.80
C GLY A 31 0.16 -10.48 -2.67
N ILE A 32 -0.89 -9.67 -2.77
CA ILE A 32 -1.31 -8.81 -1.68
C ILE A 32 -2.09 -9.67 -0.69
N LEU A 33 -1.64 -9.75 0.56
CA LEU A 33 -2.28 -10.57 1.59
C LEU A 33 -3.22 -9.70 2.39
N TYR A 34 -2.78 -8.49 2.77
CA TYR A 34 -3.60 -7.57 3.53
C TYR A 34 -3.16 -6.15 3.25
N CYS A 35 -4.09 -5.21 3.42
CA CYS A 35 -3.92 -3.77 3.26
C CYS A 35 -4.70 -3.15 4.40
N SER A 36 -4.09 -2.19 5.10
CA SER A 36 -4.75 -1.30 6.03
C SER A 36 -4.20 0.09 5.73
N VAL A 37 -4.86 0.83 4.82
CA VAL A 37 -4.49 2.18 4.42
C VAL A 37 -5.33 3.22 5.16
N ALA A 38 -4.71 4.31 5.63
CA ALA A 38 -5.39 5.43 6.27
C ALA A 38 -4.71 6.74 5.96
N LEU A 39 -5.52 7.75 5.61
CA LEU A 39 -5.11 9.14 5.45
C LEU A 39 -4.83 9.77 6.81
N ALA A 40 -5.60 9.37 7.84
CA ALA A 40 -5.46 9.90 9.20
C ALA A 40 -4.01 9.81 9.70
N THR A 41 -3.30 8.78 9.25
CA THR A 41 -1.89 8.56 9.58
C THR A 41 -1.03 8.51 8.31
N ASN A 42 -1.59 8.92 7.17
CA ASN A 42 -0.98 8.87 5.86
C ASN A 42 -0.10 7.66 5.66
N LYS A 43 -0.64 6.47 5.94
CA LYS A 43 0.15 5.26 5.98
C LYS A 43 -0.67 4.10 5.45
N ALA A 44 -0.01 3.10 4.88
CA ALA A 44 -0.62 1.85 4.50
C ALA A 44 0.26 0.72 4.97
N HIS A 45 -0.31 -0.11 5.85
CA HIS A 45 0.25 -1.36 6.29
C HIS A 45 -0.17 -2.39 5.25
N ILE A 46 0.78 -2.81 4.40
CA ILE A 46 0.56 -3.89 3.45
C ILE A 46 1.32 -5.09 3.97
N LYS A 47 0.67 -6.26 3.90
CA LYS A 47 1.31 -7.56 4.01
C LYS A 47 1.11 -8.25 2.67
N TYR A 48 2.12 -8.96 2.19
CA TYR A 48 2.19 -9.46 0.84
C TYR A 48 3.18 -10.63 0.75
N ASP A 49 3.08 -11.44 -0.30
CA ASP A 49 4.01 -12.51 -0.60
C ASP A 49 5.14 -11.91 -1.44
N PRO A 50 6.38 -11.79 -0.91
CA PRO A 50 7.46 -11.02 -1.52
C PRO A 50 8.14 -11.82 -2.63
N GLU A 51 7.35 -12.21 -3.64
CA GLU A 51 7.74 -13.09 -4.72
C GLU A 51 6.67 -13.03 -5.81
N ILE A 52 5.39 -13.13 -5.41
CA ILE A 52 4.28 -12.87 -6.32
C ILE A 52 4.27 -11.40 -6.74
N ILE A 53 4.57 -10.49 -5.81
CA ILE A 53 4.52 -9.06 -6.02
C ILE A 53 5.56 -8.46 -5.06
N GLY A 54 6.08 -7.28 -5.38
CA GLY A 54 7.09 -6.58 -4.61
C GLY A 54 6.58 -5.25 -4.06
N PRO A 55 7.41 -4.58 -3.23
CA PRO A 55 7.08 -3.29 -2.66
C PRO A 55 6.96 -2.23 -3.77
N ARG A 56 7.84 -2.29 -4.77
CA ARG A 56 7.74 -1.49 -5.99
C ARG A 56 6.33 -1.54 -6.54
N ASP A 57 5.82 -2.74 -6.82
CA ASP A 57 4.50 -2.92 -7.39
C ASP A 57 3.47 -2.19 -6.54
N ILE A 58 3.42 -2.48 -5.24
CA ILE A 58 2.50 -1.83 -4.31
C ILE A 58 2.59 -0.31 -4.40
N ILE A 59 3.78 0.23 -4.12
CA ILE A 59 4.04 1.67 -4.11
C ILE A 59 3.56 2.30 -5.43
N HIS A 60 4.01 1.73 -6.54
CA HIS A 60 3.68 2.24 -7.85
C HIS A 60 2.19 2.06 -8.17
N THR A 61 1.56 0.99 -7.68
CA THR A 61 0.13 0.79 -7.88
C THR A 61 -0.60 1.96 -7.24
N ILE A 62 -0.23 2.31 -6.01
CA ILE A 62 -0.75 3.49 -5.35
C ILE A 62 -0.48 4.72 -6.22
N GLU A 63 0.80 4.96 -6.54
CA GLU A 63 1.21 6.23 -7.15
C GLU A 63 0.39 6.49 -8.41
N SER A 64 0.22 5.44 -9.23
CA SER A 64 -0.37 5.48 -10.55
C SER A 64 -1.83 5.93 -10.57
N LEU A 65 -2.53 5.94 -9.43
CA LEU A 65 -3.84 6.57 -9.38
C LEU A 65 -3.65 8.09 -9.52
N GLY A 66 -3.34 8.78 -8.42
CA GLY A 66 -2.85 10.14 -8.47
C GLY A 66 -2.12 10.48 -7.18
N PHE A 67 -1.30 9.54 -6.69
CA PHE A 67 -0.88 9.52 -5.30
C PHE A 67 0.64 9.48 -5.16
N GLU A 68 1.11 9.52 -3.92
CA GLU A 68 2.50 9.29 -3.56
C GLU A 68 2.46 8.13 -2.59
N ALA A 69 3.49 7.27 -2.62
CA ALA A 69 3.73 6.29 -1.58
C ALA A 69 5.23 6.01 -1.44
N SER A 70 5.68 5.74 -0.22
CA SER A 70 7.09 5.43 0.04
C SER A 70 7.21 4.60 1.33
N LEU A 71 7.95 3.49 1.30
CA LEU A 71 8.20 2.64 2.46
C LEU A 71 8.77 3.44 3.64
N VAL A 72 8.34 3.15 4.87
CA VAL A 72 8.86 3.77 6.08
C VAL A 72 9.09 2.72 7.17
N LYS A 73 10.01 3.01 8.08
CA LYS A 73 10.32 2.21 9.26
C LYS A 73 11.19 3.10 10.14
N ILE A 74 11.51 2.65 11.37
CA ILE A 74 12.54 3.22 12.22
C ILE A 74 13.30 2.04 12.83
N GLU A 75 14.42 2.33 13.49
CA GLU A 75 15.19 1.41 14.30
C GLU A 75 15.48 2.18 15.58
CU CU1 B . -10.57 10.88 -2.56
N MET A 1 4.65 -18.04 5.25
CA MET A 1 5.81 -18.91 4.96
C MET A 1 6.24 -18.63 3.52
N GLY A 2 6.61 -17.40 3.25
CA GLY A 2 6.13 -16.73 2.05
C GLY A 2 4.89 -16.02 2.52
N ASP A 3 4.94 -14.69 2.53
CA ASP A 3 4.32 -13.75 3.48
C ASP A 3 5.25 -12.52 3.58
N GLY A 4 4.83 -11.53 4.36
CA GLY A 4 5.63 -10.36 4.65
C GLY A 4 4.75 -9.26 5.24
N VAL A 5 5.38 -8.16 5.64
CA VAL A 5 4.74 -6.93 6.04
C VAL A 5 5.49 -5.78 5.39
N LEU A 6 4.78 -4.86 4.73
CA LEU A 6 5.31 -3.66 4.14
C LEU A 6 4.52 -2.48 4.73
N GLU A 7 5.23 -1.40 5.05
CA GLU A 7 4.64 -0.16 5.54
C GLU A 7 5.27 0.98 4.76
N LEU A 8 4.47 2.00 4.47
CA LEU A 8 4.89 3.20 3.80
C LEU A 8 3.91 4.31 4.14
N VAL A 9 4.40 5.56 4.16
CA VAL A 9 3.56 6.72 4.23
C VAL A 9 3.01 6.88 2.83
N VAL A 10 1.70 6.68 2.67
CA VAL A 10 1.00 7.15 1.49
C VAL A 10 0.75 8.64 1.67
N ARG A 11 0.86 9.41 0.59
CA ARG A 11 0.40 10.80 0.55
C ARG A 11 -0.43 11.01 -0.71
N GLY A 12 -1.18 12.12 -0.79
CA GLY A 12 -2.04 12.43 -1.94
C GLY A 12 -3.46 11.87 -1.78
N MET A 13 -3.57 10.67 -1.21
CA MET A 13 -4.83 9.99 -0.90
C MET A 13 -5.69 10.82 0.10
N THR A 14 -6.33 11.86 -0.41
CA THR A 14 -6.86 12.94 0.42
C THR A 14 -8.11 12.59 1.23
N CYS A 15 -8.85 11.51 0.91
CA CYS A 15 -10.13 11.27 1.56
C CYS A 15 -10.54 9.80 1.47
N ALA A 16 -11.66 9.47 2.10
CA ALA A 16 -12.29 8.15 2.07
C ALA A 16 -12.33 7.57 0.66
N SER A 17 -12.73 8.40 -0.31
CA SER A 17 -12.82 8.01 -1.71
C SER A 17 -11.47 7.61 -2.30
N CYS A 18 -10.36 8.19 -1.82
CA CYS A 18 -9.04 7.66 -2.12
C CYS A 18 -8.80 6.36 -1.34
N VAL A 19 -8.92 6.42 -0.01
CA VAL A 19 -8.64 5.31 0.89
C VAL A 19 -9.22 3.99 0.35
N HIS A 20 -10.54 3.92 0.19
CA HIS A 20 -11.16 2.66 -0.20
C HIS A 20 -10.77 2.24 -1.63
N LYS A 21 -10.47 3.22 -2.50
CA LYS A 21 -10.02 2.95 -3.86
C LYS A 21 -8.67 2.26 -3.79
N ILE A 22 -7.73 2.80 -2.99
CA ILE A 22 -6.46 2.15 -2.74
C ILE A 22 -6.73 0.73 -2.24
N GLU A 23 -7.38 0.58 -1.09
CA GLU A 23 -7.55 -0.74 -0.48
C GLU A 23 -8.17 -1.74 -1.46
N SER A 24 -9.28 -1.35 -2.10
CA SER A 24 -9.97 -2.13 -3.10
C SER A 24 -9.05 -2.51 -4.26
N SER A 25 -8.28 -1.56 -4.78
CA SER A 25 -7.47 -1.78 -5.97
C SER A 25 -6.34 -2.73 -5.65
N LEU A 26 -5.78 -2.61 -4.45
CA LEU A 26 -4.69 -3.43 -3.97
C LEU A 26 -5.16 -4.84 -3.63
N THR A 27 -6.27 -5.00 -2.89
CA THR A 27 -6.80 -6.31 -2.49
C THR A 27 -7.43 -7.07 -3.67
N LYS A 28 -6.56 -7.43 -4.61
CA LYS A 28 -6.80 -8.14 -5.85
C LYS A 28 -5.49 -8.61 -6.51
N HIS A 29 -4.33 -7.98 -6.23
CA HIS A 29 -3.03 -8.40 -6.75
C HIS A 29 -2.63 -9.83 -6.34
N ARG A 30 -3.29 -10.44 -5.34
CA ARG A 30 -2.92 -11.71 -4.72
C ARG A 30 -1.66 -11.56 -3.87
N GLY A 31 -0.57 -11.05 -4.44
CA GLY A 31 0.68 -10.82 -3.70
C GLY A 31 0.46 -9.95 -2.47
N ILE A 32 -0.49 -9.03 -2.54
CA ILE A 32 -1.01 -8.32 -1.39
C ILE A 32 -1.99 -9.24 -0.68
N LEU A 33 -1.57 -9.81 0.45
CA LEU A 33 -2.40 -10.69 1.26
C LEU A 33 -3.37 -9.86 2.09
N TYR A 34 -2.99 -8.63 2.44
CA TYR A 34 -3.86 -7.70 3.16
C TYR A 34 -3.38 -6.29 2.88
N CYS A 35 -4.28 -5.32 3.05
CA CYS A 35 -4.03 -3.90 2.96
C CYS A 35 -4.82 -3.23 4.09
N SER A 36 -4.21 -2.22 4.72
CA SER A 36 -4.85 -1.33 5.67
C SER A 36 -4.18 0.03 5.51
N VAL A 37 -4.85 0.95 4.81
CA VAL A 37 -4.36 2.30 4.57
C VAL A 37 -5.04 3.28 5.52
N ALA A 38 -4.39 4.40 5.85
CA ALA A 38 -5.04 5.46 6.58
C ALA A 38 -4.38 6.81 6.33
N LEU A 39 -5.18 7.79 5.93
CA LEU A 39 -4.81 9.20 5.99
C LEU A 39 -4.67 9.67 7.44
N ALA A 40 -5.41 9.05 8.36
CA ALA A 40 -5.37 9.43 9.78
C ALA A 40 -3.92 9.39 10.28
N THR A 41 -3.24 8.27 10.01
CA THR A 41 -1.83 8.11 10.30
C THR A 41 -0.97 8.71 9.19
N ASN A 42 -1.43 8.61 7.93
CA ASN A 42 -0.59 8.56 6.73
C ASN A 42 0.23 7.28 6.81
N LYS A 43 -0.40 6.13 6.55
CA LYS A 43 0.27 4.84 6.52
C LYS A 43 -0.43 3.91 5.55
N ALA A 44 0.25 2.83 5.15
CA ALA A 44 -0.31 1.72 4.40
C ALA A 44 0.36 0.42 4.81
N HIS A 45 -0.27 -0.29 5.75
CA HIS A 45 0.19 -1.61 6.11
C HIS A 45 -0.33 -2.54 5.02
N ILE A 46 0.58 -2.94 4.13
CA ILE A 46 0.35 -3.91 3.08
C ILE A 46 1.07 -5.18 3.52
N LYS A 47 0.32 -6.26 3.77
CA LYS A 47 0.93 -7.56 3.98
C LYS A 47 1.22 -8.15 2.60
N TYR A 48 2.28 -7.64 1.96
CA TYR A 48 2.78 -8.25 0.74
C TYR A 48 3.38 -9.62 1.04
N ASP A 49 3.54 -10.44 0.00
CA ASP A 49 4.71 -11.31 -0.12
C ASP A 49 5.64 -10.70 -1.18
N PRO A 50 6.95 -10.60 -0.90
CA PRO A 50 7.88 -9.88 -1.74
C PRO A 50 8.07 -10.49 -3.13
N GLU A 51 7.96 -11.81 -3.32
CA GLU A 51 8.26 -12.38 -4.63
C GLU A 51 7.07 -12.23 -5.57
N ILE A 52 5.86 -12.50 -5.07
CA ILE A 52 4.66 -12.36 -5.88
C ILE A 52 4.30 -10.87 -6.10
N ILE A 53 4.69 -9.95 -5.21
CA ILE A 53 4.61 -8.52 -5.52
C ILE A 53 5.73 -7.77 -4.81
N GLY A 54 6.55 -7.03 -5.56
CA GLY A 54 7.61 -6.24 -4.96
C GLY A 54 7.01 -4.98 -4.34
N PRO A 55 7.73 -4.34 -3.40
CA PRO A 55 7.30 -3.08 -2.83
C PRO A 55 7.16 -2.04 -3.94
N ARG A 56 8.11 -2.07 -4.89
CA ARG A 56 8.07 -1.33 -6.13
C ARG A 56 6.66 -1.37 -6.75
N ASP A 57 6.04 -2.54 -6.85
CA ASP A 57 4.82 -2.76 -7.60
C ASP A 57 3.65 -2.12 -6.86
N ILE A 58 3.58 -2.33 -5.55
CA ILE A 58 2.62 -1.66 -4.69
C ILE A 58 2.74 -0.15 -4.89
N ILE A 59 3.96 0.38 -4.80
CA ILE A 59 4.22 1.79 -5.06
C ILE A 59 3.71 2.19 -6.45
N HIS A 60 4.09 1.47 -7.51
CA HIS A 60 3.63 1.72 -8.87
C HIS A 60 2.10 1.77 -8.93
N THR A 61 1.43 0.90 -8.18
CA THR A 61 -0.03 0.85 -8.15
C THR A 61 -0.56 2.16 -7.55
N ILE A 62 -0.02 2.54 -6.38
CA ILE A 62 -0.38 3.76 -5.68
C ILE A 62 -0.19 4.99 -6.60
N GLU A 63 0.97 5.08 -7.27
CA GLU A 63 1.24 6.11 -8.26
C GLU A 63 0.18 6.08 -9.36
N SER A 64 0.04 4.92 -10.01
CA SER A 64 -0.88 4.70 -11.13
C SER A 64 -2.30 5.18 -10.78
N LEU A 65 -2.76 4.87 -9.56
CA LEU A 65 -4.01 5.43 -9.06
C LEU A 65 -3.94 6.96 -9.02
N GLY A 66 -3.20 7.51 -8.06
CA GLY A 66 -3.06 8.96 -7.99
C GLY A 66 -1.88 9.52 -7.17
N PHE A 67 -1.11 8.68 -6.47
CA PHE A 67 -0.71 9.04 -5.12
C PHE A 67 0.80 8.86 -4.88
N GLU A 68 1.27 9.32 -3.72
CA GLU A 68 2.65 9.22 -3.26
C GLU A 68 2.72 7.98 -2.38
N ALA A 69 3.89 7.32 -2.34
CA ALA A 69 4.19 6.37 -1.29
C ALA A 69 5.69 6.32 -1.00
N SER A 70 6.05 6.55 0.26
CA SER A 70 7.43 6.62 0.74
C SER A 70 7.58 5.69 1.95
N LEU A 71 8.50 4.72 1.90
CA LEU A 71 8.65 3.66 2.90
C LEU A 71 8.83 4.20 4.33
N VAL A 72 9.64 5.25 4.50
CA VAL A 72 9.94 5.88 5.79
C VAL A 72 10.67 4.90 6.72
N LYS A 73 9.96 3.91 7.26
CA LYS A 73 10.47 2.86 8.12
C LYS A 73 11.39 3.41 9.22
N ILE A 74 10.90 4.40 9.96
CA ILE A 74 11.51 4.83 11.21
C ILE A 74 11.37 3.64 12.17
N GLU A 75 12.49 3.10 12.63
CA GLU A 75 12.62 1.81 13.28
C GLU A 75 14.02 1.85 13.92
CU CU1 B . -9.90 11.38 -1.98
N MET A 1 6.25 -17.05 -0.22
CA MET A 1 7.01 -17.53 0.94
C MET A 1 6.51 -17.02 2.30
N GLY A 2 5.38 -16.30 2.38
CA GLY A 2 4.78 -15.87 3.65
C GLY A 2 4.57 -14.36 3.73
N ASP A 3 3.91 -13.91 4.81
CA ASP A 3 3.42 -12.57 5.10
C ASP A 3 4.00 -11.42 4.30
N GLY A 4 5.29 -11.15 4.47
CA GLY A 4 5.95 -9.93 4.01
C GLY A 4 5.18 -8.70 4.45
N VAL A 5 5.25 -8.42 5.76
CA VAL A 5 4.59 -7.27 6.37
C VAL A 5 5.43 -6.02 6.09
N LEU A 6 5.04 -5.26 5.07
CA LEU A 6 5.61 -3.96 4.79
C LEU A 6 4.60 -2.88 5.17
N GLU A 7 5.12 -1.69 5.44
CA GLU A 7 4.37 -0.54 5.86
C GLU A 7 5.08 0.68 5.27
N LEU A 8 4.34 1.63 4.72
CA LEU A 8 4.86 2.81 4.07
C LEU A 8 3.84 3.94 4.18
N VAL A 9 4.32 5.18 4.24
CA VAL A 9 3.48 6.35 4.32
C VAL A 9 2.93 6.55 2.92
N VAL A 10 1.61 6.63 2.80
CA VAL A 10 0.95 7.06 1.60
C VAL A 10 0.45 8.48 1.85
N ARG A 11 0.62 9.34 0.86
CA ARG A 11 0.28 10.75 0.89
C ARG A 11 -0.26 11.15 -0.50
N GLY A 12 -0.72 12.39 -0.64
CA GLY A 12 -1.40 12.85 -1.85
C GLY A 12 -2.88 12.51 -1.78
N MET A 13 -3.21 11.25 -1.46
CA MET A 13 -4.58 10.81 -1.24
C MET A 13 -5.34 11.74 -0.28
N THR A 14 -6.49 12.24 -0.71
CA THR A 14 -7.20 13.30 -0.01
C THR A 14 -8.17 12.78 1.06
N CYS A 15 -8.91 11.70 0.78
CA CYS A 15 -10.10 11.39 1.56
C CYS A 15 -10.41 9.88 1.58
N ALA A 16 -11.46 9.52 2.33
CA ALA A 16 -11.98 8.17 2.43
C ALA A 16 -12.13 7.52 1.04
N SER A 17 -12.65 8.31 0.08
CA SER A 17 -12.86 7.86 -1.29
C SER A 17 -11.54 7.42 -1.93
N CYS A 18 -10.41 8.08 -1.59
CA CYS A 18 -9.11 7.59 -1.99
C CYS A 18 -8.76 6.34 -1.18
N VAL A 19 -8.80 6.43 0.15
CA VAL A 19 -8.40 5.36 1.06
C VAL A 19 -8.98 4.00 0.61
N HIS A 20 -10.31 3.87 0.59
CA HIS A 20 -10.92 2.57 0.30
C HIS A 20 -10.68 2.15 -1.15
N LYS A 21 -10.49 3.11 -2.06
CA LYS A 21 -10.19 2.85 -3.46
C LYS A 21 -8.80 2.23 -3.58
N ILE A 22 -7.81 2.84 -2.93
CA ILE A 22 -6.46 2.28 -2.85
C ILE A 22 -6.57 0.87 -2.30
N GLU A 23 -7.14 0.72 -1.10
CA GLU A 23 -7.25 -0.56 -0.42
C GLU A 23 -7.87 -1.61 -1.36
N SER A 24 -9.04 -1.29 -1.91
CA SER A 24 -9.77 -2.12 -2.84
C SER A 24 -8.94 -2.45 -4.08
N SER A 25 -8.14 -1.51 -4.58
CA SER A 25 -7.28 -1.71 -5.75
C SER A 25 -6.12 -2.64 -5.41
N LEU A 26 -5.53 -2.47 -4.23
CA LEU A 26 -4.39 -3.21 -3.76
C LEU A 26 -4.79 -4.66 -3.55
N THR A 27 -5.86 -4.91 -2.80
CA THR A 27 -6.38 -6.25 -2.57
C THR A 27 -7.04 -6.81 -3.85
N LYS A 28 -6.25 -6.94 -4.91
CA LYS A 28 -6.56 -7.46 -6.23
C LYS A 28 -5.36 -8.24 -6.74
N HIS A 29 -4.16 -7.66 -6.63
CA HIS A 29 -2.96 -8.12 -7.35
C HIS A 29 -2.39 -9.47 -6.85
N ARG A 30 -3.20 -10.35 -6.26
CA ARG A 30 -2.88 -11.71 -5.85
C ARG A 30 -1.86 -11.80 -4.71
N GLY A 31 -0.65 -11.30 -4.93
CA GLY A 31 0.43 -11.37 -3.96
C GLY A 31 0.16 -10.56 -2.69
N ILE A 32 -0.83 -9.66 -2.75
CA ILE A 32 -1.28 -8.86 -1.63
C ILE A 32 -2.18 -9.73 -0.76
N LEU A 33 -1.69 -10.18 0.39
CA LEU A 33 -2.46 -11.00 1.32
C LEU A 33 -3.41 -10.09 2.12
N TYR A 34 -2.94 -8.90 2.51
CA TYR A 34 -3.80 -7.94 3.21
C TYR A 34 -3.28 -6.54 2.92
N CYS A 35 -4.20 -5.57 2.96
CA CYS A 35 -3.93 -4.15 2.84
C CYS A 35 -4.76 -3.45 3.91
N SER A 36 -4.16 -2.54 4.67
CA SER A 36 -4.87 -1.59 5.50
C SER A 36 -4.22 -0.22 5.29
N VAL A 37 -4.87 0.65 4.51
CA VAL A 37 -4.39 1.99 4.19
C VAL A 37 -5.16 3.03 5.02
N ALA A 38 -4.53 4.15 5.39
CA ALA A 38 -5.23 5.23 6.08
C ALA A 38 -4.51 6.56 5.86
N LEU A 39 -5.30 7.63 5.71
CA LEU A 39 -4.81 9.00 5.70
C LEU A 39 -4.67 9.51 7.13
N ALA A 40 -5.60 9.12 8.01
CA ALA A 40 -5.62 9.58 9.40
C ALA A 40 -4.28 9.31 10.07
N THR A 41 -3.66 8.18 9.70
CA THR A 41 -2.40 7.72 10.24
C THR A 41 -1.33 7.66 9.13
N ASN A 42 -1.58 8.33 8.00
CA ASN A 42 -0.77 8.29 6.77
C ASN A 42 0.06 7.02 6.65
N LYS A 43 -0.57 5.89 6.42
CA LYS A 43 0.08 4.59 6.45
C LYS A 43 -0.55 3.66 5.43
N ALA A 44 0.14 2.55 5.17
CA ALA A 44 -0.33 1.44 4.36
C ALA A 44 0.37 0.16 4.80
N HIS A 45 -0.28 -0.57 5.72
CA HIS A 45 0.19 -1.87 6.12
C HIS A 45 -0.24 -2.81 5.01
N ILE A 46 0.72 -3.28 4.21
CA ILE A 46 0.50 -4.32 3.24
C ILE A 46 1.25 -5.55 3.74
N LYS A 47 0.53 -6.66 3.81
CA LYS A 47 1.09 -7.98 3.87
C LYS A 47 1.15 -8.44 2.42
N TYR A 48 2.34 -8.46 1.81
CA TYR A 48 2.52 -8.97 0.45
C TYR A 48 3.54 -10.09 0.47
N ASP A 49 3.27 -11.20 -0.21
CA ASP A 49 4.23 -12.29 -0.24
C ASP A 49 5.42 -11.90 -1.15
N PRO A 50 6.65 -11.81 -0.62
CA PRO A 50 7.75 -11.12 -1.28
C PRO A 50 8.43 -12.00 -2.34
N GLU A 51 7.69 -12.35 -3.39
CA GLU A 51 8.21 -12.97 -4.60
C GLU A 51 7.23 -12.73 -5.75
N ILE A 52 5.97 -13.08 -5.51
CA ILE A 52 4.85 -12.80 -6.40
C ILE A 52 4.69 -11.30 -6.65
N ILE A 53 4.98 -10.48 -5.66
CA ILE A 53 4.83 -9.04 -5.69
C ILE A 53 6.07 -8.48 -4.99
N GLY A 54 6.63 -7.40 -5.53
CA GLY A 54 7.65 -6.58 -4.91
C GLY A 54 7.05 -5.25 -4.42
N PRO A 55 7.80 -4.49 -3.60
CA PRO A 55 7.32 -3.23 -3.06
C PRO A 55 7.02 -2.24 -4.19
N ARG A 56 7.91 -2.20 -5.19
CA ARG A 56 7.72 -1.41 -6.39
C ARG A 56 6.35 -1.65 -7.03
N ASP A 57 5.80 -2.87 -6.99
CA ASP A 57 4.54 -3.16 -7.65
C ASP A 57 3.39 -2.45 -6.94
N ILE A 58 3.34 -2.60 -5.62
CA ILE A 58 2.39 -1.86 -4.79
C ILE A 58 2.55 -0.37 -5.08
N ILE A 59 3.78 0.13 -4.98
CA ILE A 59 4.07 1.53 -5.24
C ILE A 59 3.55 1.94 -6.62
N HIS A 60 3.77 1.12 -7.67
CA HIS A 60 3.22 1.40 -9.00
C HIS A 60 1.72 1.62 -8.93
N THR A 61 0.99 0.89 -8.09
CA THR A 61 -0.45 1.10 -7.99
C THR A 61 -0.70 2.48 -7.38
N ILE A 62 -0.11 2.75 -6.22
CA ILE A 62 -0.25 4.04 -5.52
C ILE A 62 0.05 5.20 -6.50
N GLU A 63 1.20 5.14 -7.19
CA GLU A 63 1.59 6.08 -8.22
C GLU A 63 0.51 6.17 -9.31
N SER A 64 0.08 5.02 -9.84
CA SER A 64 -0.79 4.94 -10.99
C SER A 64 -2.18 5.50 -10.73
N LEU A 65 -2.61 5.64 -9.46
CA LEU A 65 -3.75 6.47 -9.16
C LEU A 65 -3.31 7.94 -9.28
N GLY A 66 -3.04 8.62 -8.17
CA GLY A 66 -2.49 9.98 -8.20
C GLY A 66 -1.82 10.31 -6.88
N PHE A 67 -1.17 9.32 -6.25
CA PHE A 67 -0.80 9.37 -4.85
C PHE A 67 0.70 9.10 -4.72
N GLU A 68 1.32 9.59 -3.64
CA GLU A 68 2.75 9.48 -3.41
C GLU A 68 2.98 8.49 -2.26
N ALA A 69 4.15 7.83 -2.25
CA ALA A 69 4.52 6.76 -1.34
C ALA A 69 5.86 7.06 -0.68
N SER A 70 6.06 6.62 0.56
CA SER A 70 7.34 6.73 1.26
C SER A 70 7.46 5.62 2.33
N LEU A 71 8.18 4.54 2.03
CA LEU A 71 8.63 3.61 3.06
C LEU A 71 9.41 4.40 4.11
N VAL A 72 9.03 4.27 5.38
CA VAL A 72 9.69 4.86 6.54
C VAL A 72 9.44 3.88 7.69
N LYS A 73 10.39 3.70 8.59
CA LYS A 73 10.27 2.78 9.73
C LYS A 73 10.54 3.51 11.04
N ILE A 74 11.64 4.29 11.08
CA ILE A 74 11.97 5.22 12.15
C ILE A 74 12.73 6.35 11.48
N GLU A 75 13.79 5.99 10.74
CA GLU A 75 14.15 6.64 9.49
C GLU A 75 13.40 5.87 8.39
CU CU1 B . -10.18 11.21 -2.00
N MET A 1 8.80 -16.46 6.89
CA MET A 1 9.02 -17.64 6.01
C MET A 1 8.73 -17.27 4.55
N GLY A 2 7.56 -16.73 4.27
CA GLY A 2 7.16 -16.21 2.97
C GLY A 2 6.26 -15.01 3.22
N ASP A 3 6.82 -14.03 3.94
CA ASP A 3 6.09 -13.01 4.67
C ASP A 3 6.74 -11.67 4.37
N GLY A 4 5.97 -10.70 3.89
CA GLY A 4 6.43 -9.36 3.56
C GLY A 4 5.42 -8.39 4.12
N VAL A 5 5.89 -7.30 4.73
CA VAL A 5 5.06 -6.27 5.32
C VAL A 5 5.65 -4.94 4.94
N LEU A 6 4.80 -4.00 4.51
CA LEU A 6 5.18 -2.62 4.28
C LEU A 6 4.10 -1.74 4.89
N GLU A 7 4.46 -0.94 5.89
CA GLU A 7 3.72 0.26 6.20
C GLU A 7 4.20 1.31 5.20
N LEU A 8 3.52 1.37 4.05
CA LEU A 8 3.80 2.45 3.11
C LEU A 8 3.10 3.68 3.62
N VAL A 9 3.77 4.82 3.62
CA VAL A 9 3.15 6.11 3.74
C VAL A 9 2.68 6.45 2.33
N VAL A 10 1.36 6.62 2.16
CA VAL A 10 0.68 6.86 0.91
C VAL A 10 -0.12 8.15 1.11
N ARG A 11 0.32 9.20 0.44
CA ARG A 11 -0.08 10.57 0.71
C ARG A 11 -0.80 11.14 -0.49
N GLY A 12 -1.57 12.21 -0.27
CA GLY A 12 -2.58 12.65 -1.21
C GLY A 12 -3.90 11.89 -1.00
N MET A 13 -3.95 10.97 -0.02
CA MET A 13 -5.12 10.24 0.38
C MET A 13 -6.12 11.19 1.06
N THR A 14 -6.70 12.10 0.29
CA THR A 14 -7.42 13.23 0.84
C THR A 14 -8.72 12.81 1.55
N CYS A 15 -9.38 11.72 1.10
CA CYS A 15 -10.71 11.38 1.59
C CYS A 15 -11.01 9.89 1.46
N ALA A 16 -12.17 9.48 1.97
CA ALA A 16 -12.69 8.12 1.93
C ALA A 16 -12.57 7.52 0.53
N SER A 17 -12.89 8.31 -0.50
CA SER A 17 -12.77 7.91 -1.88
C SER A 17 -11.34 7.42 -2.18
N CYS A 18 -10.32 8.12 -1.69
CA CYS A 18 -8.95 7.66 -1.84
C CYS A 18 -8.74 6.38 -1.04
N VAL A 19 -9.14 6.41 0.24
CA VAL A 19 -8.97 5.27 1.15
C VAL A 19 -9.42 3.97 0.47
N HIS A 20 -10.71 3.86 0.14
CA HIS A 20 -11.22 2.61 -0.40
C HIS A 20 -10.73 2.35 -1.83
N LYS A 21 -10.48 3.40 -2.63
CA LYS A 21 -9.90 3.24 -3.96
C LYS A 21 -8.57 2.51 -3.84
N ILE A 22 -7.68 3.01 -2.98
CA ILE A 22 -6.39 2.39 -2.71
C ILE A 22 -6.63 0.95 -2.28
N GLU A 23 -7.33 0.78 -1.15
CA GLU A 23 -7.51 -0.53 -0.55
C GLU A 23 -7.99 -1.54 -1.60
N SER A 24 -9.11 -1.23 -2.27
CA SER A 24 -9.67 -2.08 -3.30
C SER A 24 -8.65 -2.34 -4.42
N SER A 25 -8.03 -1.28 -4.93
CA SER A 25 -7.18 -1.37 -6.11
C SER A 25 -5.89 -2.10 -5.80
N LEU A 26 -5.47 -2.13 -4.54
CA LEU A 26 -4.47 -3.07 -4.11
C LEU A 26 -5.07 -4.48 -4.01
N THR A 27 -6.03 -4.66 -3.12
CA THR A 27 -6.56 -5.96 -2.74
C THR A 27 -7.06 -6.78 -3.94
N LYS A 28 -7.42 -6.13 -5.05
CA LYS A 28 -7.70 -6.84 -6.30
C LYS A 28 -6.58 -7.79 -6.75
N HIS A 29 -5.31 -7.44 -6.51
CA HIS A 29 -4.20 -8.28 -6.96
C HIS A 29 -4.19 -9.56 -6.12
N ARG A 30 -4.31 -10.73 -6.76
CA ARG A 30 -4.10 -12.00 -6.07
C ARG A 30 -2.61 -12.24 -5.82
N GLY A 31 -1.95 -11.31 -5.13
CA GLY A 31 -0.54 -11.37 -4.81
C GLY A 31 -0.26 -10.43 -3.64
N ILE A 32 -1.16 -10.47 -2.67
CA ILE A 32 -1.15 -9.71 -1.44
C ILE A 32 -1.82 -10.62 -0.41
N LEU A 33 -1.63 -10.33 0.88
CA LEU A 33 -2.35 -10.99 1.97
C LEU A 33 -3.31 -10.00 2.63
N TYR A 34 -2.90 -8.75 2.88
CA TYR A 34 -3.77 -7.82 3.59
C TYR A 34 -3.40 -6.38 3.26
N CYS A 35 -4.36 -5.47 3.46
CA CYS A 35 -4.25 -4.04 3.22
C CYS A 35 -5.04 -3.35 4.34
N SER A 36 -4.43 -2.44 5.09
CA SER A 36 -5.10 -1.61 6.10
C SER A 36 -4.64 -0.17 5.93
N VAL A 37 -5.51 0.68 5.39
CA VAL A 37 -5.23 2.05 5.02
C VAL A 37 -5.77 3.03 6.09
N ALA A 38 -5.09 4.16 6.29
CA ALA A 38 -5.64 5.27 7.06
C ALA A 38 -5.25 6.57 6.37
N LEU A 39 -6.25 7.42 6.06
CA LEU A 39 -5.98 8.80 5.63
C LEU A 39 -5.34 9.59 6.76
N ALA A 40 -5.77 9.35 8.00
CA ALA A 40 -5.34 10.09 9.18
C ALA A 40 -3.82 10.18 9.25
N THR A 41 -3.15 9.02 9.11
CA THR A 41 -1.70 8.94 9.10
C THR A 41 -1.17 8.70 7.68
N ASN A 42 -2.04 8.79 6.67
CA ASN A 42 -1.73 8.74 5.24
C ASN A 42 -0.80 7.57 4.95
N LYS A 43 -1.28 6.36 5.25
CA LYS A 43 -0.47 5.15 5.18
C LYS A 43 -1.32 3.92 4.88
N ALA A 44 -0.63 2.83 4.52
CA ALA A 44 -1.17 1.53 4.14
C ALA A 44 -0.26 0.47 4.76
N HIS A 45 -0.79 -0.24 5.75
CA HIS A 45 -0.23 -1.46 6.28
C HIS A 45 -0.60 -2.55 5.30
N ILE A 46 0.32 -2.86 4.39
CA ILE A 46 0.16 -3.91 3.40
C ILE A 46 0.98 -5.09 3.86
N LYS A 47 0.43 -6.28 3.70
CA LYS A 47 1.08 -7.55 3.98
C LYS A 47 0.93 -8.38 2.72
N TYR A 48 1.99 -9.06 2.28
CA TYR A 48 2.09 -9.69 0.98
C TYR A 48 3.22 -10.72 1.03
N ASP A 49 3.22 -11.70 0.13
CA ASP A 49 4.37 -12.57 -0.04
C ASP A 49 5.41 -11.82 -0.88
N PRO A 50 6.67 -11.69 -0.44
CA PRO A 50 7.68 -10.92 -1.14
C PRO A 50 8.26 -11.76 -2.28
N GLU A 51 7.39 -12.41 -3.06
CA GLU A 51 7.72 -13.47 -3.99
C GLU A 51 6.94 -13.23 -5.28
N ILE A 52 5.61 -13.27 -5.22
CA ILE A 52 4.78 -12.97 -6.39
C ILE A 52 4.77 -11.48 -6.71
N ILE A 53 4.99 -10.63 -5.70
CA ILE A 53 5.04 -9.19 -5.81
C ILE A 53 6.27 -8.74 -5.04
N GLY A 54 7.10 -7.91 -5.68
CA GLY A 54 8.20 -7.21 -5.05
C GLY A 54 7.69 -5.95 -4.34
N PRO A 55 8.58 -5.18 -3.71
CA PRO A 55 8.19 -4.01 -2.94
C PRO A 55 7.70 -2.88 -3.84
N ARG A 56 8.51 -2.47 -4.83
CA ARG A 56 8.17 -1.30 -5.62
C ARG A 56 6.93 -1.53 -6.48
N ASP A 57 6.62 -2.77 -6.85
CA ASP A 57 5.40 -3.19 -7.53
C ASP A 57 4.17 -2.48 -6.93
N ILE A 58 4.06 -2.55 -5.59
CA ILE A 58 2.97 -1.92 -4.86
C ILE A 58 3.09 -0.41 -4.99
N ILE A 59 4.27 0.13 -4.68
CA ILE A 59 4.51 1.56 -4.70
C ILE A 59 4.12 2.16 -6.07
N HIS A 60 4.52 1.52 -7.17
CA HIS A 60 4.10 1.87 -8.52
C HIS A 60 2.59 1.98 -8.60
N THR A 61 1.86 1.07 -7.96
CA THR A 61 0.41 1.08 -7.99
C THR A 61 -0.10 2.34 -7.28
N ILE A 62 0.43 2.62 -6.07
CA ILE A 62 0.11 3.83 -5.33
C ILE A 62 0.38 5.08 -6.20
N GLU A 63 1.60 5.21 -6.71
CA GLU A 63 2.01 6.33 -7.57
C GLU A 63 1.04 6.46 -8.75
N SER A 64 0.83 5.36 -9.47
CA SER A 64 0.02 5.29 -10.67
C SER A 64 -1.40 5.79 -10.41
N LEU A 65 -1.98 5.46 -9.25
CA LEU A 65 -3.32 5.92 -8.91
C LEU A 65 -3.41 7.44 -8.86
N GLY A 66 -3.09 8.07 -7.72
CA GLY A 66 -3.08 9.54 -7.66
C GLY A 66 -2.27 10.07 -6.48
N PHE A 67 -1.19 9.39 -6.08
CA PHE A 67 -0.65 9.56 -4.73
C PHE A 67 0.86 9.75 -4.71
N GLU A 68 1.33 10.24 -3.57
CA GLU A 68 2.73 10.37 -3.17
C GLU A 68 3.01 9.14 -2.30
N ALA A 69 4.23 8.57 -2.37
CA ALA A 69 4.53 7.27 -1.78
C ALA A 69 5.88 7.28 -1.08
N SER A 70 5.96 6.62 0.08
CA SER A 70 7.21 6.27 0.73
C SER A 70 6.96 5.05 1.64
N LEU A 71 8.02 4.52 2.25
CA LEU A 71 7.94 3.69 3.44
C LEU A 71 8.58 4.53 4.56
N VAL A 72 8.16 4.32 5.81
CA VAL A 72 8.73 5.03 6.95
C VAL A 72 9.08 3.98 8.00
N LYS A 73 10.26 4.13 8.61
CA LYS A 73 10.85 3.25 9.60
C LYS A 73 12.09 3.97 10.14
N ILE A 74 12.81 3.35 11.08
CA ILE A 74 13.93 3.98 11.76
C ILE A 74 15.24 3.87 10.98
N GLU A 75 15.75 2.64 10.81
CA GLU A 75 17.08 2.28 10.35
C GLU A 75 18.17 3.29 10.74
CU CU1 B . -9.99 11.38 -1.83
N MET A 1 11.72 -19.18 6.96
CA MET A 1 10.55 -18.56 6.32
C MET A 1 10.81 -17.06 6.21
N GLY A 2 9.86 -16.28 5.71
CA GLY A 2 9.91 -14.83 5.65
C GLY A 2 8.48 -14.33 5.74
N ASP A 3 8.29 -13.01 5.78
CA ASP A 3 7.00 -12.35 5.84
C ASP A 3 7.19 -10.97 5.26
N GLY A 4 6.09 -10.28 4.91
CA GLY A 4 6.10 -8.97 4.29
C GLY A 4 5.21 -8.01 5.07
N VAL A 5 5.75 -6.85 5.48
CA VAL A 5 5.03 -5.79 6.18
C VAL A 5 5.38 -4.46 5.53
N LEU A 6 4.93 -4.28 4.28
CA LEU A 6 5.23 -3.10 3.47
C LEU A 6 4.30 -1.99 3.94
N GLU A 7 4.70 -1.38 5.07
CA GLU A 7 4.02 -0.26 5.68
C GLU A 7 4.76 1.01 5.28
N LEU A 8 4.20 1.70 4.28
CA LEU A 8 4.76 2.92 3.71
C LEU A 8 3.75 4.05 3.89
N VAL A 9 4.25 5.29 3.94
CA VAL A 9 3.41 6.46 3.97
C VAL A 9 2.97 6.74 2.53
N VAL A 10 1.66 6.80 2.31
CA VAL A 10 1.06 7.16 1.05
C VAL A 10 0.63 8.61 1.20
N ARG A 11 1.32 9.51 0.50
CA ARG A 11 1.01 10.93 0.53
C ARG A 11 -0.03 11.22 -0.56
N GLY A 12 -1.02 12.05 -0.22
CA GLY A 12 -2.09 12.44 -1.12
C GLY A 12 -3.43 11.75 -0.82
N MET A 13 -3.52 10.90 0.21
CA MET A 13 -4.78 10.28 0.61
C MET A 13 -5.71 11.30 1.25
N THR A 14 -6.25 12.23 0.46
CA THR A 14 -6.93 13.39 0.98
C THR A 14 -8.30 13.08 1.61
N CYS A 15 -8.92 11.93 1.31
CA CYS A 15 -10.24 11.61 1.84
C CYS A 15 -10.54 10.11 1.70
N ALA A 16 -11.66 9.68 2.28
CA ALA A 16 -12.15 8.31 2.21
C ALA A 16 -12.16 7.79 0.78
N SER A 17 -12.55 8.65 -0.17
CA SER A 17 -12.58 8.32 -1.59
C SER A 17 -11.19 7.91 -2.12
N CYS A 18 -10.11 8.45 -1.56
CA CYS A 18 -8.77 7.94 -1.83
C CYS A 18 -8.60 6.58 -1.17
N VAL A 19 -8.83 6.53 0.15
CA VAL A 19 -8.58 5.36 0.98
C VAL A 19 -9.19 4.10 0.34
N HIS A 20 -10.51 4.09 0.15
CA HIS A 20 -11.18 2.88 -0.32
C HIS A 20 -10.79 2.57 -1.77
N LYS A 21 -10.53 3.59 -2.59
CA LYS A 21 -10.06 3.42 -3.96
C LYS A 21 -8.75 2.66 -3.94
N ILE A 22 -7.78 3.13 -3.14
CA ILE A 22 -6.51 2.44 -2.96
C ILE A 22 -6.80 1.00 -2.55
N GLU A 23 -7.42 0.81 -1.38
CA GLU A 23 -7.63 -0.50 -0.79
C GLU A 23 -8.24 -1.46 -1.83
N SER A 24 -9.42 -1.09 -2.32
CA SER A 24 -10.20 -1.90 -3.25
C SER A 24 -9.34 -2.28 -4.46
N SER A 25 -8.65 -1.32 -5.06
CA SER A 25 -7.80 -1.62 -6.20
C SER A 25 -6.73 -2.62 -5.78
N LEU A 26 -5.98 -2.29 -4.73
CA LEU A 26 -4.85 -3.05 -4.28
C LEU A 26 -5.21 -4.52 -4.03
N THR A 27 -6.41 -4.80 -3.50
CA THR A 27 -6.79 -6.19 -3.25
C THR A 27 -6.69 -7.09 -4.51
N LYS A 28 -6.81 -6.54 -5.73
CA LYS A 28 -6.67 -7.37 -6.93
C LYS A 28 -5.21 -7.75 -7.23
N HIS A 29 -4.23 -7.24 -6.49
CA HIS A 29 -2.82 -7.56 -6.70
C HIS A 29 -2.52 -8.80 -5.88
N ARG A 30 -3.09 -9.94 -6.31
CA ARG A 30 -3.26 -11.16 -5.51
C ARG A 30 -2.05 -11.67 -4.70
N GLY A 31 -0.82 -11.23 -4.99
CA GLY A 31 0.34 -11.56 -4.17
C GLY A 31 0.40 -10.75 -2.87
N ILE A 32 -0.49 -9.77 -2.69
CA ILE A 32 -0.67 -9.10 -1.42
C ILE A 32 -1.55 -10.02 -0.55
N LEU A 33 -1.19 -10.15 0.72
CA LEU A 33 -1.93 -10.92 1.70
C LEU A 33 -3.02 -10.05 2.31
N TYR A 34 -2.73 -8.77 2.57
CA TYR A 34 -3.62 -7.87 3.27
C TYR A 34 -3.27 -6.43 2.90
N CYS A 35 -4.23 -5.52 2.98
CA CYS A 35 -3.99 -4.08 2.94
C CYS A 35 -4.68 -3.43 4.15
N SER A 36 -4.12 -2.37 4.70
CA SER A 36 -4.80 -1.47 5.63
C SER A 36 -4.26 -0.06 5.47
N VAL A 37 -5.08 0.81 4.89
CA VAL A 37 -4.80 2.23 4.67
C VAL A 37 -5.42 3.07 5.78
N ALA A 38 -4.75 4.16 6.16
CA ALA A 38 -5.23 5.12 7.15
C ALA A 38 -4.79 6.53 6.75
N LEU A 39 -5.74 7.44 6.55
CA LEU A 39 -5.47 8.84 6.15
C LEU A 39 -5.10 9.74 7.34
N ALA A 40 -5.30 9.28 8.57
CA ALA A 40 -4.83 9.98 9.75
C ALA A 40 -3.31 9.86 9.81
N THR A 41 -2.84 8.61 9.67
CA THR A 41 -1.44 8.25 9.66
C THR A 41 -0.81 8.53 8.28
N ASN A 42 -1.62 8.52 7.22
CA ASN A 42 -1.23 8.61 5.83
C ASN A 42 -0.40 7.41 5.45
N LYS A 43 -0.82 6.22 5.91
CA LYS A 43 -0.05 4.99 5.83
C LYS A 43 -0.87 3.96 5.09
N ALA A 44 -0.19 3.06 4.38
CA ALA A 44 -0.75 1.83 3.86
C ALA A 44 0.13 0.69 4.33
N HIS A 45 -0.38 -0.13 5.25
CA HIS A 45 0.20 -1.40 5.61
C HIS A 45 -0.28 -2.41 4.58
N ILE A 46 0.61 -2.81 3.67
CA ILE A 46 0.39 -3.93 2.77
C ILE A 46 1.21 -5.09 3.31
N LYS A 47 0.57 -6.22 3.59
CA LYS A 47 1.28 -7.48 3.74
C LYS A 47 1.26 -8.18 2.40
N TYR A 48 2.32 -8.91 2.07
CA TYR A 48 2.54 -9.44 0.73
C TYR A 48 3.58 -10.54 0.76
N ASP A 49 3.56 -11.40 -0.26
CA ASP A 49 4.61 -12.37 -0.50
C ASP A 49 5.54 -11.82 -1.61
N PRO A 50 6.84 -11.64 -1.33
CA PRO A 50 7.74 -10.90 -2.20
C PRO A 50 7.96 -11.59 -3.55
N GLU A 51 8.06 -12.92 -3.55
CA GLU A 51 8.34 -13.69 -4.75
C GLU A 51 7.28 -13.44 -5.84
N ILE A 52 6.01 -13.35 -5.44
CA ILE A 52 4.91 -13.07 -6.35
C ILE A 52 4.80 -11.57 -6.60
N ILE A 53 4.79 -10.76 -5.55
CA ILE A 53 4.55 -9.34 -5.64
C ILE A 53 5.81 -8.60 -5.20
N GLY A 54 6.59 -8.12 -6.17
CA GLY A 54 7.68 -7.20 -5.88
C GLY A 54 7.09 -5.91 -5.32
N PRO A 55 7.72 -5.28 -4.30
CA PRO A 55 7.18 -4.09 -3.66
C PRO A 55 6.93 -2.96 -4.65
N ARG A 56 7.75 -2.87 -5.70
CA ARG A 56 7.56 -1.88 -6.75
C ARG A 56 6.19 -1.99 -7.44
N ASP A 57 5.57 -3.17 -7.50
CA ASP A 57 4.21 -3.29 -8.04
C ASP A 57 3.24 -2.48 -7.18
N ILE A 58 3.21 -2.79 -5.88
CA ILE A 58 2.39 -2.09 -4.90
C ILE A 58 2.66 -0.59 -5.02
N ILE A 59 3.94 -0.19 -4.97
CA ILE A 59 4.29 1.21 -5.05
C ILE A 59 3.75 1.82 -6.35
N HIS A 60 3.97 1.20 -7.51
CA HIS A 60 3.38 1.67 -8.77
C HIS A 60 1.86 1.81 -8.66
N THR A 61 1.20 0.85 -7.99
CA THR A 61 -0.25 0.88 -7.86
C THR A 61 -0.63 2.19 -7.15
N ILE A 62 -0.04 2.41 -5.98
CA ILE A 62 -0.26 3.60 -5.18
C ILE A 62 0.04 4.86 -6.00
N GLU A 63 1.25 4.96 -6.55
CA GLU A 63 1.67 6.10 -7.34
C GLU A 63 0.64 6.40 -8.43
N SER A 64 0.41 5.42 -9.29
CA SER A 64 -0.48 5.52 -10.43
C SER A 64 -1.89 5.96 -10.02
N LEU A 65 -2.46 5.33 -8.99
CA LEU A 65 -3.84 5.57 -8.63
C LEU A 65 -4.12 7.03 -8.29
N GLY A 66 -3.34 7.65 -7.39
CA GLY A 66 -3.54 9.08 -7.12
C GLY A 66 -2.41 9.81 -6.42
N PHE A 67 -1.28 9.15 -6.11
CA PHE A 67 -0.61 9.41 -4.84
C PHE A 67 0.91 9.46 -4.99
N GLU A 68 1.61 9.74 -3.89
CA GLU A 68 3.04 9.53 -3.78
C GLU A 68 3.26 8.45 -2.72
N ALA A 69 4.35 7.70 -2.82
CA ALA A 69 4.73 6.70 -1.83
C ALA A 69 6.00 7.16 -1.12
N SER A 70 6.16 6.83 0.16
CA SER A 70 7.38 7.08 0.93
C SER A 70 7.55 5.97 1.97
N LEU A 71 8.51 5.07 1.76
CA LEU A 71 8.76 3.91 2.60
C LEU A 71 9.37 4.30 3.95
N VAL A 72 8.57 4.94 4.79
CA VAL A 72 9.00 5.41 6.11
C VAL A 72 9.48 4.26 6.98
N LYS A 73 8.72 3.15 7.05
CA LYS A 73 8.95 1.97 7.88
C LYS A 73 9.62 2.34 9.21
N ILE A 74 8.83 2.95 10.10
CA ILE A 74 9.27 3.35 11.43
C ILE A 74 9.85 2.13 12.17
N GLU A 75 10.87 2.38 13.00
CA GLU A 75 11.47 1.46 13.93
C GLU A 75 11.58 2.21 15.26
CU CU1 B . -9.61 11.66 -1.57
N MET A 1 7.27 -16.94 0.20
CA MET A 1 8.00 -17.26 1.45
C MET A 1 7.10 -17.26 2.69
N GLY A 2 5.92 -16.62 2.68
CA GLY A 2 5.04 -16.51 3.84
C GLY A 2 4.30 -15.19 3.75
N ASP A 3 4.84 -14.14 4.36
CA ASP A 3 4.41 -12.76 4.13
C ASP A 3 5.56 -11.82 4.50
N GLY A 4 5.49 -10.60 3.96
CA GLY A 4 6.27 -9.44 4.36
C GLY A 4 5.27 -8.34 4.64
N VAL A 5 5.31 -7.79 5.85
CA VAL A 5 4.48 -6.66 6.26
C VAL A 5 5.16 -5.36 5.85
N LEU A 6 4.61 -4.67 4.86
CA LEU A 6 4.98 -3.30 4.54
C LEU A 6 3.86 -2.41 5.06
N GLU A 7 3.96 -2.02 6.32
CA GLU A 7 3.24 -0.87 6.81
C GLU A 7 4.05 0.35 6.42
N LEU A 8 3.74 0.90 5.24
CA LEU A 8 4.42 2.06 4.70
C LEU A 8 3.51 3.28 4.83
N VAL A 9 4.09 4.48 4.81
CA VAL A 9 3.34 5.71 4.75
C VAL A 9 2.93 5.89 3.29
N VAL A 10 1.69 6.36 3.05
CA VAL A 10 1.17 6.73 1.76
C VAL A 10 0.68 8.16 1.90
N ARG A 11 1.19 9.07 1.07
CA ARG A 11 0.84 10.48 1.09
C ARG A 11 0.06 10.81 -0.18
N GLY A 12 -0.80 11.82 -0.11
CA GLY A 12 -1.74 12.15 -1.17
C GLY A 12 -3.15 11.60 -0.91
N MET A 13 -3.35 10.78 0.14
CA MET A 13 -4.67 10.31 0.53
C MET A 13 -5.49 11.46 1.12
N THR A 14 -5.97 12.35 0.26
CA THR A 14 -6.68 13.55 0.71
C THR A 14 -8.03 13.19 1.36
N CYS A 15 -8.72 12.15 0.89
CA CYS A 15 -10.07 11.86 1.36
C CYS A 15 -10.44 10.38 1.25
N ALA A 16 -11.60 10.04 1.80
CA ALA A 16 -12.20 8.70 1.78
C ALA A 16 -12.10 8.07 0.39
N SER A 17 -12.41 8.85 -0.65
CA SER A 17 -12.37 8.40 -2.03
C SER A 17 -10.99 7.88 -2.45
N CYS A 18 -9.91 8.46 -1.92
CA CYS A 18 -8.58 7.91 -2.11
C CYS A 18 -8.45 6.62 -1.30
N VAL A 19 -8.69 6.76 0.00
CA VAL A 19 -8.46 5.76 1.02
C VAL A 19 -9.08 4.41 0.61
N HIS A 20 -10.40 4.39 0.40
CA HIS A 20 -11.07 3.13 0.09
C HIS A 20 -10.67 2.61 -1.30
N LYS A 21 -10.30 3.52 -2.21
CA LYS A 21 -9.92 3.14 -3.56
C LYS A 21 -8.60 2.38 -3.53
N ILE A 22 -7.66 2.81 -2.68
CA ILE A 22 -6.41 2.09 -2.49
C ILE A 22 -6.72 0.65 -2.06
N GLU A 23 -7.37 0.47 -0.92
CA GLU A 23 -7.81 -0.85 -0.44
C GLU A 23 -8.46 -1.66 -1.56
N SER A 24 -9.54 -1.12 -2.13
CA SER A 24 -10.33 -1.77 -3.17
C SER A 24 -9.47 -2.13 -4.38
N SER A 25 -8.53 -1.25 -4.77
CA SER A 25 -7.71 -1.53 -5.93
C SER A 25 -6.78 -2.66 -5.57
N LEU A 26 -6.02 -2.49 -4.50
CA LEU A 26 -4.94 -3.39 -4.16
C LEU A 26 -5.48 -4.79 -3.88
N THR A 27 -6.67 -4.89 -3.28
CA THR A 27 -7.40 -6.14 -3.09
C THR A 27 -7.92 -6.65 -4.45
N LYS A 28 -6.97 -7.05 -5.29
CA LYS A 28 -7.11 -7.66 -6.60
C LYS A 28 -5.81 -8.41 -6.95
N HIS A 29 -4.64 -7.81 -6.67
CA HIS A 29 -3.38 -8.45 -7.00
C HIS A 29 -3.22 -9.70 -6.13
N ARG A 30 -3.29 -10.90 -6.70
CA ARG A 30 -3.00 -12.11 -5.94
C ARG A 30 -1.56 -12.11 -5.40
N GLY A 31 -0.70 -11.27 -5.98
CA GLY A 31 0.60 -10.96 -5.42
C GLY A 31 0.53 -10.50 -3.96
N ILE A 32 -0.50 -9.71 -3.61
CA ILE A 32 -0.68 -9.24 -2.25
C ILE A 32 -1.63 -10.16 -1.49
N LEU A 33 -1.52 -10.13 -0.16
CA LEU A 33 -2.34 -10.92 0.76
C LEU A 33 -3.35 -10.00 1.45
N TYR A 34 -2.95 -8.79 1.83
CA TYR A 34 -3.85 -7.82 2.43
C TYR A 34 -3.37 -6.39 2.18
N CYS A 35 -4.31 -5.45 2.25
CA CYS A 35 -4.07 -4.02 2.30
C CYS A 35 -5.08 -3.46 3.30
N SER A 36 -4.67 -2.58 4.21
CA SER A 36 -5.60 -1.63 4.80
C SER A 36 -4.90 -0.33 5.12
N VAL A 37 -5.60 0.80 4.97
CA VAL A 37 -5.02 2.14 5.01
C VAL A 37 -5.51 2.92 6.22
N ALA A 38 -4.85 4.05 6.53
CA ALA A 38 -5.33 4.99 7.53
C ALA A 38 -5.04 6.42 7.13
N LEU A 39 -6.01 7.30 7.39
CA LEU A 39 -6.02 8.70 7.00
C LEU A 39 -5.01 9.47 7.85
N ALA A 40 -5.24 9.52 9.17
CA ALA A 40 -4.50 10.37 10.09
C ALA A 40 -3.00 10.08 10.01
N THR A 41 -2.65 8.79 10.02
CA THR A 41 -1.28 8.33 9.94
C THR A 41 -0.75 8.41 8.50
N ASN A 42 -1.66 8.53 7.52
CA ASN A 42 -1.36 8.55 6.09
C ASN A 42 -0.55 7.30 5.77
N LYS A 43 -1.17 6.12 5.96
CA LYS A 43 -0.46 4.85 5.90
C LYS A 43 -1.22 3.82 5.10
N ALA A 44 -0.49 2.79 4.66
CA ALA A 44 -1.00 1.58 4.07
C ALA A 44 -0.24 0.40 4.66
N HIS A 45 -0.97 -0.40 5.42
CA HIS A 45 -0.59 -1.70 5.93
C HIS A 45 -0.78 -2.70 4.80
N ILE A 46 0.29 -2.94 4.05
CA ILE A 46 0.36 -3.95 3.01
C ILE A 46 0.90 -5.23 3.66
N LYS A 47 0.27 -6.36 3.36
CA LYS A 47 0.84 -7.68 3.58
C LYS A 47 0.93 -8.32 2.20
N TYR A 48 2.13 -8.69 1.76
CA TYR A 48 2.34 -9.39 0.49
C TYR A 48 3.46 -10.40 0.70
N ASP A 49 3.52 -11.46 -0.11
CA ASP A 49 4.60 -12.42 -0.01
C ASP A 49 5.76 -11.98 -0.91
N PRO A 50 6.95 -11.64 -0.38
CA PRO A 50 8.09 -11.15 -1.13
C PRO A 50 8.72 -12.26 -1.97
N GLU A 51 7.99 -12.68 -3.00
CA GLU A 51 8.29 -13.76 -3.91
C GLU A 51 7.42 -13.55 -5.14
N ILE A 52 6.11 -13.46 -4.93
CA ILE A 52 5.12 -13.32 -5.99
C ILE A 52 4.86 -11.85 -6.36
N ILE A 53 5.34 -10.90 -5.57
CA ILE A 53 5.32 -9.48 -5.87
C ILE A 53 6.42 -8.87 -5.00
N GLY A 54 6.96 -7.72 -5.38
CA GLY A 54 7.92 -6.98 -4.58
C GLY A 54 7.21 -5.80 -3.90
N PRO A 55 7.94 -4.98 -3.14
CA PRO A 55 7.38 -3.74 -2.61
C PRO A 55 7.11 -2.77 -3.75
N ARG A 56 8.04 -2.71 -4.71
CA ARG A 56 8.04 -1.72 -5.77
C ARG A 56 6.73 -1.75 -6.55
N ASP A 57 6.14 -2.92 -6.78
CA ASP A 57 4.91 -3.06 -7.54
C ASP A 57 3.76 -2.36 -6.82
N ILE A 58 3.59 -2.64 -5.52
CA ILE A 58 2.53 -2.01 -4.75
C ILE A 58 2.79 -0.50 -4.75
N ILE A 59 4.03 -0.10 -4.48
CA ILE A 59 4.42 1.29 -4.54
C ILE A 59 4.07 1.90 -5.91
N HIS A 60 4.34 1.20 -7.01
CA HIS A 60 4.00 1.66 -8.35
C HIS A 60 2.48 1.71 -8.54
N THR A 61 1.73 0.83 -7.87
CA THR A 61 0.27 0.91 -7.92
C THR A 61 -0.16 2.22 -7.25
N ILE A 62 0.39 2.50 -6.07
CA ILE A 62 0.18 3.75 -5.33
C ILE A 62 0.52 4.96 -6.22
N GLU A 63 1.67 4.93 -6.93
CA GLU A 63 1.99 5.94 -7.94
C GLU A 63 0.88 6.03 -8.99
N SER A 64 0.55 4.89 -9.60
CA SER A 64 -0.35 4.75 -10.73
C SER A 64 -1.72 5.34 -10.45
N LEU A 65 -2.23 5.18 -9.22
CA LEU A 65 -3.45 5.88 -8.81
C LEU A 65 -3.19 7.40 -8.81
N GLY A 66 -2.79 7.98 -7.67
CA GLY A 66 -2.39 9.38 -7.64
C GLY A 66 -1.56 9.73 -6.41
N PHE A 67 -0.79 8.77 -5.87
CA PHE A 67 -0.32 8.88 -4.49
C PHE A 67 1.18 8.65 -4.39
N GLU A 68 1.77 9.11 -3.29
CA GLU A 68 3.18 8.98 -2.97
C GLU A 68 3.31 7.90 -1.90
N ALA A 69 4.46 7.23 -1.82
CA ALA A 69 4.73 6.23 -0.78
C ALA A 69 6.05 6.55 -0.09
N SER A 70 6.17 6.14 1.19
CA SER A 70 7.40 6.25 1.96
C SER A 70 7.40 5.14 3.01
N LEU A 71 8.19 4.08 2.80
CA LEU A 71 8.34 3.04 3.82
C LEU A 71 8.89 3.65 5.11
N VAL A 72 8.25 3.35 6.26
CA VAL A 72 8.56 3.99 7.53
C VAL A 72 9.84 3.39 8.12
N LYS A 73 10.95 3.63 7.45
CA LYS A 73 12.30 3.43 7.96
C LYS A 73 12.86 4.81 8.28
N ILE A 74 12.76 5.75 7.33
CA ILE A 74 13.10 7.14 7.49
C ILE A 74 11.97 7.97 6.84
N GLU A 75 11.50 9.00 7.54
CA GLU A 75 10.95 10.22 6.96
C GLU A 75 11.63 11.34 7.77
CU CU1 B . -9.44 11.67 -2.07
N MET A 1 11.85 -18.85 6.94
CA MET A 1 10.60 -18.08 6.97
C MET A 1 10.82 -16.86 6.08
N GLY A 2 9.82 -15.99 5.95
CA GLY A 2 9.90 -14.77 5.15
C GLY A 2 8.51 -14.14 5.16
N ASP A 3 8.43 -12.89 4.71
CA ASP A 3 7.21 -12.09 4.67
C ASP A 3 7.51 -10.84 3.84
N GLY A 4 6.49 -10.02 3.63
CA GLY A 4 6.64 -8.66 3.14
C GLY A 4 5.67 -7.77 3.91
N VAL A 5 5.88 -7.62 5.22
CA VAL A 5 5.16 -6.65 6.04
C VAL A 5 5.76 -5.28 5.80
N LEU A 6 4.93 -4.30 5.43
CA LEU A 6 5.39 -2.95 5.13
C LEU A 6 4.28 -1.92 5.33
N GLU A 7 4.31 -1.22 6.46
CA GLU A 7 3.73 0.11 6.58
C GLU A 7 4.66 1.13 5.93
N LEU A 8 4.42 1.33 4.63
CA LEU A 8 4.92 2.48 3.93
C LEU A 8 3.95 3.65 4.18
N VAL A 9 4.47 4.88 4.08
CA VAL A 9 3.65 6.08 4.06
C VAL A 9 3.10 6.17 2.64
N VAL A 10 1.84 6.60 2.48
CA VAL A 10 1.16 6.87 1.24
C VAL A 10 0.59 8.28 1.41
N ARG A 11 0.85 9.19 0.47
CA ARG A 11 0.34 10.57 0.57
C ARG A 11 -0.53 10.89 -0.64
N GLY A 12 -1.36 11.93 -0.49
CA GLY A 12 -2.39 12.32 -1.44
C GLY A 12 -3.73 11.66 -1.14
N MET A 13 -3.85 10.95 0.00
CA MET A 13 -5.05 10.24 0.41
C MET A 13 -6.12 11.23 0.89
N THR A 14 -6.59 12.11 0.02
CA THR A 14 -7.31 13.30 0.46
C THR A 14 -8.69 13.01 1.06
N CYS A 15 -9.28 11.83 0.85
CA CYS A 15 -10.58 11.51 1.43
C CYS A 15 -10.80 10.00 1.41
N ALA A 16 -11.92 9.57 2.02
CA ALA A 16 -12.37 8.18 2.04
C ALA A 16 -12.32 7.55 0.64
N SER A 17 -12.70 8.32 -0.39
CA SER A 17 -12.68 7.87 -1.77
C SER A 17 -11.27 7.46 -2.20
N CYS A 18 -10.22 8.12 -1.68
CA CYS A 18 -8.85 7.66 -1.88
C CYS A 18 -8.61 6.40 -1.06
N VAL A 19 -8.89 6.49 0.24
CA VAL A 19 -8.61 5.42 1.20
C VAL A 19 -9.08 4.06 0.67
N HIS A 20 -10.39 3.92 0.41
CA HIS A 20 -10.92 2.63 0.01
C HIS A 20 -10.46 2.23 -1.40
N LYS A 21 -10.23 3.22 -2.28
CA LYS A 21 -9.72 2.98 -3.62
C LYS A 21 -8.35 2.30 -3.52
N ILE A 22 -7.44 2.89 -2.74
CA ILE A 22 -6.11 2.35 -2.52
C ILE A 22 -6.22 0.90 -2.08
N GLU A 23 -6.92 0.67 -0.97
CA GLU A 23 -7.06 -0.66 -0.39
C GLU A 23 -7.61 -1.63 -1.45
N SER A 24 -8.76 -1.29 -2.02
CA SER A 24 -9.46 -2.08 -3.03
C SER A 24 -8.54 -2.41 -4.20
N SER A 25 -7.76 -1.43 -4.66
CA SER A 25 -6.92 -1.60 -5.84
C SER A 25 -5.78 -2.55 -5.50
N LEU A 26 -5.15 -2.34 -4.35
CA LEU A 26 -4.05 -3.17 -3.92
C LEU A 26 -4.52 -4.61 -3.68
N THR A 27 -5.52 -4.80 -2.83
CA THR A 27 -5.99 -6.14 -2.47
C THR A 27 -6.41 -6.95 -3.71
N LYS A 28 -6.68 -6.28 -4.84
CA LYS A 28 -6.98 -6.93 -6.11
C LYS A 28 -5.81 -7.79 -6.61
N HIS A 29 -4.57 -7.38 -6.39
CA HIS A 29 -3.42 -8.18 -6.80
C HIS A 29 -3.22 -9.28 -5.76
N ARG A 30 -3.31 -10.54 -6.17
CA ARG A 30 -3.20 -11.70 -5.28
C ARG A 30 -1.96 -11.65 -4.36
N GLY A 31 -0.89 -10.99 -4.80
CA GLY A 31 0.34 -10.87 -4.03
C GLY A 31 0.17 -10.03 -2.76
N ILE A 32 -0.84 -9.15 -2.71
CA ILE A 32 -1.16 -8.38 -1.52
C ILE A 32 -2.04 -9.24 -0.62
N LEU A 33 -1.50 -9.69 0.51
CA LEU A 33 -2.21 -10.52 1.46
C LEU A 33 -3.11 -9.66 2.36
N TYR A 34 -2.67 -8.44 2.67
CA TYR A 34 -3.48 -7.52 3.46
C TYR A 34 -3.05 -6.10 3.16
N CYS A 35 -3.95 -5.15 3.44
CA CYS A 35 -3.64 -3.73 3.44
C CYS A 35 -4.47 -3.05 4.53
N SER A 36 -3.84 -2.17 5.31
CA SER A 36 -4.48 -1.32 6.31
C SER A 36 -4.07 0.12 5.99
N VAL A 37 -4.93 0.80 5.23
CA VAL A 37 -4.77 2.19 4.83
C VAL A 37 -5.16 3.13 5.97
N ALA A 38 -4.53 4.30 6.06
CA ALA A 38 -5.03 5.40 6.89
C ALA A 38 -4.51 6.75 6.38
N LEU A 39 -5.42 7.68 6.08
CA LEU A 39 -5.09 9.05 5.71
C LEU A 39 -4.67 9.92 6.90
N ALA A 40 -4.80 9.41 8.13
CA ALA A 40 -4.34 10.11 9.32
C ALA A 40 -2.81 9.99 9.39
N THR A 41 -2.32 8.77 9.54
CA THR A 41 -0.90 8.50 9.55
C THR A 41 -0.34 8.52 8.12
N ASN A 42 -1.21 8.66 7.11
CA ASN A 42 -0.85 8.76 5.70
C ASN A 42 -0.05 7.52 5.34
N LYS A 43 -0.65 6.34 5.54
CA LYS A 43 0.06 5.09 5.44
C LYS A 43 -0.79 4.02 4.84
N ALA A 44 -0.10 2.92 4.52
CA ALA A 44 -0.70 1.65 4.17
C ALA A 44 0.19 0.58 4.77
N HIS A 45 -0.27 -0.06 5.86
CA HIS A 45 0.34 -1.27 6.39
C HIS A 45 -0.12 -2.35 5.45
N ILE A 46 0.71 -2.61 4.44
CA ILE A 46 0.54 -3.67 3.49
C ILE A 46 1.24 -4.89 4.06
N LYS A 47 0.68 -6.07 3.84
CA LYS A 47 1.38 -7.33 4.00
C LYS A 47 1.27 -8.03 2.65
N TYR A 48 2.40 -8.32 2.01
CA TYR A 48 2.42 -8.88 0.66
C TYR A 48 3.51 -9.95 0.56
N ASP A 49 3.42 -10.78 -0.47
CA ASP A 49 4.41 -11.82 -0.75
C ASP A 49 5.44 -11.23 -1.74
N PRO A 50 6.69 -10.97 -1.31
CA PRO A 50 7.67 -10.20 -2.07
C PRO A 50 8.31 -11.02 -3.18
N GLU A 51 7.47 -11.49 -4.10
CA GLU A 51 7.80 -12.38 -5.21
C GLU A 51 6.58 -12.49 -6.12
N ILE A 52 5.39 -12.65 -5.53
CA ILE A 52 4.13 -12.56 -6.26
C ILE A 52 3.93 -11.11 -6.72
N ILE A 53 4.31 -10.15 -5.87
CA ILE A 53 4.29 -8.74 -6.22
C ILE A 53 5.45 -8.09 -5.47
N GLY A 54 6.19 -7.21 -6.13
CA GLY A 54 7.33 -6.52 -5.52
C GLY A 54 6.89 -5.20 -4.89
N PRO A 55 7.75 -4.60 -4.05
CA PRO A 55 7.51 -3.25 -3.54
C PRO A 55 7.30 -2.28 -4.70
N ARG A 56 8.18 -2.34 -5.71
CA ARG A 56 8.07 -1.50 -6.91
C ARG A 56 6.68 -1.60 -7.55
N ASP A 57 6.06 -2.78 -7.55
CA ASP A 57 4.74 -2.96 -8.14
C ASP A 57 3.69 -2.26 -7.29
N ILE A 58 3.74 -2.47 -5.97
CA ILE A 58 2.86 -1.77 -5.02
C ILE A 58 2.98 -0.25 -5.21
N ILE A 59 4.21 0.25 -5.21
CA ILE A 59 4.51 1.64 -5.51
C ILE A 59 3.86 2.03 -6.83
N HIS A 60 4.10 1.26 -7.89
CA HIS A 60 3.53 1.53 -9.19
C HIS A 60 2.00 1.62 -9.14
N THR A 61 1.34 0.76 -8.37
CA THR A 61 -0.11 0.84 -8.18
C THR A 61 -0.45 2.20 -7.55
N ILE A 62 0.13 2.49 -6.39
CA ILE A 62 -0.05 3.73 -5.66
C ILE A 62 0.08 4.96 -6.59
N GLU A 63 1.20 5.03 -7.32
CA GLU A 63 1.48 6.09 -8.27
C GLU A 63 0.41 6.13 -9.36
N SER A 64 0.20 5.00 -10.04
CA SER A 64 -0.73 4.89 -11.16
C SER A 64 -2.16 5.25 -10.75
N LEU A 65 -2.53 5.02 -9.48
CA LEU A 65 -3.85 5.40 -8.99
C LEU A 65 -3.95 6.92 -8.83
N GLY A 66 -3.32 7.48 -7.79
CA GLY A 66 -3.27 8.92 -7.64
C GLY A 66 -2.20 9.47 -6.68
N PHE A 67 -1.28 8.64 -6.15
CA PHE A 67 -0.76 8.88 -4.81
C PHE A 67 0.76 8.83 -4.77
N GLU A 68 1.34 9.45 -3.75
CA GLU A 68 2.77 9.33 -3.45
C GLU A 68 2.93 8.19 -2.45
N ALA A 69 4.16 7.73 -2.22
CA ALA A 69 4.48 6.89 -1.08
C ALA A 69 5.95 7.00 -0.71
N SER A 70 6.31 6.46 0.46
CA SER A 70 7.67 6.38 0.96
C SER A 70 7.76 5.19 1.92
N LEU A 71 8.68 4.26 1.69
CA LEU A 71 8.82 3.05 2.48
C LEU A 71 9.41 3.31 3.86
N VAL A 72 8.65 3.99 4.72
CA VAL A 72 9.10 4.36 6.05
C VAL A 72 9.39 3.12 6.91
N LYS A 73 8.43 2.17 7.01
CA LYS A 73 8.57 1.00 7.86
C LYS A 73 8.94 1.46 9.28
N ILE A 74 8.02 2.24 9.87
CA ILE A 74 8.29 3.07 11.02
C ILE A 74 8.64 2.28 12.28
N GLU A 75 7.86 1.24 12.59
CA GLU A 75 7.90 0.52 13.85
C GLU A 75 7.70 1.48 15.03
CU CU1 B . -10.03 11.27 -1.99
N MET A 1 6.59 -16.87 -0.25
CA MET A 1 7.04 -17.50 1.00
C MET A 1 6.44 -16.80 2.23
N GLY A 2 7.12 -15.79 2.77
CA GLY A 2 6.78 -15.20 4.06
C GLY A 2 5.90 -13.97 3.91
N ASP A 3 5.27 -13.54 5.01
CA ASP A 3 4.54 -12.27 5.06
C ASP A 3 5.54 -11.11 5.00
N GLY A 4 5.73 -10.56 3.81
CA GLY A 4 6.47 -9.33 3.63
C GLY A 4 5.64 -8.19 4.18
N VAL A 5 5.83 -7.89 5.47
CA VAL A 5 5.17 -6.77 6.12
C VAL A 5 5.90 -5.51 5.69
N LEU A 6 5.16 -4.48 5.28
CA LEU A 6 5.73 -3.17 4.99
C LEU A 6 4.69 -2.14 5.33
N GLU A 7 5.10 -0.99 5.88
CA GLU A 7 4.21 0.14 6.09
C GLU A 7 4.94 1.38 5.59
N LEU A 8 4.39 1.98 4.53
CA LEU A 8 4.95 3.16 3.91
C LEU A 8 3.91 4.28 3.90
N VAL A 9 4.36 5.54 3.89
CA VAL A 9 3.52 6.70 3.88
C VAL A 9 3.03 6.88 2.44
N VAL A 10 1.75 7.27 2.30
CA VAL A 10 1.07 7.51 1.05
C VAL A 10 0.36 8.86 1.23
N ARG A 11 1.02 9.93 0.81
CA ARG A 11 0.44 11.26 0.84
C ARG A 11 -0.49 11.45 -0.36
N GLY A 12 -1.42 12.39 -0.25
CA GLY A 12 -2.40 12.72 -1.28
C GLY A 12 -3.76 12.10 -1.00
N MET A 13 -3.88 11.26 0.04
CA MET A 13 -5.12 10.60 0.40
C MET A 13 -6.12 11.59 1.00
N THR A 14 -6.71 12.43 0.15
CA THR A 14 -7.50 13.55 0.60
C THR A 14 -8.85 13.17 1.23
N CYS A 15 -9.37 11.95 1.04
CA CYS A 15 -10.67 11.58 1.57
C CYS A 15 -10.86 10.06 1.56
N ALA A 16 -12.00 9.61 2.11
CA ALA A 16 -12.42 8.21 2.13
C ALA A 16 -12.30 7.56 0.76
N SER A 17 -12.63 8.31 -0.31
CA SER A 17 -12.49 7.85 -1.68
C SER A 17 -11.10 7.25 -1.88
N CYS A 18 -10.06 7.98 -1.45
CA CYS A 18 -8.69 7.54 -1.61
C CYS A 18 -8.45 6.24 -0.84
N VAL A 19 -8.91 6.17 0.41
CA VAL A 19 -8.77 4.98 1.23
C VAL A 19 -9.31 3.76 0.48
N HIS A 20 -10.62 3.72 0.19
CA HIS A 20 -11.18 2.51 -0.37
C HIS A 20 -10.71 2.27 -1.82
N LYS A 21 -10.44 3.34 -2.58
CA LYS A 21 -9.79 3.24 -3.89
C LYS A 21 -8.49 2.44 -3.74
N ILE A 22 -7.61 2.85 -2.82
CA ILE A 22 -6.37 2.12 -2.58
C ILE A 22 -6.68 0.69 -2.15
N GLU A 23 -7.41 0.49 -1.04
CA GLU A 23 -7.69 -0.86 -0.51
C GLU A 23 -8.20 -1.78 -1.63
N SER A 24 -9.27 -1.36 -2.30
CA SER A 24 -9.89 -2.11 -3.38
C SER A 24 -8.90 -2.44 -4.50
N SER A 25 -8.00 -1.50 -4.82
CA SER A 25 -7.00 -1.73 -5.85
C SER A 25 -5.97 -2.73 -5.36
N LEU A 26 -5.63 -2.65 -4.07
CA LEU A 26 -4.65 -3.50 -3.45
C LEU A 26 -5.14 -4.95 -3.41
N THR A 27 -6.26 -5.22 -2.71
CA THR A 27 -6.77 -6.57 -2.44
C THR A 27 -7.33 -7.23 -3.73
N LYS A 28 -6.42 -7.49 -4.67
CA LYS A 28 -6.72 -7.54 -6.09
C LYS A 28 -5.45 -7.94 -6.82
N HIS A 29 -4.29 -7.31 -6.52
CA HIS A 29 -3.03 -7.86 -6.98
C HIS A 29 -2.72 -9.10 -6.15
N ARG A 30 -3.15 -10.27 -6.59
CA ARG A 30 -2.86 -11.53 -5.91
C ARG A 30 -1.35 -11.65 -5.67
N GLY A 31 -0.94 -11.45 -4.43
CA GLY A 31 0.45 -11.19 -4.09
C GLY A 31 0.49 -10.32 -2.83
N ILE A 32 -0.36 -9.29 -2.77
CA ILE A 32 -0.67 -8.67 -1.49
C ILE A 32 -1.65 -9.63 -0.80
N LEU A 33 -1.37 -9.94 0.46
CA LEU A 33 -2.17 -10.82 1.29
C LEU A 33 -3.14 -9.96 2.10
N TYR A 34 -2.66 -8.83 2.64
CA TYR A 34 -3.48 -7.92 3.43
C TYR A 34 -2.97 -6.50 3.25
N CYS A 35 -3.85 -5.53 3.44
CA CYS A 35 -3.57 -4.11 3.38
C CYS A 35 -4.42 -3.40 4.42
N SER A 36 -3.93 -2.25 4.90
CA SER A 36 -4.65 -1.38 5.80
C SER A 36 -4.08 0.03 5.65
N VAL A 37 -4.59 0.72 4.63
CA VAL A 37 -4.31 2.10 4.34
C VAL A 37 -5.17 2.99 5.26
N ALA A 38 -4.76 4.23 5.57
CA ALA A 38 -5.62 5.14 6.32
C ALA A 38 -5.30 6.59 5.96
N LEU A 39 -6.31 7.40 5.64
CA LEU A 39 -6.12 8.84 5.48
C LEU A 39 -5.63 9.45 6.79
N ALA A 40 -6.08 8.89 7.93
CA ALA A 40 -5.73 9.34 9.27
C ALA A 40 -4.23 9.57 9.43
N THR A 41 -3.40 8.65 8.91
CA THR A 41 -1.94 8.77 8.97
C THR A 41 -1.32 8.75 7.58
N ASN A 42 -2.13 8.67 6.51
CA ASN A 42 -1.72 8.75 5.12
C ASN A 42 -0.59 7.75 4.89
N LYS A 43 -0.94 6.47 5.00
CA LYS A 43 -0.01 5.36 4.91
C LYS A 43 -0.73 4.20 4.26
N ALA A 44 0.04 3.19 3.85
CA ALA A 44 -0.39 1.86 3.46
C ALA A 44 0.43 0.90 4.30
N HIS A 45 -0.21 0.23 5.27
CA HIS A 45 0.32 -0.99 5.83
C HIS A 45 -0.07 -2.05 4.81
N ILE A 46 0.87 -2.90 4.43
CA ILE A 46 0.69 -3.97 3.49
C ILE A 46 1.43 -5.17 4.03
N LYS A 47 0.94 -6.33 3.68
CA LYS A 47 1.44 -7.61 4.08
C LYS A 47 1.34 -8.43 2.80
N TYR A 48 2.46 -8.59 2.09
CA TYR A 48 2.49 -9.16 0.76
C TYR A 48 3.53 -10.26 0.71
N ASP A 49 3.32 -11.28 -0.12
CA ASP A 49 4.33 -12.31 -0.33
C ASP A 49 5.34 -11.78 -1.36
N PRO A 50 6.62 -11.60 -1.00
CA PRO A 50 7.61 -11.13 -1.95
C PRO A 50 7.77 -12.12 -3.12
N GLU A 51 7.51 -13.41 -2.93
CA GLU A 51 7.75 -14.42 -3.96
C GLU A 51 6.62 -14.45 -4.99
N ILE A 52 6.14 -13.28 -5.42
CA ILE A 52 5.02 -13.10 -6.34
C ILE A 52 4.84 -11.62 -6.67
N ILE A 53 4.91 -10.71 -5.69
CA ILE A 53 4.81 -9.28 -5.93
C ILE A 53 5.95 -8.59 -5.17
N GLY A 54 6.77 -7.83 -5.87
CA GLY A 54 7.79 -7.00 -5.25
C GLY A 54 7.16 -5.76 -4.60
N PRO A 55 7.96 -4.97 -3.88
CA PRO A 55 7.48 -3.74 -3.26
C PRO A 55 7.09 -2.72 -4.34
N ARG A 56 8.02 -2.43 -5.26
CA ARG A 56 7.82 -1.42 -6.30
C ARG A 56 6.51 -1.66 -7.04
N ASP A 57 6.21 -2.91 -7.35
CA ASP A 57 5.00 -3.40 -7.98
C ASP A 57 3.77 -2.78 -7.30
N ILE A 58 3.73 -2.85 -5.97
CA ILE A 58 2.66 -2.24 -5.18
C ILE A 58 2.78 -0.71 -5.22
N ILE A 59 3.98 -0.16 -5.00
CA ILE A 59 4.18 1.29 -5.02
C ILE A 59 3.57 1.90 -6.30
N HIS A 60 3.85 1.30 -7.46
CA HIS A 60 3.28 1.64 -8.76
C HIS A 60 1.77 1.84 -8.66
N THR A 61 1.05 0.95 -7.97
CA THR A 61 -0.38 1.10 -7.81
C THR A 61 -0.67 2.43 -7.13
N ILE A 62 -0.06 2.64 -5.97
CA ILE A 62 -0.32 3.79 -5.14
C ILE A 62 -0.04 5.08 -5.92
N GLU A 63 1.16 5.20 -6.50
CA GLU A 63 1.51 6.42 -7.21
C GLU A 63 0.56 6.63 -8.40
N SER A 64 0.34 5.59 -9.21
CA SER A 64 -0.54 5.65 -10.36
C SER A 64 -1.95 6.10 -9.97
N LEU A 65 -2.53 5.50 -8.92
CA LEU A 65 -3.89 5.79 -8.50
C LEU A 65 -4.12 7.27 -8.25
N GLY A 66 -3.37 7.88 -7.32
CA GLY A 66 -3.52 9.31 -7.08
C GLY A 66 -2.37 10.00 -6.34
N PHE A 67 -1.30 9.29 -5.94
CA PHE A 67 -0.71 9.56 -4.64
C PHE A 67 0.81 9.71 -4.69
N GLU A 68 1.40 10.06 -3.54
CA GLU A 68 2.82 10.30 -3.38
C GLU A 68 3.33 9.41 -2.26
N ALA A 69 4.02 8.32 -2.60
CA ALA A 69 4.50 7.38 -1.59
C ALA A 69 5.84 7.81 -1.00
N SER A 70 6.16 7.32 0.20
CA SER A 70 7.49 7.36 0.80
C SER A 70 7.61 6.22 1.80
N LEU A 71 8.70 5.47 1.75
CA LEU A 71 9.07 4.60 2.86
C LEU A 71 9.23 5.45 4.14
N VAL A 72 9.06 4.81 5.30
CA VAL A 72 9.38 5.37 6.60
C VAL A 72 10.09 4.28 7.40
N LYS A 73 9.37 3.17 7.65
CA LYS A 73 9.84 2.00 8.38
C LYS A 73 10.10 2.30 9.86
N ILE A 74 11.09 3.14 10.16
CA ILE A 74 11.60 3.43 11.49
C ILE A 74 11.78 2.15 12.33
N GLU A 75 12.55 1.22 11.77
CA GLU A 75 13.11 0.06 12.42
C GLU A 75 14.52 -0.04 11.82
CU CU1 B . -9.96 11.21 -1.75
N MET A 1 9.15 -16.27 5.06
CA MET A 1 9.92 -15.18 5.66
C MET A 1 10.55 -14.37 4.52
N GLY A 2 10.37 -13.04 4.52
CA GLY A 2 10.62 -12.16 3.40
C GLY A 2 9.31 -11.41 3.16
N ASP A 3 8.25 -12.20 2.98
CA ASP A 3 6.95 -11.94 3.57
C ASP A 3 7.13 -11.54 5.04
N GLY A 4 6.20 -10.73 5.54
CA GLY A 4 6.22 -10.25 6.91
C GLY A 4 5.26 -9.08 7.05
N VAL A 5 5.64 -7.92 6.54
CA VAL A 5 4.79 -6.75 6.36
C VAL A 5 5.43 -5.88 5.28
N LEU A 6 4.71 -4.89 4.74
CA LEU A 6 5.31 -3.69 4.20
C LEU A 6 4.52 -2.50 4.74
N GLU A 7 5.23 -1.53 5.32
CA GLU A 7 4.66 -0.33 5.93
C GLU A 7 5.26 0.87 5.23
N LEU A 8 4.41 1.83 4.87
CA LEU A 8 4.82 3.03 4.19
C LEU A 8 3.86 4.16 4.52
N VAL A 9 4.31 5.40 4.38
CA VAL A 9 3.48 6.58 4.45
C VAL A 9 2.78 6.69 3.09
N VAL A 10 1.52 7.16 3.05
CA VAL A 10 0.77 7.43 1.85
C VAL A 10 0.23 8.86 1.93
N ARG A 11 0.30 9.61 0.83
CA ARG A 11 -0.24 10.95 0.71
C ARG A 11 -1.08 11.05 -0.57
N GLY A 12 -1.93 12.08 -0.66
CA GLY A 12 -2.80 12.29 -1.80
C GLY A 12 -4.21 11.72 -1.58
N MET A 13 -4.39 10.87 -0.56
CA MET A 13 -5.68 10.35 -0.18
C MET A 13 -6.56 11.46 0.41
N THR A 14 -7.13 12.30 -0.45
CA THR A 14 -7.87 13.46 0.00
C THR A 14 -9.21 13.11 0.66
N CYS A 15 -9.74 11.89 0.47
CA CYS A 15 -11.01 11.50 1.07
C CYS A 15 -11.16 9.98 1.09
N ALA A 16 -12.21 9.50 1.76
CA ALA A 16 -12.57 8.09 1.86
C ALA A 16 -12.55 7.41 0.49
N SER A 17 -13.06 8.10 -0.53
CA SER A 17 -13.11 7.60 -1.90
C SER A 17 -11.71 7.32 -2.45
N CYS A 18 -10.68 8.03 -2.01
CA CYS A 18 -9.30 7.62 -2.28
C CYS A 18 -8.96 6.39 -1.43
N VAL A 19 -9.12 6.53 -0.10
CA VAL A 19 -8.71 5.54 0.88
C VAL A 19 -9.10 4.12 0.43
N HIS A 20 -10.41 3.87 0.28
CA HIS A 20 -10.87 2.53 -0.05
C HIS A 20 -10.48 2.12 -1.47
N LYS A 21 -10.30 3.09 -2.37
CA LYS A 21 -9.94 2.83 -3.75
C LYS A 21 -8.54 2.25 -3.80
N ILE A 22 -7.60 2.77 -3.00
CA ILE A 22 -6.27 2.17 -2.92
C ILE A 22 -6.41 0.69 -2.56
N GLU A 23 -7.03 0.37 -1.41
CA GLU A 23 -7.19 -1.00 -0.95
C GLU A 23 -7.85 -1.87 -2.03
N SER A 24 -8.98 -1.39 -2.56
CA SER A 24 -9.73 -2.05 -3.62
C SER A 24 -8.84 -2.33 -4.84
N SER A 25 -7.92 -1.41 -5.17
CA SER A 25 -7.00 -1.62 -6.27
C SER A 25 -6.00 -2.70 -5.87
N LEU A 26 -5.30 -2.46 -4.76
CA LEU A 26 -4.23 -3.31 -4.29
C LEU A 26 -4.67 -4.77 -4.18
N THR A 27 -5.81 -5.05 -3.55
CA THR A 27 -6.25 -6.43 -3.37
C THR A 27 -6.38 -7.19 -4.69
N LYS A 28 -6.45 -6.50 -5.84
CA LYS A 28 -6.48 -7.15 -7.14
C LYS A 28 -5.17 -7.89 -7.45
N HIS A 29 -4.02 -7.42 -6.93
CA HIS A 29 -2.79 -8.18 -7.03
C HIS A 29 -2.84 -9.22 -5.89
N ARG A 30 -2.93 -10.50 -6.24
CA ARG A 30 -3.13 -11.56 -5.26
C ARG A 30 -2.04 -11.56 -4.17
N GLY A 31 -0.85 -11.04 -4.49
CA GLY A 31 0.25 -10.91 -3.55
C GLY A 31 -0.07 -10.01 -2.36
N ILE A 32 -1.05 -9.11 -2.47
CA ILE A 32 -1.50 -8.30 -1.34
C ILE A 32 -2.43 -9.18 -0.51
N LEU A 33 -1.90 -9.77 0.56
CA LEU A 33 -2.64 -10.71 1.41
C LEU A 33 -3.58 -9.92 2.32
N TYR A 34 -3.14 -8.73 2.75
CA TYR A 34 -4.00 -7.74 3.37
C TYR A 34 -3.45 -6.35 3.04
N CYS A 35 -4.32 -5.34 3.14
CA CYS A 35 -3.99 -3.93 3.00
C CYS A 35 -4.90 -3.15 3.95
N SER A 36 -4.31 -2.15 4.64
CA SER A 36 -5.03 -1.18 5.44
C SER A 36 -4.31 0.15 5.23
N VAL A 37 -4.92 1.08 4.50
CA VAL A 37 -4.43 2.44 4.40
C VAL A 37 -4.98 3.28 5.57
N ALA A 38 -4.50 4.51 5.74
CA ALA A 38 -5.28 5.58 6.35
C ALA A 38 -4.73 6.92 5.90
N LEU A 39 -5.61 7.89 5.65
CA LEU A 39 -5.22 9.29 5.48
C LEU A 39 -4.93 9.88 6.85
N ALA A 40 -5.73 9.50 7.85
CA ALA A 40 -5.65 10.03 9.21
C ALA A 40 -4.23 9.83 9.76
N THR A 41 -3.64 8.69 9.45
CA THR A 41 -2.30 8.30 9.87
C THR A 41 -1.36 8.26 8.68
N ASN A 42 -1.77 8.84 7.55
CA ASN A 42 -1.05 8.87 6.28
C ASN A 42 -0.21 7.64 6.03
N LYS A 43 -0.81 6.44 6.12
CA LYS A 43 -0.06 5.19 6.09
C LYS A 43 -0.70 4.21 5.13
N ALA A 44 0.07 3.14 4.88
CA ALA A 44 -0.47 1.84 4.52
C ALA A 44 0.34 0.76 5.21
N HIS A 45 -0.37 -0.21 5.77
CA HIS A 45 0.12 -1.47 6.29
C HIS A 45 -0.41 -2.51 5.32
N ILE A 46 0.50 -3.04 4.50
CA ILE A 46 0.24 -4.11 3.57
C ILE A 46 0.91 -5.34 4.16
N LYS A 47 0.29 -6.49 3.92
CA LYS A 47 0.84 -7.79 4.19
C LYS A 47 1.06 -8.44 2.83
N TYR A 48 2.27 -8.28 2.30
CA TYR A 48 2.64 -8.72 0.96
C TYR A 48 3.23 -10.14 0.94
N ASP A 49 3.04 -10.84 -0.19
CA ASP A 49 3.96 -11.85 -0.66
C ASP A 49 5.03 -11.14 -1.50
N PRO A 50 6.33 -11.33 -1.20
CA PRO A 50 7.41 -10.58 -1.80
C PRO A 50 7.71 -10.98 -3.25
N GLU A 51 7.28 -12.16 -3.69
CA GLU A 51 7.54 -12.65 -5.03
C GLU A 51 6.38 -12.27 -5.94
N ILE A 52 5.15 -12.48 -5.46
CA ILE A 52 3.95 -12.12 -6.21
C ILE A 52 3.86 -10.60 -6.34
N ILE A 53 4.26 -9.86 -5.30
CA ILE A 53 4.29 -8.41 -5.30
C ILE A 53 5.67 -7.99 -4.79
N GLY A 54 6.46 -7.32 -5.64
CA GLY A 54 7.68 -6.70 -5.17
C GLY A 54 7.30 -5.60 -4.17
N PRO A 55 8.17 -5.26 -3.21
CA PRO A 55 7.86 -4.25 -2.21
C PRO A 55 7.47 -2.92 -2.87
N ARG A 56 8.16 -2.58 -3.97
CA ARG A 56 7.87 -1.37 -4.72
C ARG A 56 6.49 -1.43 -5.41
N ASP A 57 5.93 -2.61 -5.70
CA ASP A 57 4.74 -2.67 -6.54
C ASP A 57 3.52 -2.02 -5.89
N ILE A 58 3.41 -2.14 -4.57
CA ILE A 58 2.40 -1.42 -3.81
C ILE A 58 2.52 0.08 -4.13
N ILE A 59 3.74 0.61 -4.08
CA ILE A 59 4.04 1.99 -4.40
C ILE A 59 3.70 2.26 -5.87
N HIS A 60 4.14 1.41 -6.81
CA HIS A 60 3.79 1.53 -8.22
C HIS A 60 2.28 1.71 -8.39
N THR A 61 1.48 0.92 -7.68
CA THR A 61 0.03 1.01 -7.79
C THR A 61 -0.44 2.37 -7.29
N ILE A 62 -0.09 2.70 -6.03
CA ILE A 62 -0.42 3.97 -5.40
C ILE A 62 -0.10 5.16 -6.34
N GLU A 63 1.11 5.17 -6.90
CA GLU A 63 1.56 6.13 -7.89
C GLU A 63 0.65 6.12 -9.12
N SER A 64 0.45 4.94 -9.72
CA SER A 64 -0.25 4.81 -10.99
C SER A 64 -1.68 5.33 -10.92
N LEU A 65 -2.33 5.25 -9.74
CA LEU A 65 -3.57 5.96 -9.52
C LEU A 65 -3.32 7.47 -9.48
N GLY A 66 -3.18 8.07 -8.30
CA GLY A 66 -2.86 9.49 -8.21
C GLY A 66 -2.30 9.87 -6.85
N PHE A 67 -1.50 9.00 -6.22
CA PHE A 67 -1.16 9.14 -4.81
C PHE A 67 0.34 8.99 -4.62
N GLU A 68 0.87 9.49 -3.50
CA GLU A 68 2.26 9.34 -3.14
C GLU A 68 2.39 8.21 -2.13
N ALA A 69 3.59 7.60 -2.05
CA ALA A 69 3.95 6.77 -0.92
C ALA A 69 5.43 6.92 -0.60
N SER A 70 5.84 6.51 0.62
CA SER A 70 7.23 6.50 1.04
C SER A 70 7.42 5.48 2.17
N LEU A 71 8.22 4.42 1.95
CA LEU A 71 8.56 3.43 2.98
C LEU A 71 9.51 4.04 4.02
N VAL A 72 9.01 5.01 4.78
CA VAL A 72 9.71 5.64 5.89
C VAL A 72 9.72 4.67 7.08
N LYS A 73 10.41 3.53 6.90
CA LYS A 73 10.45 2.41 7.82
C LYS A 73 11.91 2.04 8.05
N ILE A 74 12.24 1.71 9.30
CA ILE A 74 13.49 1.08 9.69
C ILE A 74 13.05 -0.17 10.45
N GLU A 75 13.64 -1.33 10.13
CA GLU A 75 13.22 -2.64 10.59
C GLU A 75 11.73 -2.85 10.30
CU CU1 B . -10.54 11.25 -2.36
N MET A 1 11.35 -16.08 0.42
CA MET A 1 11.18 -15.56 1.79
C MET A 1 9.94 -16.23 2.36
N GLY A 2 9.30 -15.66 3.37
CA GLY A 2 8.05 -16.13 3.94
C GLY A 2 7.38 -14.92 4.59
N ASP A 3 6.05 -14.95 4.74
CA ASP A 3 5.24 -13.78 5.05
C ASP A 3 5.60 -12.67 4.03
N GLY A 4 5.70 -11.43 4.47
CA GLY A 4 5.87 -10.26 3.62
C GLY A 4 4.95 -9.18 4.19
N VAL A 5 5.53 -8.24 4.92
CA VAL A 5 4.83 -7.11 5.50
C VAL A 5 5.60 -5.85 5.13
N LEU A 6 4.88 -4.81 4.69
CA LEU A 6 5.48 -3.54 4.33
C LEU A 6 4.50 -2.44 4.71
N GLU A 7 4.88 -1.61 5.69
CA GLU A 7 4.20 -0.35 5.92
C GLU A 7 4.91 0.77 5.19
N LEU A 8 4.11 1.58 4.50
CA LEU A 8 4.55 2.80 3.85
C LEU A 8 3.58 3.90 4.24
N VAL A 9 4.07 5.13 4.31
CA VAL A 9 3.25 6.32 4.29
C VAL A 9 2.90 6.57 2.83
N VAL A 10 1.67 7.03 2.58
CA VAL A 10 1.16 7.38 1.27
C VAL A 10 0.70 8.84 1.34
N ARG A 11 1.55 9.77 0.92
CA ARG A 11 1.26 11.21 0.96
C ARG A 11 0.39 11.60 -0.24
N GLY A 12 -0.80 10.99 -0.34
CA GLY A 12 -1.74 11.31 -1.39
C GLY A 12 -3.21 11.04 -1.03
N MET A 13 -3.50 10.56 0.19
CA MET A 13 -4.88 10.25 0.58
C MET A 13 -5.61 11.54 0.90
N THR A 14 -6.01 12.25 -0.15
CA THR A 14 -6.61 13.57 -0.05
C THR A 14 -8.07 13.53 0.41
N CYS A 15 -8.72 12.37 0.46
CA CYS A 15 -10.06 12.23 1.03
C CYS A 15 -10.31 10.77 1.36
N ALA A 16 -11.45 10.50 2.04
CA ALA A 16 -11.91 9.16 2.37
C ALA A 16 -11.80 8.22 1.18
N SER A 17 -12.23 8.69 -0.01
CA SER A 17 -12.25 7.89 -1.21
C SER A 17 -10.89 7.21 -1.44
N CYS A 18 -9.79 7.93 -1.20
CA CYS A 18 -8.47 7.41 -1.43
C CYS A 18 -8.20 6.14 -0.62
N VAL A 19 -8.74 6.04 0.61
CA VAL A 19 -8.49 4.92 1.51
C VAL A 19 -8.93 3.63 0.84
N HIS A 20 -10.24 3.47 0.64
CA HIS A 20 -10.79 2.28 0.03
C HIS A 20 -10.38 2.19 -1.44
N LYS A 21 -10.20 3.30 -2.16
CA LYS A 21 -9.66 3.27 -3.51
C LYS A 21 -8.33 2.52 -3.52
N ILE A 22 -7.37 2.91 -2.66
CA ILE A 22 -6.10 2.22 -2.56
C ILE A 22 -6.35 0.74 -2.29
N GLU A 23 -6.95 0.43 -1.14
CA GLU A 23 -7.06 -0.95 -0.73
C GLU A 23 -7.78 -1.77 -1.82
N SER A 24 -8.98 -1.35 -2.22
CA SER A 24 -9.76 -1.97 -3.28
C SER A 24 -8.94 -2.15 -4.57
N SER A 25 -8.18 -1.11 -4.97
CA SER A 25 -7.44 -1.16 -6.22
C SER A 25 -6.29 -2.15 -6.12
N LEU A 26 -5.70 -2.28 -4.93
CA LEU A 26 -4.69 -3.28 -4.68
C LEU A 26 -5.30 -4.69 -4.60
N THR A 27 -6.36 -4.90 -3.83
CA THR A 27 -6.81 -6.24 -3.44
C THR A 27 -7.17 -7.13 -4.64
N LYS A 28 -7.43 -6.54 -5.81
CA LYS A 28 -7.53 -7.29 -7.07
C LYS A 28 -6.32 -8.20 -7.33
N HIS A 29 -5.10 -7.76 -7.03
CA HIS A 29 -3.92 -8.64 -7.19
C HIS A 29 -4.08 -9.86 -6.28
N ARG A 30 -3.25 -10.88 -6.46
CA ARG A 30 -3.30 -12.10 -5.64
C ARG A 30 -2.07 -12.23 -4.73
N GLY A 31 -0.98 -11.52 -5.04
CA GLY A 31 0.20 -11.54 -4.18
C GLY A 31 -0.02 -10.76 -2.89
N ILE A 32 -0.96 -9.82 -2.87
CA ILE A 32 -1.31 -9.11 -1.65
C ILE A 32 -2.22 -9.99 -0.78
N LEU A 33 -2.25 -9.70 0.51
CA LEU A 33 -3.11 -10.33 1.49
C LEU A 33 -4.04 -9.29 2.12
N TYR A 34 -3.50 -8.13 2.53
CA TYR A 34 -4.27 -7.07 3.16
C TYR A 34 -3.55 -5.75 2.94
N CYS A 35 -4.26 -4.61 2.94
CA CYS A 35 -3.70 -3.28 2.77
C CYS A 35 -4.26 -2.35 3.86
N SER A 36 -3.75 -2.46 5.10
CA SER A 36 -4.35 -1.82 6.27
C SER A 36 -3.99 -0.33 6.28
N VAL A 37 -4.82 0.42 5.55
CA VAL A 37 -4.69 1.82 5.21
C VAL A 37 -5.36 2.73 6.25
N ALA A 38 -4.73 3.85 6.63
CA ALA A 38 -5.38 4.83 7.48
C ALA A 38 -4.91 6.25 7.17
N LEU A 39 -5.87 7.15 6.87
CA LEU A 39 -5.69 8.59 6.99
C LEU A 39 -5.07 8.93 8.35
N ALA A 40 -5.58 8.28 9.40
CA ALA A 40 -5.14 8.50 10.78
C ALA A 40 -3.62 8.46 10.96
N THR A 41 -2.87 7.78 10.07
CA THR A 41 -1.43 7.89 10.06
C THR A 41 -0.85 7.96 8.64
N ASN A 42 -1.66 8.42 7.68
CA ASN A 42 -1.35 8.53 6.25
C ASN A 42 -0.56 7.34 5.72
N LYS A 43 -0.97 6.11 6.05
CA LYS A 43 -0.17 4.93 5.74
C LYS A 43 -1.01 3.84 5.12
N ALA A 44 -0.32 2.82 4.62
CA ALA A 44 -0.89 1.53 4.28
C ALA A 44 0.07 0.42 4.67
N HIS A 45 -0.48 -0.57 5.39
CA HIS A 45 0.19 -1.78 5.82
C HIS A 45 -0.16 -2.88 4.82
N ILE A 46 0.73 -3.13 3.86
CA ILE A 46 0.55 -4.17 2.89
C ILE A 46 1.12 -5.44 3.51
N LYS A 47 0.25 -6.41 3.81
CA LYS A 47 0.65 -7.80 3.95
C LYS A 47 0.56 -8.40 2.56
N TYR A 48 1.57 -9.19 2.16
CA TYR A 48 1.74 -9.69 0.82
C TYR A 48 2.72 -10.85 0.84
N ASP A 49 2.90 -11.50 -0.32
CA ASP A 49 4.03 -12.36 -0.61
C ASP A 49 4.95 -11.61 -1.58
N PRO A 50 6.25 -11.45 -1.24
CA PRO A 50 7.17 -10.59 -1.98
C PRO A 50 7.62 -11.19 -3.32
N GLU A 51 7.25 -12.44 -3.61
CA GLU A 51 7.66 -13.16 -4.80
C GLU A 51 6.45 -13.29 -5.74
N ILE A 52 5.23 -13.45 -5.20
CA ILE A 52 4.01 -13.36 -5.98
C ILE A 52 3.74 -11.92 -6.42
N ILE A 53 4.11 -10.92 -5.62
CA ILE A 53 4.12 -9.55 -6.08
C ILE A 53 5.36 -8.87 -5.52
N GLY A 54 6.11 -8.21 -6.39
CA GLY A 54 7.40 -7.63 -6.06
C GLY A 54 7.25 -6.38 -5.19
N PRO A 55 8.38 -5.81 -4.75
CA PRO A 55 8.39 -4.68 -3.84
C PRO A 55 7.83 -3.41 -4.51
N ARG A 56 8.40 -2.98 -5.64
CA ARG A 56 7.92 -1.74 -6.25
C ARG A 56 6.50 -1.90 -6.74
N ASP A 57 6.07 -3.07 -7.21
CA ASP A 57 4.73 -3.34 -7.74
C ASP A 57 3.66 -2.56 -6.98
N ILE A 58 3.60 -2.77 -5.66
CA ILE A 58 2.75 -2.06 -4.73
C ILE A 58 2.92 -0.54 -4.90
N ILE A 59 4.16 -0.08 -4.70
CA ILE A 59 4.55 1.31 -4.77
C ILE A 59 4.05 1.90 -6.08
N HIS A 60 4.52 1.39 -7.22
CA HIS A 60 4.13 1.76 -8.56
C HIS A 60 2.61 1.78 -8.73
N THR A 61 1.86 0.88 -8.07
CA THR A 61 0.41 0.96 -8.15
C THR A 61 -0.06 2.26 -7.49
N ILE A 62 0.44 2.54 -6.28
CA ILE A 62 0.18 3.77 -5.56
C ILE A 62 0.60 5.00 -6.39
N GLU A 63 1.81 4.99 -6.97
CA GLU A 63 2.27 6.02 -7.90
C GLU A 63 1.22 6.22 -9.00
N SER A 64 0.92 5.13 -9.70
CA SER A 64 0.09 5.13 -10.90
C SER A 64 -1.36 5.53 -10.61
N LEU A 65 -1.86 5.30 -9.39
CA LEU A 65 -3.19 5.74 -9.01
C LEU A 65 -3.26 7.26 -9.00
N GLY A 66 -2.81 7.91 -7.92
CA GLY A 66 -2.69 9.36 -7.93
C GLY A 66 -1.76 9.90 -6.84
N PHE A 67 -0.80 9.10 -6.38
CA PHE A 67 -0.26 9.28 -5.03
C PHE A 67 1.27 9.23 -5.00
N GLU A 68 1.82 9.46 -3.80
CA GLU A 68 3.25 9.41 -3.50
C GLU A 68 3.36 8.48 -2.29
N ALA A 69 4.34 7.58 -2.30
CA ALA A 69 4.60 6.65 -1.21
C ALA A 69 6.00 6.85 -0.65
N SER A 70 6.22 6.49 0.62
CA SER A 70 7.55 6.44 1.22
C SER A 70 7.53 5.45 2.40
N LEU A 71 8.51 4.55 2.44
CA LEU A 71 8.62 3.48 3.43
C LEU A 71 9.17 4.05 4.74
N VAL A 72 8.49 5.04 5.31
CA VAL A 72 9.00 5.79 6.45
C VAL A 72 8.90 4.97 7.74
N LYS A 73 9.83 4.02 7.91
CA LYS A 73 9.96 3.27 9.15
C LYS A 73 10.20 4.21 10.34
N ILE A 74 10.81 5.37 10.09
CA ILE A 74 10.95 6.48 11.02
C ILE A 74 10.60 7.74 10.22
N GLU A 75 10.05 8.76 10.88
CA GLU A 75 10.07 10.16 10.47
C GLU A 75 10.53 10.91 11.71
CU CU1 B . -9.53 10.97 -2.14
N MET A 1 4.19 -18.14 4.73
CA MET A 1 5.10 -18.99 3.95
C MET A 1 6.22 -18.06 3.47
N GLY A 2 6.08 -17.53 2.26
CA GLY A 2 6.39 -16.12 2.09
C GLY A 2 5.37 -15.31 2.91
N ASP A 3 5.70 -14.06 3.20
CA ASP A 3 4.89 -13.06 3.88
C ASP A 3 5.78 -11.80 3.95
N GLY A 4 5.25 -10.69 4.44
CA GLY A 4 6.02 -9.49 4.66
C GLY A 4 5.14 -8.41 5.26
N VAL A 5 5.68 -7.20 5.39
CA VAL A 5 4.93 -6.02 5.79
C VAL A 5 5.50 -4.81 5.04
N LEU A 6 4.94 -4.52 3.87
CA LEU A 6 5.25 -3.30 3.14
C LEU A 6 4.42 -2.20 3.83
N GLU A 7 4.98 -1.74 4.95
CA GLU A 7 4.53 -0.55 5.66
C GLU A 7 5.19 0.66 5.04
N LEU A 8 4.38 1.63 4.60
CA LEU A 8 4.87 2.86 4.01
C LEU A 8 3.85 3.98 4.19
N VAL A 9 4.31 5.23 4.12
CA VAL A 9 3.45 6.40 4.06
C VAL A 9 2.98 6.51 2.61
N VAL A 10 1.66 6.36 2.42
CA VAL A 10 0.97 6.46 1.15
C VAL A 10 0.52 7.91 1.04
N ARG A 11 1.47 8.80 0.78
CA ARG A 11 1.24 10.21 0.92
C ARG A 11 0.41 10.63 -0.30
N GLY A 12 -0.91 10.79 -0.14
CA GLY A 12 -1.72 11.19 -1.28
C GLY A 12 -3.22 11.06 -1.04
N MET A 13 -3.65 9.95 -0.42
CA MET A 13 -5.06 9.63 -0.26
C MET A 13 -5.84 10.62 0.62
N THR A 14 -6.15 11.79 0.04
CA THR A 14 -6.61 12.94 0.79
C THR A 14 -8.01 12.80 1.38
N CYS A 15 -8.82 11.81 0.99
CA CYS A 15 -10.15 11.60 1.54
C CYS A 15 -10.55 10.14 1.41
N ALA A 16 -11.66 9.78 2.05
CA ALA A 16 -12.24 8.44 2.03
C ALA A 16 -12.26 7.86 0.63
N SER A 17 -12.69 8.67 -0.34
CA SER A 17 -12.76 8.32 -1.75
C SER A 17 -11.42 7.83 -2.30
N CYS A 18 -10.31 8.43 -1.87
CA CYS A 18 -8.99 7.91 -2.17
C CYS A 18 -8.74 6.64 -1.35
N VAL A 19 -8.87 6.73 -0.03
CA VAL A 19 -8.53 5.66 0.91
C VAL A 19 -9.12 4.33 0.43
N HIS A 20 -10.45 4.24 0.31
CA HIS A 20 -11.08 2.98 -0.04
C HIS A 20 -10.76 2.55 -1.47
N LYS A 21 -10.42 3.50 -2.35
CA LYS A 21 -9.98 3.21 -3.70
C LYS A 21 -8.62 2.52 -3.63
N ILE A 22 -7.67 3.05 -2.86
CA ILE A 22 -6.40 2.36 -2.65
C ILE A 22 -6.66 0.97 -2.06
N GLU A 23 -7.35 0.90 -0.92
CA GLU A 23 -7.59 -0.36 -0.21
C GLU A 23 -8.21 -1.39 -1.14
N SER A 24 -9.29 -1.00 -1.84
CA SER A 24 -9.87 -1.88 -2.83
C SER A 24 -8.82 -2.25 -3.87
N SER A 25 -8.12 -1.29 -4.48
CA SER A 25 -7.25 -1.55 -5.62
C SER A 25 -6.23 -2.61 -5.22
N LEU A 26 -5.66 -2.44 -4.04
CA LEU A 26 -4.75 -3.40 -3.47
C LEU A 26 -5.37 -4.79 -3.38
N THR A 27 -6.54 -4.92 -2.75
CA THR A 27 -7.22 -6.23 -2.65
C THR A 27 -7.49 -6.89 -4.01
N LYS A 28 -7.32 -6.18 -5.14
CA LYS A 28 -7.43 -6.79 -6.45
C LYS A 28 -6.24 -7.69 -6.74
N HIS A 29 -5.05 -7.34 -6.22
CA HIS A 29 -3.88 -8.20 -6.38
C HIS A 29 -3.96 -9.33 -5.36
N ARG A 30 -3.42 -10.50 -5.72
CA ARG A 30 -3.35 -11.65 -4.82
C ARG A 30 -2.00 -11.72 -4.11
N GLY A 31 -0.96 -11.12 -4.69
CA GLY A 31 0.38 -11.12 -4.11
C GLY A 31 0.47 -10.25 -2.86
N ILE A 32 -0.47 -9.30 -2.68
CA ILE A 32 -0.67 -8.66 -1.39
C ILE A 32 -1.59 -9.60 -0.60
N LEU A 33 -1.19 -9.96 0.63
CA LEU A 33 -2.02 -10.79 1.50
C LEU A 33 -3.09 -9.92 2.16
N TYR A 34 -2.74 -8.68 2.54
CA TYR A 34 -3.64 -7.81 3.27
C TYR A 34 -3.21 -6.39 3.01
N CYS A 35 -4.15 -5.44 3.10
CA CYS A 35 -3.83 -4.03 3.11
C CYS A 35 -4.71 -3.31 4.13
N SER A 36 -4.17 -2.27 4.76
CA SER A 36 -4.87 -1.38 5.65
C SER A 36 -4.28 0.02 5.45
N VAL A 37 -5.02 0.90 4.76
CA VAL A 37 -4.64 2.30 4.59
C VAL A 37 -5.22 3.15 5.71
N ALA A 38 -4.65 4.33 5.95
CA ALA A 38 -5.31 5.35 6.75
C ALA A 38 -4.79 6.74 6.40
N LEU A 39 -5.70 7.67 6.14
CA LEU A 39 -5.37 9.08 6.08
C LEU A 39 -4.99 9.64 7.46
N ALA A 40 -5.43 9.01 8.55
CA ALA A 40 -5.05 9.40 9.89
C ALA A 40 -3.52 9.44 10.01
N THR A 41 -2.87 8.38 9.54
CA THR A 41 -1.42 8.25 9.55
C THR A 41 -0.81 8.64 8.20
N ASN A 42 -1.61 8.69 7.13
CA ASN A 42 -1.15 8.68 5.73
C ASN A 42 -0.35 7.40 5.47
N LYS A 43 -0.77 6.27 6.05
CA LYS A 43 -0.02 5.02 5.97
C LYS A 43 -0.77 4.02 5.13
N ALA A 44 -0.03 3.01 4.67
CA ALA A 44 -0.54 1.74 4.24
C ALA A 44 0.32 0.66 4.85
N HIS A 45 -0.31 -0.23 5.61
CA HIS A 45 0.27 -1.49 6.06
C HIS A 45 -0.22 -2.51 5.06
N ILE A 46 0.68 -3.00 4.20
CA ILE A 46 0.36 -3.96 3.16
C ILE A 46 1.19 -5.21 3.41
N LYS A 47 0.58 -6.27 3.92
CA LYS A 47 1.27 -7.53 4.05
C LYS A 47 1.25 -8.20 2.68
N TYR A 48 2.37 -8.81 2.28
CA TYR A 48 2.64 -9.09 0.88
C TYR A 48 3.69 -10.19 0.75
N ASP A 49 3.59 -10.99 -0.31
CA ASP A 49 4.63 -11.92 -0.71
C ASP A 49 5.59 -11.13 -1.60
N PRO A 50 6.78 -10.74 -1.09
CA PRO A 50 7.61 -9.73 -1.72
C PRO A 50 8.03 -10.16 -3.13
N GLU A 51 8.64 -11.35 -3.21
CA GLU A 51 9.12 -11.96 -4.44
C GLU A 51 8.02 -12.03 -5.51
N ILE A 52 6.81 -12.45 -5.11
CA ILE A 52 5.73 -12.69 -6.04
C ILE A 52 5.17 -11.37 -6.57
N ILE A 53 4.91 -10.40 -5.68
CA ILE A 53 4.20 -9.19 -6.09
C ILE A 53 5.19 -8.13 -6.57
N GLY A 54 6.26 -7.88 -5.80
CA GLY A 54 7.17 -6.78 -6.02
C GLY A 54 6.76 -5.56 -5.18
N PRO A 55 7.56 -5.10 -4.20
CA PRO A 55 7.27 -3.87 -3.47
C PRO A 55 7.21 -2.69 -4.46
N ARG A 56 8.14 -2.71 -5.43
CA ARG A 56 8.10 -1.91 -6.64
C ARG A 56 6.67 -1.77 -7.17
N ASP A 57 5.99 -2.90 -7.36
CA ASP A 57 4.67 -2.96 -7.95
C ASP A 57 3.57 -2.48 -7.02
N ILE A 58 3.68 -2.74 -5.72
CA ILE A 58 2.82 -2.05 -4.75
C ILE A 58 2.94 -0.54 -4.94
N ILE A 59 4.17 -0.03 -5.02
CA ILE A 59 4.40 1.38 -5.28
C ILE A 59 3.76 1.75 -6.62
N HIS A 60 3.98 0.96 -7.69
CA HIS A 60 3.32 1.19 -8.97
C HIS A 60 1.81 1.34 -8.78
N THR A 61 1.16 0.53 -7.94
CA THR A 61 -0.28 0.68 -7.73
C THR A 61 -0.57 2.08 -7.17
N ILE A 62 0.09 2.43 -6.07
CA ILE A 62 -0.05 3.71 -5.40
C ILE A 62 0.14 4.90 -6.37
N GLU A 63 1.24 4.89 -7.13
CA GLU A 63 1.57 5.89 -8.13
C GLU A 63 0.48 5.93 -9.20
N SER A 64 0.23 4.79 -9.85
CA SER A 64 -0.70 4.64 -10.95
C SER A 64 -2.08 5.19 -10.57
N LEU A 65 -2.54 4.89 -9.35
CA LEU A 65 -3.78 5.44 -8.86
C LEU A 65 -3.70 6.96 -8.77
N GLY A 66 -2.92 7.49 -7.81
CA GLY A 66 -2.82 8.93 -7.65
C GLY A 66 -1.62 9.48 -6.86
N PHE A 67 -0.85 8.64 -6.17
CA PHE A 67 -0.40 9.00 -4.82
C PHE A 67 1.09 8.74 -4.64
N GLU A 68 1.71 9.44 -3.68
CA GLU A 68 3.14 9.30 -3.36
C GLU A 68 3.32 8.06 -2.48
N ALA A 69 4.54 7.52 -2.44
CA ALA A 69 4.94 6.44 -1.53
C ALA A 69 6.23 6.83 -0.82
N SER A 70 6.37 6.48 0.46
CA SER A 70 7.63 6.60 1.20
C SER A 70 7.66 5.58 2.34
N LEU A 71 8.50 4.55 2.25
CA LEU A 71 8.67 3.56 3.32
C LEU A 71 9.11 4.26 4.61
N VAL A 72 8.43 3.94 5.73
CA VAL A 72 8.75 4.48 7.05
C VAL A 72 9.31 3.34 7.89
N LYS A 73 8.46 2.66 8.69
CA LYS A 73 8.84 1.61 9.64
C LYS A 73 9.61 2.17 10.85
N ILE A 74 10.69 2.91 10.60
CA ILE A 74 11.38 3.70 11.60
C ILE A 74 11.41 5.16 11.14
N GLU A 75 11.74 6.07 12.05
CA GLU A 75 11.93 7.49 11.86
C GLU A 75 13.07 7.85 12.80
CU CU1 B . -9.76 11.71 -2.00
N MET A 1 5.25 -16.63 6.50
CA MET A 1 6.67 -16.95 6.29
C MET A 1 7.21 -16.13 5.11
N GLY A 2 6.88 -16.52 3.88
CA GLY A 2 7.15 -15.71 2.71
C GLY A 2 6.16 -14.54 2.65
N ASP A 3 6.27 -13.62 3.61
CA ASP A 3 5.41 -12.44 3.73
C ASP A 3 6.21 -11.31 4.37
N GLY A 4 5.78 -10.07 4.13
CA GLY A 4 6.38 -8.88 4.68
C GLY A 4 5.30 -7.84 4.99
N VAL A 5 5.64 -6.84 5.80
CA VAL A 5 4.79 -5.74 6.22
C VAL A 5 5.29 -4.45 5.55
N LEU A 6 4.63 -4.02 4.48
CA LEU A 6 4.94 -2.75 3.83
C LEU A 6 4.12 -1.67 4.51
N GLU A 7 4.78 -0.84 5.32
CA GLU A 7 4.17 0.29 6.00
C GLU A 7 4.66 1.57 5.32
N LEU A 8 3.78 2.15 4.51
CA LEU A 8 4.03 3.40 3.80
C LEU A 8 3.24 4.50 4.47
N VAL A 9 3.77 5.73 4.53
CA VAL A 9 2.96 6.93 4.56
C VAL A 9 2.53 7.14 3.10
N VAL A 10 1.23 7.31 2.85
CA VAL A 10 0.65 7.50 1.54
C VAL A 10 0.36 8.99 1.37
N ARG A 11 1.38 9.72 0.94
CA ARG A 11 1.42 11.17 0.92
C ARG A 11 0.70 11.68 -0.34
N GLY A 12 -0.57 11.34 -0.53
CA GLY A 12 -1.27 11.69 -1.74
C GLY A 12 -2.78 11.44 -1.66
N MET A 13 -3.18 10.29 -1.11
CA MET A 13 -4.59 9.98 -0.93
C MET A 13 -5.21 11.06 -0.04
N THR A 14 -6.36 11.59 -0.46
CA THR A 14 -7.02 12.68 0.23
C THR A 14 -8.06 12.14 1.20
N CYS A 15 -9.02 11.37 0.69
CA CYS A 15 -10.29 11.11 1.35
C CYS A 15 -10.66 9.62 1.32
N ALA A 16 -11.79 9.29 1.96
CA ALA A 16 -12.36 7.95 2.00
C ALA A 16 -12.38 7.30 0.62
N SER A 17 -12.75 8.08 -0.40
CA SER A 17 -12.76 7.62 -1.79
C SER A 17 -11.38 7.07 -2.16
N CYS A 18 -10.32 7.83 -1.85
CA CYS A 18 -8.96 7.41 -2.13
C CYS A 18 -8.57 6.20 -1.27
N VAL A 19 -8.96 6.21 0.01
CA VAL A 19 -8.70 5.08 0.90
C VAL A 19 -9.25 3.78 0.30
N HIS A 20 -10.57 3.66 0.09
CA HIS A 20 -11.11 2.39 -0.40
C HIS A 20 -10.74 2.13 -1.86
N LYS A 21 -10.49 3.17 -2.66
CA LYS A 21 -9.87 3.03 -3.97
C LYS A 21 -8.53 2.28 -3.84
N ILE A 22 -7.64 2.72 -2.95
CA ILE A 22 -6.38 2.01 -2.69
C ILE A 22 -6.71 0.55 -2.37
N GLU A 23 -7.43 0.30 -1.27
CA GLU A 23 -7.62 -1.07 -0.81
C GLU A 23 -8.25 -1.95 -1.89
N SER A 24 -9.36 -1.50 -2.48
CA SER A 24 -9.98 -2.27 -3.54
C SER A 24 -9.00 -2.50 -4.68
N SER A 25 -8.24 -1.50 -5.11
CA SER A 25 -7.36 -1.67 -6.26
C SER A 25 -6.32 -2.73 -5.91
N LEU A 26 -5.60 -2.49 -4.81
CA LEU A 26 -4.52 -3.34 -4.38
C LEU A 26 -4.97 -4.77 -4.13
N THR A 27 -6.10 -4.98 -3.45
CA THR A 27 -6.59 -6.32 -3.14
C THR A 27 -6.82 -7.18 -4.38
N LYS A 28 -6.91 -6.60 -5.57
CA LYS A 28 -6.99 -7.40 -6.78
C LYS A 28 -5.68 -8.18 -7.01
N HIS A 29 -4.54 -7.67 -6.55
CA HIS A 29 -3.29 -8.39 -6.71
C HIS A 29 -3.15 -9.42 -5.58
N ARG A 30 -3.36 -10.70 -5.86
CA ARG A 30 -3.27 -11.76 -4.84
C ARG A 30 -1.90 -11.80 -4.13
N GLY A 31 -0.87 -11.18 -4.71
CA GLY A 31 0.41 -11.04 -4.05
C GLY A 31 0.31 -10.18 -2.78
N ILE A 32 -0.65 -9.24 -2.69
CA ILE A 32 -0.93 -8.58 -1.43
C ILE A 32 -1.89 -9.46 -0.63
N LEU A 33 -1.72 -9.45 0.69
CA LEU A 33 -2.35 -10.38 1.61
C LEU A 33 -3.40 -9.64 2.44
N TYR A 34 -3.10 -8.41 2.85
CA TYR A 34 -4.03 -7.57 3.59
C TYR A 34 -3.63 -6.11 3.35
N CYS A 35 -4.62 -5.22 3.38
CA CYS A 35 -4.41 -3.78 3.30
C CYS A 35 -5.09 -3.14 4.51
N SER A 36 -4.52 -2.05 5.01
CA SER A 36 -5.09 -1.21 6.05
C SER A 36 -4.54 0.21 5.91
N VAL A 37 -5.17 1.01 5.06
CA VAL A 37 -4.88 2.44 4.93
C VAL A 37 -5.54 3.24 6.06
N ALA A 38 -5.02 4.43 6.34
CA ALA A 38 -5.58 5.33 7.34
C ALA A 38 -5.21 6.76 7.01
N LEU A 39 -6.13 7.68 7.30
CA LEU A 39 -5.92 9.11 7.26
C LEU A 39 -5.34 9.56 8.59
N ALA A 40 -5.86 8.99 9.69
CA ALA A 40 -5.43 9.28 11.05
C ALA A 40 -3.94 9.05 11.28
N THR A 41 -3.27 8.34 10.37
CA THR A 41 -1.82 8.20 10.40
C THR A 41 -1.25 8.25 8.97
N ASN A 42 -2.02 8.80 8.02
CA ASN A 42 -1.68 8.98 6.60
C ASN A 42 -0.89 7.82 6.02
N LYS A 43 -1.30 6.58 6.26
CA LYS A 43 -0.47 5.41 6.03
C LYS A 43 -1.22 4.33 5.32
N ALA A 44 -0.47 3.31 4.92
CA ALA A 44 -0.91 2.06 4.33
C ALA A 44 -0.04 0.97 4.94
N HIS A 45 -0.63 0.17 5.81
CA HIS A 45 -0.04 -1.12 6.17
C HIS A 45 -0.59 -2.10 5.13
N ILE A 46 0.29 -2.63 4.30
CA ILE A 46 0.00 -3.59 3.27
C ILE A 46 0.88 -4.80 3.57
N LYS A 47 0.26 -5.90 3.96
CA LYS A 47 0.93 -7.17 4.10
C LYS A 47 1.04 -7.77 2.70
N TYR A 48 2.21 -8.28 2.34
CA TYR A 48 2.48 -8.69 0.96
C TYR A 48 3.44 -9.86 0.91
N ASP A 49 3.30 -10.70 -0.13
CA ASP A 49 4.25 -11.72 -0.51
C ASP A 49 5.37 -11.03 -1.32
N PRO A 50 6.61 -11.00 -0.81
CA PRO A 50 7.70 -10.28 -1.44
C PRO A 50 8.22 -10.96 -2.71
N GLU A 51 7.84 -12.22 -2.97
CA GLU A 51 8.27 -12.96 -4.14
C GLU A 51 7.27 -12.68 -5.27
N ILE A 52 5.97 -12.74 -4.96
CA ILE A 52 4.92 -12.48 -5.93
C ILE A 52 4.86 -10.98 -6.28
N ILE A 53 4.97 -10.10 -5.29
CA ILE A 53 4.85 -8.66 -5.44
C ILE A 53 6.15 -8.07 -4.86
N GLY A 54 6.96 -7.43 -5.69
CA GLY A 54 8.09 -6.68 -5.17
C GLY A 54 7.55 -5.53 -4.32
N PRO A 55 8.26 -5.10 -3.27
CA PRO A 55 7.80 -3.99 -2.45
C PRO A 55 7.60 -2.74 -3.32
N ARG A 56 8.53 -2.52 -4.25
CA ARG A 56 8.45 -1.45 -5.23
C ARG A 56 7.16 -1.53 -6.06
N ASP A 57 6.56 -2.71 -6.27
CA ASP A 57 5.38 -2.86 -7.10
C ASP A 57 4.14 -2.29 -6.43
N ILE A 58 4.00 -2.48 -5.12
CA ILE A 58 2.95 -1.81 -4.36
C ILE A 58 3.09 -0.30 -4.56
N ILE A 59 4.31 0.21 -4.42
CA ILE A 59 4.57 1.61 -4.64
C ILE A 59 4.24 2.00 -6.09
N HIS A 60 4.66 1.21 -7.10
CA HIS A 60 4.27 1.41 -8.49
C HIS A 60 2.75 1.55 -8.60
N THR A 61 2.00 0.70 -7.89
CA THR A 61 0.56 0.72 -7.97
C THR A 61 0.06 2.05 -7.41
N ILE A 62 0.45 2.37 -6.18
CA ILE A 62 0.11 3.62 -5.50
C ILE A 62 0.38 4.83 -6.42
N GLU A 63 1.61 4.93 -6.95
CA GLU A 63 1.99 5.94 -7.93
C GLU A 63 1.01 5.93 -9.10
N SER A 64 0.80 4.76 -9.71
CA SER A 64 0.00 4.60 -10.91
C SER A 64 -1.47 4.97 -10.69
N LEU A 65 -2.01 4.88 -9.48
CA LEU A 65 -3.35 5.38 -9.22
C LEU A 65 -3.37 6.91 -9.31
N GLY A 66 -3.16 7.63 -8.21
CA GLY A 66 -3.04 9.08 -8.26
C GLY A 66 -2.35 9.63 -7.02
N PHE A 67 -1.30 8.96 -6.53
CA PHE A 67 -0.80 9.14 -5.17
C PHE A 67 0.73 9.16 -5.17
N GLU A 68 1.32 9.40 -4.00
CA GLU A 68 2.74 9.21 -3.74
C GLU A 68 2.86 8.46 -2.41
N ALA A 69 4.04 7.91 -2.12
CA ALA A 69 4.33 7.20 -0.88
C ALA A 69 5.71 7.55 -0.32
N SER A 70 5.96 7.17 0.93
CA SER A 70 7.29 7.04 1.51
C SER A 70 7.18 5.95 2.59
N LEU A 71 8.27 5.27 2.95
CA LEU A 71 8.24 4.24 3.98
C LEU A 71 8.05 4.91 5.35
N VAL A 72 7.31 4.27 6.26
CA VAL A 72 7.13 4.77 7.62
C VAL A 72 8.46 4.62 8.38
N LYS A 73 8.88 3.36 8.59
CA LYS A 73 10.17 3.05 9.17
C LYS A 73 11.22 3.04 8.06
N ILE A 74 12.50 3.07 8.43
CA ILE A 74 13.55 2.66 7.50
C ILE A 74 13.36 1.16 7.25
N GLU A 75 13.23 0.77 5.97
CA GLU A 75 12.95 -0.59 5.55
C GLU A 75 11.62 -1.09 6.15
CU CU1 B . -10.09 11.06 -2.28
N MET A 1 13.21 -9.61 2.02
CA MET A 1 13.44 -11.04 1.83
C MET A 1 12.10 -11.76 1.94
N GLY A 2 11.87 -12.58 2.97
CA GLY A 2 10.54 -13.07 3.28
C GLY A 2 9.72 -11.96 3.94
N ASP A 3 9.46 -10.89 3.18
CA ASP A 3 8.90 -9.63 3.69
C ASP A 3 7.66 -9.89 4.53
N GLY A 4 6.64 -10.49 3.92
CA GLY A 4 5.38 -10.79 4.57
C GLY A 4 4.54 -9.52 4.72
N VAL A 5 5.03 -8.56 5.51
CA VAL A 5 4.37 -7.31 5.86
C VAL A 5 5.20 -6.12 5.39
N LEU A 6 4.55 -5.12 4.78
CA LEU A 6 5.17 -3.90 4.35
C LEU A 6 4.17 -2.75 4.47
N GLU A 7 4.42 -1.81 5.38
CA GLU A 7 3.63 -0.60 5.51
C GLU A 7 4.38 0.58 4.94
N LEU A 8 3.85 1.13 3.86
CA LEU A 8 4.33 2.37 3.27
C LEU A 8 3.63 3.54 3.97
N VAL A 9 4.22 4.73 3.94
CA VAL A 9 3.47 5.97 3.92
C VAL A 9 3.00 6.15 2.48
N VAL A 10 1.77 6.65 2.28
CA VAL A 10 1.15 6.94 1.01
C VAL A 10 0.49 8.31 1.14
N ARG A 11 0.98 9.31 0.41
CA ARG A 11 0.45 10.67 0.40
C ARG A 11 -0.23 10.97 -0.94
N GLY A 12 -0.92 12.11 -1.03
CA GLY A 12 -1.73 12.47 -2.18
C GLY A 12 -3.17 12.01 -2.00
N MET A 13 -3.39 10.76 -1.56
CA MET A 13 -4.73 10.18 -1.40
C MET A 13 -5.63 11.08 -0.55
N THR A 14 -5.08 11.56 0.56
CA THR A 14 -5.71 12.46 1.53
C THR A 14 -7.00 11.92 2.19
N CYS A 15 -8.09 11.69 1.44
CA CYS A 15 -9.43 11.52 1.98
C CYS A 15 -9.96 10.09 1.87
N ALA A 16 -10.99 9.80 2.67
CA ALA A 16 -11.66 8.51 2.74
C ALA A 16 -11.89 7.91 1.36
N SER A 17 -12.41 8.72 0.43
CA SER A 17 -12.71 8.36 -0.94
C SER A 17 -11.50 7.71 -1.61
N CYS A 18 -10.32 8.33 -1.49
CA CYS A 18 -9.11 7.73 -2.04
C CYS A 18 -8.66 6.54 -1.20
N VAL A 19 -8.71 6.66 0.13
CA VAL A 19 -8.30 5.58 1.02
C VAL A 19 -9.04 4.28 0.66
N HIS A 20 -10.36 4.22 0.77
CA HIS A 20 -11.05 2.94 0.57
C HIS A 20 -10.96 2.48 -0.89
N LYS A 21 -10.85 3.42 -1.84
CA LYS A 21 -10.54 3.12 -3.23
C LYS A 21 -9.21 2.36 -3.31
N ILE A 22 -8.13 2.91 -2.75
CA ILE A 22 -6.83 2.27 -2.73
C ILE A 22 -6.97 0.89 -2.09
N GLU A 23 -7.56 0.82 -0.89
CA GLU A 23 -7.75 -0.42 -0.15
C GLU A 23 -8.40 -1.48 -1.05
N SER A 24 -9.60 -1.15 -1.54
CA SER A 24 -10.35 -2.02 -2.43
C SER A 24 -9.49 -2.42 -3.63
N SER A 25 -8.80 -1.46 -4.26
CA SER A 25 -7.99 -1.69 -5.45
C SER A 25 -6.94 -2.74 -5.12
N LEU A 26 -6.18 -2.50 -4.06
CA LEU A 26 -5.15 -3.41 -3.59
C LEU A 26 -5.70 -4.83 -3.44
N THR A 27 -6.84 -4.99 -2.77
CA THR A 27 -7.40 -6.31 -2.56
C THR A 27 -7.70 -7.05 -3.87
N LYS A 28 -7.89 -6.33 -4.99
CA LYS A 28 -8.05 -6.99 -6.29
C LYS A 28 -6.77 -7.73 -6.68
N HIS A 29 -5.59 -7.23 -6.29
CA HIS A 29 -4.33 -7.90 -6.59
C HIS A 29 -4.41 -9.34 -6.06
N ARG A 30 -3.82 -10.29 -6.79
CA ARG A 30 -3.50 -11.59 -6.26
C ARG A 30 -2.09 -11.48 -5.69
N GLY A 31 -1.71 -12.40 -4.79
CA GLY A 31 -0.39 -12.37 -4.17
C GLY A 31 -0.32 -11.48 -2.94
N ILE A 32 -1.30 -10.59 -2.74
CA ILE A 32 -1.44 -9.84 -1.51
C ILE A 32 -2.08 -10.76 -0.47
N LEU A 33 -1.61 -10.66 0.77
CA LEU A 33 -2.17 -11.30 1.94
C LEU A 33 -3.28 -10.40 2.51
N TYR A 34 -2.99 -9.10 2.65
CA TYR A 34 -3.92 -8.15 3.26
C TYR A 34 -3.55 -6.76 2.75
N CYS A 35 -4.49 -5.82 2.79
CA CYS A 35 -4.18 -4.40 2.72
C CYS A 35 -5.00 -3.69 3.80
N SER A 36 -4.50 -2.57 4.32
CA SER A 36 -5.33 -1.53 4.87
C SER A 36 -4.60 -0.20 4.79
N VAL A 37 -5.34 0.89 4.58
CA VAL A 37 -4.82 2.23 4.40
C VAL A 37 -5.49 3.19 5.39
N ALA A 38 -4.79 4.25 5.77
CA ALA A 38 -5.34 5.26 6.68
C ALA A 38 -4.66 6.61 6.49
N LEU A 39 -5.37 7.67 6.87
CA LEU A 39 -5.09 9.06 6.52
C LEU A 39 -4.64 9.90 7.72
N ALA A 40 -4.73 9.36 8.95
CA ALA A 40 -4.14 10.01 10.09
C ALA A 40 -2.62 9.96 9.93
N THR A 41 -2.08 8.73 9.80
CA THR A 41 -0.67 8.50 9.58
C THR A 41 -0.27 8.73 8.12
N ASN A 42 -1.22 8.51 7.18
CA ASN A 42 -1.00 8.53 5.73
C ASN A 42 -0.24 7.28 5.35
N LYS A 43 -0.81 6.12 5.69
CA LYS A 43 -0.13 4.83 5.66
C LYS A 43 -0.91 3.84 4.81
N ALA A 44 -0.19 2.81 4.37
CA ALA A 44 -0.71 1.67 3.64
C ALA A 44 0.03 0.44 4.11
N HIS A 45 -0.58 -0.29 5.04
CA HIS A 45 -0.12 -1.57 5.51
C HIS A 45 -0.60 -2.60 4.49
N ILE A 46 0.30 -3.07 3.63
CA ILE A 46 0.04 -4.23 2.79
C ILE A 46 0.78 -5.38 3.44
N LYS A 47 0.24 -6.58 3.26
CA LYS A 47 0.99 -7.81 3.46
C LYS A 47 0.96 -8.54 2.13
N TYR A 48 2.08 -9.12 1.71
CA TYR A 48 2.26 -9.62 0.34
C TYR A 48 3.23 -10.80 0.30
N ASP A 49 3.09 -11.65 -0.72
CA ASP A 49 4.17 -12.54 -1.16
C ASP A 49 5.21 -11.70 -1.91
N PRO A 50 6.49 -11.74 -1.51
CA PRO A 50 7.53 -10.87 -2.02
C PRO A 50 8.00 -11.24 -3.43
N GLU A 51 7.74 -12.46 -3.89
CA GLU A 51 8.23 -12.91 -5.19
C GLU A 51 7.25 -12.45 -6.25
N ILE A 52 5.95 -12.66 -6.02
CA ILE A 52 4.92 -12.25 -6.97
C ILE A 52 4.76 -10.72 -6.98
N ILE A 53 4.79 -10.08 -5.80
CA ILE A 53 4.56 -8.66 -5.64
C ILE A 53 5.74 -8.08 -4.87
N GLY A 54 6.55 -7.27 -5.54
CA GLY A 54 7.55 -6.46 -4.87
C GLY A 54 6.88 -5.20 -4.32
N PRO A 55 7.48 -4.54 -3.31
CA PRO A 55 7.00 -3.25 -2.83
C PRO A 55 6.95 -2.26 -4.01
N ARG A 56 7.97 -2.34 -4.87
CA ARG A 56 8.03 -1.79 -6.22
C ARG A 56 6.66 -1.75 -6.88
N ASP A 57 5.99 -2.90 -7.00
CA ASP A 57 4.80 -3.04 -7.83
C ASP A 57 3.65 -2.29 -7.18
N ILE A 58 3.50 -2.44 -5.87
CA ILE A 58 2.51 -1.72 -5.10
C ILE A 58 2.74 -0.21 -5.25
N ILE A 59 3.97 0.27 -5.04
CA ILE A 59 4.32 1.66 -5.22
C ILE A 59 3.91 2.10 -6.63
N HIS A 60 4.36 1.40 -7.67
CA HIS A 60 3.99 1.70 -9.05
C HIS A 60 2.47 1.79 -9.21
N THR A 61 1.71 0.88 -8.59
CA THR A 61 0.26 0.94 -8.66
C THR A 61 -0.24 2.25 -8.04
N ILE A 62 0.20 2.54 -6.82
CA ILE A 62 -0.21 3.71 -6.05
C ILE A 62 0.13 5.02 -6.80
N GLU A 63 1.31 5.08 -7.42
CA GLU A 63 1.68 6.13 -8.35
C GLU A 63 0.68 6.18 -9.52
N SER A 64 0.47 5.03 -10.17
CA SER A 64 -0.39 4.92 -11.33
C SER A 64 -1.85 5.31 -11.02
N LEU A 65 -2.29 5.15 -9.77
CA LEU A 65 -3.54 5.74 -9.32
C LEU A 65 -3.38 7.27 -9.33
N GLY A 66 -2.86 7.88 -8.26
CA GLY A 66 -2.49 9.28 -8.31
C GLY A 66 -1.53 9.73 -7.22
N PHE A 67 -0.82 8.82 -6.55
CA PHE A 67 -0.46 9.03 -5.16
C PHE A 67 1.02 8.72 -4.91
N GLU A 68 1.61 9.39 -3.91
CA GLU A 68 2.99 9.19 -3.51
C GLU A 68 3.08 7.92 -2.68
N ALA A 69 4.29 7.38 -2.50
CA ALA A 69 4.54 6.46 -1.43
C ALA A 69 5.99 6.52 -0.99
N SER A 70 6.27 6.08 0.24
CA SER A 70 7.62 5.94 0.77
C SER A 70 7.61 4.89 1.88
N LEU A 71 8.59 3.97 1.88
CA LEU A 71 8.69 2.95 2.92
C LEU A 71 9.34 3.57 4.16
N VAL A 72 8.65 3.54 5.31
CA VAL A 72 9.10 4.22 6.52
C VAL A 72 8.48 3.58 7.77
N LYS A 73 9.21 3.67 8.89
CA LYS A 73 8.81 3.38 10.26
C LYS A 73 10.10 3.44 11.09
N ILE A 74 10.12 4.30 12.12
CA ILE A 74 11.25 4.53 13.00
C ILE A 74 10.68 4.91 14.37
N GLU A 75 11.51 4.86 15.40
CA GLU A 75 11.22 5.29 16.75
C GLU A 75 12.32 6.31 17.08
CU CU1 B . -9.55 11.53 -1.87
N MET A 1 4.13 -15.39 10.16
CA MET A 1 5.56 -15.27 9.89
C MET A 1 5.76 -15.30 8.37
N GLY A 2 6.93 -14.95 7.86
CA GLY A 2 7.16 -14.82 6.42
C GLY A 2 6.65 -13.46 5.93
N ASP A 3 5.39 -13.14 6.25
CA ASP A 3 4.73 -11.84 6.14
C ASP A 3 5.58 -10.74 5.51
N GLY A 4 5.43 -10.49 4.21
CA GLY A 4 6.10 -9.39 3.56
C GLY A 4 5.44 -8.08 3.98
N VAL A 5 5.76 -7.58 5.17
CA VAL A 5 5.19 -6.35 5.69
C VAL A 5 5.88 -5.19 4.97
N LEU A 6 5.09 -4.22 4.50
CA LEU A 6 5.59 -2.91 4.14
C LEU A 6 4.63 -1.88 4.71
N GLU A 7 5.14 -0.98 5.56
CA GLU A 7 4.38 0.09 6.20
C GLU A 7 4.85 1.41 5.59
N LEU A 8 4.49 1.65 4.34
CA LEU A 8 4.87 2.89 3.70
C LEU A 8 3.93 4.00 4.17
N VAL A 9 4.44 5.23 4.22
CA VAL A 9 3.62 6.42 4.32
C VAL A 9 3.08 6.66 2.91
N VAL A 10 1.78 6.96 2.81
CA VAL A 10 1.08 7.22 1.57
C VAL A 10 0.38 8.58 1.69
N ARG A 11 0.55 9.42 0.67
CA ARG A 11 0.01 10.77 0.63
C ARG A 11 -0.87 10.95 -0.61
N GLY A 12 -1.69 11.99 -0.60
CA GLY A 12 -2.63 12.30 -1.68
C GLY A 12 -4.03 11.76 -1.38
N MET A 13 -4.16 10.86 -0.39
CA MET A 13 -5.45 10.30 0.01
C MET A 13 -6.28 11.37 0.72
N THR A 14 -6.89 12.28 -0.05
CA THR A 14 -7.58 13.43 0.50
C THR A 14 -8.90 13.07 1.21
N CYS A 15 -9.43 11.84 1.01
CA CYS A 15 -10.64 11.39 1.69
C CYS A 15 -10.73 9.87 1.62
N ALA A 16 -11.68 9.29 2.37
CA ALA A 16 -11.93 7.86 2.41
C ALA A 16 -12.06 7.27 1.00
N SER A 17 -12.68 8.04 0.10
CA SER A 17 -12.82 7.74 -1.32
C SER A 17 -11.49 7.32 -1.96
N CYS A 18 -10.38 7.94 -1.55
CA CYS A 18 -9.06 7.51 -1.97
C CYS A 18 -8.69 6.20 -1.29
N VAL A 19 -8.77 6.19 0.04
CA VAL A 19 -8.34 5.08 0.88
C VAL A 19 -8.92 3.76 0.36
N HIS A 20 -10.24 3.64 0.32
CA HIS A 20 -10.86 2.38 -0.07
C HIS A 20 -10.59 2.05 -1.54
N LYS A 21 -10.39 3.07 -2.38
CA LYS A 21 -10.03 2.87 -3.77
C LYS A 21 -8.65 2.21 -3.84
N ILE A 22 -7.65 2.74 -3.13
CA ILE A 22 -6.36 2.07 -3.03
C ILE A 22 -6.57 0.64 -2.55
N GLU A 23 -7.19 0.47 -1.38
CA GLU A 23 -7.36 -0.85 -0.76
C GLU A 23 -7.94 -1.86 -1.76
N SER A 24 -9.11 -1.53 -2.32
CA SER A 24 -9.83 -2.37 -3.25
C SER A 24 -9.02 -2.62 -4.53
N SER A 25 -8.36 -1.57 -5.04
CA SER A 25 -7.62 -1.66 -6.28
C SER A 25 -6.43 -2.60 -6.07
N LEU A 26 -5.73 -2.43 -4.95
CA LEU A 26 -4.53 -3.18 -4.66
C LEU A 26 -4.81 -4.63 -4.35
N THR A 27 -5.77 -4.91 -3.45
CA THR A 27 -6.03 -6.29 -3.05
C THR A 27 -6.32 -7.21 -4.25
N LYS A 28 -6.82 -6.65 -5.35
CA LYS A 28 -6.92 -7.30 -6.64
C LYS A 28 -5.63 -8.07 -7.02
N HIS A 29 -4.47 -7.46 -6.81
CA HIS A 29 -3.18 -8.02 -7.14
C HIS A 29 -2.94 -9.27 -6.29
N ARG A 30 -2.81 -10.44 -6.93
CA ARG A 30 -2.80 -11.75 -6.27
C ARG A 30 -1.49 -12.06 -5.54
N GLY A 31 -0.85 -11.05 -4.94
CA GLY A 31 0.26 -11.18 -4.01
C GLY A 31 0.05 -10.33 -2.75
N ILE A 32 -1.02 -9.51 -2.70
CA ILE A 32 -1.37 -8.70 -1.55
C ILE A 32 -2.16 -9.60 -0.59
N LEU A 33 -1.56 -9.97 0.53
CA LEU A 33 -2.17 -10.82 1.54
C LEU A 33 -3.13 -10.00 2.40
N TYR A 34 -2.76 -8.76 2.73
CA TYR A 34 -3.62 -7.83 3.43
C TYR A 34 -3.19 -6.41 3.09
N CYS A 35 -4.10 -5.44 3.27
CA CYS A 35 -3.81 -4.03 3.15
C CYS A 35 -4.56 -3.30 4.26
N SER A 36 -3.88 -2.36 4.95
CA SER A 36 -4.50 -1.43 5.87
C SER A 36 -3.93 -0.04 5.59
N VAL A 37 -4.55 0.65 4.63
CA VAL A 37 -4.32 2.05 4.33
C VAL A 37 -5.06 2.93 5.32
N ALA A 38 -4.54 4.12 5.62
CA ALA A 38 -5.27 5.17 6.30
C ALA A 38 -4.68 6.53 5.95
N LEU A 39 -5.54 7.49 5.60
CA LEU A 39 -5.15 8.89 5.50
C LEU A 39 -4.86 9.44 6.89
N ALA A 40 -5.63 8.99 7.90
CA ALA A 40 -5.56 9.50 9.26
C ALA A 40 -4.15 9.42 9.83
N THR A 41 -3.42 8.36 9.46
CA THR A 41 -2.02 8.17 9.84
C THR A 41 -1.12 8.11 8.60
N ASN A 42 -1.65 8.59 7.46
CA ASN A 42 -1.01 8.56 6.15
C ASN A 42 -0.15 7.33 5.91
N LYS A 43 -0.70 6.13 6.19
CA LYS A 43 0.08 4.91 6.23
C LYS A 43 -0.57 3.85 5.38
N ALA A 44 0.18 2.82 5.03
CA ALA A 44 -0.34 1.62 4.40
C ALA A 44 0.48 0.42 4.87
N HIS A 45 -0.07 -0.33 5.83
CA HIS A 45 0.47 -1.63 6.16
C HIS A 45 -0.08 -2.58 5.11
N ILE A 46 0.74 -2.90 4.12
CA ILE A 46 0.48 -4.01 3.23
C ILE A 46 1.24 -5.19 3.82
N LYS A 47 0.57 -6.34 3.86
CA LYS A 47 1.19 -7.65 3.94
C LYS A 47 1.16 -8.18 2.50
N TYR A 48 2.31 -8.42 1.89
CA TYR A 48 2.42 -9.09 0.61
C TYR A 48 3.18 -10.40 0.76
N ASP A 49 3.16 -11.23 -0.29
CA ASP A 49 4.24 -12.19 -0.54
C ASP A 49 5.22 -11.51 -1.51
N PRO A 50 6.54 -11.59 -1.25
CA PRO A 50 7.53 -10.89 -2.04
C PRO A 50 7.75 -11.50 -3.43
N GLU A 51 7.22 -12.69 -3.71
CA GLU A 51 7.49 -13.39 -4.95
C GLU A 51 6.57 -12.85 -6.03
N ILE A 52 5.27 -12.74 -5.70
CA ILE A 52 4.27 -12.24 -6.63
C ILE A 52 4.26 -10.71 -6.65
N ILE A 53 4.48 -10.03 -5.52
CA ILE A 53 4.38 -8.59 -5.41
C ILE A 53 5.59 -8.07 -4.65
N GLY A 54 6.40 -7.24 -5.31
CA GLY A 54 7.46 -6.51 -4.65
C GLY A 54 6.93 -5.19 -4.10
N PRO A 55 7.78 -4.42 -3.41
CA PRO A 55 7.44 -3.09 -2.93
C PRO A 55 7.17 -2.17 -4.11
N ARG A 56 8.01 -2.27 -5.15
CA ARG A 56 7.87 -1.58 -6.43
C ARG A 56 6.43 -1.63 -6.92
N ASP A 57 5.84 -2.83 -7.04
CA ASP A 57 4.50 -2.99 -7.58
C ASP A 57 3.50 -2.09 -6.85
N ILE A 58 3.45 -2.25 -5.52
CA ILE A 58 2.50 -1.50 -4.70
C ILE A 58 2.74 0.00 -4.86
N ILE A 59 3.98 0.44 -4.64
CA ILE A 59 4.34 1.85 -4.74
C ILE A 59 3.90 2.39 -6.10
N HIS A 60 4.34 1.74 -7.18
CA HIS A 60 3.98 2.07 -8.55
C HIS A 60 2.47 2.18 -8.73
N THR A 61 1.70 1.27 -8.12
CA THR A 61 0.24 1.28 -8.29
C THR A 61 -0.35 2.48 -7.56
N ILE A 62 0.05 2.70 -6.30
CA ILE A 62 -0.35 3.87 -5.53
C ILE A 62 -0.07 5.14 -6.34
N GLU A 63 1.16 5.26 -6.86
CA GLU A 63 1.58 6.36 -7.70
C GLU A 63 0.67 6.50 -8.93
N SER A 64 0.51 5.43 -9.71
CA SER A 64 -0.22 5.48 -10.96
C SER A 64 -1.68 5.83 -10.76
N LEU A 65 -2.29 5.44 -9.64
CA LEU A 65 -3.64 5.88 -9.28
C LEU A 65 -3.70 7.41 -9.17
N GLY A 66 -3.36 7.99 -8.01
CA GLY A 66 -3.38 9.44 -7.88
C GLY A 66 -2.57 9.96 -6.68
N PHE A 67 -1.55 9.21 -6.23
CA PHE A 67 -1.07 9.31 -4.86
C PHE A 67 0.46 9.30 -4.81
N GLU A 68 1.03 9.43 -3.61
CA GLU A 68 2.47 9.28 -3.37
C GLU A 68 2.65 8.16 -2.37
N ALA A 69 3.84 7.53 -2.33
CA ALA A 69 4.22 6.63 -1.26
C ALA A 69 5.72 6.73 -0.95
N SER A 70 6.13 6.42 0.28
CA SER A 70 7.53 6.27 0.68
C SER A 70 7.60 5.39 1.93
N LEU A 71 8.53 4.42 1.97
CA LEU A 71 8.71 3.50 3.11
C LEU A 71 8.86 4.28 4.42
N VAL A 72 9.98 5.01 4.56
CA VAL A 72 10.37 5.90 5.67
C VAL A 72 10.49 5.25 7.07
N LYS A 73 9.55 4.40 7.48
CA LYS A 73 9.50 3.80 8.80
C LYS A 73 10.69 2.87 9.05
N ILE A 74 11.79 3.44 9.56
CA ILE A 74 12.93 2.71 10.11
C ILE A 74 12.50 1.79 11.27
N GLU A 75 13.41 0.93 11.71
CA GLU A 75 13.25 -0.10 12.74
C GLU A 75 11.85 -0.72 12.71
CU CU1 B . -10.43 10.82 -1.57
N MET A 1 11.88 -11.57 7.86
CA MET A 1 12.85 -12.67 7.66
C MET A 1 12.41 -13.54 6.49
N GLY A 2 11.22 -14.12 6.57
CA GLY A 2 10.54 -14.81 5.48
C GLY A 2 9.10 -14.29 5.49
N ASP A 3 8.97 -12.98 5.26
CA ASP A 3 7.82 -12.19 5.63
C ASP A 3 7.70 -11.06 4.61
N GLY A 4 6.57 -10.36 4.64
CA GLY A 4 6.38 -9.13 3.89
C GLY A 4 5.27 -8.33 4.55
N VAL A 5 5.65 -7.38 5.41
CA VAL A 5 4.75 -6.37 5.94
C VAL A 5 5.31 -5.02 5.50
N LEU A 6 4.47 -4.16 4.94
CA LEU A 6 4.86 -2.89 4.37
C LEU A 6 4.02 -1.79 5.02
N GLU A 7 4.61 -1.12 6.00
CA GLU A 7 4.15 0.18 6.47
C GLU A 7 4.83 1.24 5.62
N LEU A 8 4.05 1.85 4.73
CA LEU A 8 4.46 3.04 4.01
C LEU A 8 3.61 4.21 4.48
N VAL A 9 4.19 5.41 4.45
CA VAL A 9 3.41 6.64 4.44
C VAL A 9 2.89 6.77 3.02
N VAL A 10 1.67 7.25 2.86
CA VAL A 10 1.01 7.48 1.59
C VAL A 10 0.26 8.80 1.71
N ARG A 11 0.37 9.64 0.69
CA ARG A 11 -0.23 10.97 0.63
C ARG A 11 -0.89 11.15 -0.74
N GLY A 12 -1.67 12.23 -0.86
CA GLY A 12 -2.65 12.40 -1.92
C GLY A 12 -4.02 11.83 -1.53
N MET A 13 -4.08 11.02 -0.47
CA MET A 13 -5.32 10.45 0.06
C MET A 13 -6.19 11.54 0.69
N THR A 14 -6.87 12.31 -0.16
CA THR A 14 -7.75 13.37 0.30
C THR A 14 -8.90 12.85 1.17
N CYS A 15 -9.52 11.72 0.82
CA CYS A 15 -10.80 11.33 1.42
C CYS A 15 -11.06 9.82 1.34
N ALA A 16 -12.21 9.41 1.87
CA ALA A 16 -12.70 8.03 1.84
C ALA A 16 -12.64 7.44 0.42
N SER A 17 -12.99 8.25 -0.57
CA SER A 17 -12.93 7.85 -1.97
C SER A 17 -11.51 7.50 -2.41
N CYS A 18 -10.48 8.09 -1.81
CA CYS A 18 -9.12 7.61 -1.98
C CYS A 18 -8.93 6.30 -1.23
N VAL A 19 -9.17 6.31 0.09
CA VAL A 19 -9.00 5.16 0.99
C VAL A 19 -9.45 3.86 0.33
N HIS A 20 -10.76 3.76 0.02
CA HIS A 20 -11.29 2.49 -0.47
C HIS A 20 -10.78 2.17 -1.88
N LYS A 21 -10.47 3.20 -2.68
CA LYS A 21 -9.96 3.04 -4.03
C LYS A 21 -8.58 2.40 -3.96
N ILE A 22 -7.66 2.98 -3.17
CA ILE A 22 -6.34 2.40 -2.97
C ILE A 22 -6.51 0.97 -2.49
N GLU A 23 -7.19 0.79 -1.36
CA GLU A 23 -7.36 -0.50 -0.72
C GLU A 23 -7.86 -1.53 -1.75
N SER A 24 -9.05 -1.30 -2.29
CA SER A 24 -9.68 -2.21 -3.23
C SER A 24 -8.78 -2.46 -4.45
N SER A 25 -8.12 -1.41 -4.96
CA SER A 25 -7.30 -1.53 -6.16
C SER A 25 -6.13 -2.44 -5.85
N LEU A 26 -5.37 -2.15 -4.80
CA LEU A 26 -4.27 -2.99 -4.35
C LEU A 26 -4.75 -4.43 -4.14
N THR A 27 -5.88 -4.60 -3.47
CA THR A 27 -6.45 -5.92 -3.21
C THR A 27 -6.83 -6.67 -4.49
N LYS A 28 -6.82 -6.04 -5.68
CA LYS A 28 -6.96 -6.77 -6.94
C LYS A 28 -5.69 -7.59 -7.27
N HIS A 29 -4.53 -7.19 -6.75
CA HIS A 29 -3.30 -7.95 -6.96
C HIS A 29 -3.43 -9.25 -6.17
N ARG A 30 -2.94 -10.37 -6.71
CA ARG A 30 -3.09 -11.66 -6.04
C ARG A 30 -2.00 -11.86 -4.98
N GLY A 31 -0.83 -11.25 -5.16
CA GLY A 31 0.30 -11.47 -4.28
C GLY A 31 0.32 -10.59 -3.02
N ILE A 32 -0.75 -9.80 -2.80
CA ILE A 32 -0.96 -9.20 -1.49
C ILE A 32 -1.59 -10.22 -0.55
N LEU A 33 -1.46 -9.98 0.75
CA LEU A 33 -2.03 -10.78 1.83
C LEU A 33 -3.07 -9.95 2.57
N TYR A 34 -2.80 -8.66 2.80
CA TYR A 34 -3.76 -7.73 3.39
C TYR A 34 -3.41 -6.31 2.98
N CYS A 35 -4.40 -5.41 3.03
CA CYS A 35 -4.27 -3.99 2.75
C CYS A 35 -5.10 -3.26 3.79
N SER A 36 -4.56 -2.19 4.38
CA SER A 36 -5.33 -1.22 5.12
C SER A 36 -4.63 0.13 4.94
N VAL A 37 -5.38 1.22 4.84
CA VAL A 37 -4.87 2.55 4.56
C VAL A 37 -5.59 3.56 5.47
N ALA A 38 -4.88 4.59 5.94
CA ALA A 38 -5.38 5.58 6.89
C ALA A 38 -4.87 6.97 6.52
N LEU A 39 -5.76 7.86 6.07
CA LEU A 39 -5.47 9.23 5.69
C LEU A 39 -5.16 10.14 6.89
N ALA A 40 -5.62 9.77 8.09
CA ALA A 40 -5.30 10.51 9.31
C ALA A 40 -3.82 10.32 9.61
N THR A 41 -3.38 9.06 9.60
CA THR A 41 -2.00 8.68 9.83
C THR A 41 -1.16 8.91 8.57
N ASN A 42 -1.81 9.00 7.41
CA ASN A 42 -1.20 9.06 6.08
C ASN A 42 -0.34 7.84 5.85
N LYS A 43 -0.87 6.66 6.18
CA LYS A 43 -0.09 5.44 6.21
C LYS A 43 -0.90 4.30 5.63
N ALA A 44 -0.21 3.25 5.16
CA ALA A 44 -0.83 2.04 4.67
C ALA A 44 -0.04 0.87 5.20
N HIS A 45 -0.77 -0.04 5.81
CA HIS A 45 -0.31 -1.31 6.33
C HIS A 45 -0.69 -2.33 5.27
N ILE A 46 0.28 -2.68 4.43
CA ILE A 46 0.16 -3.77 3.51
C ILE A 46 0.78 -4.98 4.20
N LYS A 47 0.26 -6.16 3.91
CA LYS A 47 0.97 -7.40 4.12
C LYS A 47 0.95 -8.08 2.76
N TYR A 48 2.08 -8.64 2.31
CA TYR A 48 2.29 -8.98 0.92
C TYR A 48 3.35 -10.08 0.82
N ASP A 49 3.40 -10.80 -0.31
CA ASP A 49 4.48 -11.73 -0.58
C ASP A 49 5.57 -11.00 -1.39
N PRO A 50 6.83 -11.02 -0.92
CA PRO A 50 7.90 -10.24 -1.51
C PRO A 50 8.37 -10.78 -2.87
N GLU A 51 8.01 -12.01 -3.25
CA GLU A 51 8.49 -12.63 -4.49
C GLU A 51 7.34 -13.01 -5.43
N ILE A 52 6.20 -12.33 -5.33
CA ILE A 52 5.21 -12.26 -6.39
C ILE A 52 4.77 -10.82 -6.62
N ILE A 53 4.13 -10.15 -5.65
CA ILE A 53 3.76 -8.75 -5.82
C ILE A 53 5.01 -7.89 -5.59
N GLY A 54 5.78 -8.20 -4.54
CA GLY A 54 7.00 -7.46 -4.26
C GLY A 54 6.70 -6.07 -3.69
N PRO A 55 7.73 -5.39 -3.18
CA PRO A 55 7.55 -4.15 -2.43
C PRO A 55 7.14 -3.00 -3.35
N ARG A 56 7.95 -2.70 -4.36
CA ARG A 56 7.78 -1.45 -5.11
C ARG A 56 6.52 -1.45 -5.99
N ASP A 57 5.96 -2.61 -6.33
CA ASP A 57 4.82 -2.64 -7.25
C ASP A 57 3.54 -2.11 -6.61
N ILE A 58 3.35 -2.35 -5.31
CA ILE A 58 2.35 -1.60 -4.56
C ILE A 58 2.54 -0.10 -4.81
N ILE A 59 3.77 0.38 -4.68
CA ILE A 59 4.09 1.77 -4.90
C ILE A 59 3.82 2.17 -6.36
N HIS A 60 4.17 1.34 -7.36
CA HIS A 60 3.76 1.59 -8.75
C HIS A 60 2.25 1.84 -8.81
N THR A 61 1.48 1.03 -8.07
CA THR A 61 0.03 1.11 -8.13
C THR A 61 -0.42 2.45 -7.55
N ILE A 62 0.07 2.77 -6.35
CA ILE A 62 -0.18 4.04 -5.67
C ILE A 62 0.15 5.24 -6.57
N GLU A 63 1.36 5.26 -7.13
CA GLU A 63 1.84 6.26 -8.08
C GLU A 63 0.88 6.35 -9.26
N SER A 64 0.60 5.21 -9.90
CA SER A 64 -0.24 5.12 -11.08
C SER A 64 -1.65 5.66 -10.82
N LEU A 65 -2.22 5.34 -9.65
CA LEU A 65 -3.57 5.76 -9.30
C LEU A 65 -3.64 7.30 -9.19
N GLY A 66 -3.29 7.86 -8.04
CA GLY A 66 -3.26 9.30 -7.88
C GLY A 66 -2.42 9.78 -6.69
N PHE A 67 -1.45 8.99 -6.22
CA PHE A 67 -0.97 9.12 -4.85
C PHE A 67 0.55 9.07 -4.81
N GLU A 68 1.13 9.53 -3.70
CA GLU A 68 2.57 9.48 -3.42
C GLU A 68 2.77 8.59 -2.20
N ALA A 69 3.93 7.92 -2.06
CA ALA A 69 4.20 7.10 -0.89
C ALA A 69 5.69 6.89 -0.63
N SER A 70 6.00 6.39 0.57
CA SER A 70 7.34 6.05 1.01
C SER A 70 7.29 4.99 2.12
N LEU A 71 7.95 3.84 1.92
CA LEU A 71 8.14 2.84 2.98
C LEU A 71 8.78 3.49 4.20
N VAL A 72 8.27 3.17 5.39
CA VAL A 72 8.76 3.71 6.65
C VAL A 72 9.76 2.72 7.24
N LYS A 73 9.25 1.59 7.78
CA LYS A 73 10.01 0.51 8.40
C LYS A 73 10.80 0.93 9.65
N ILE A 74 11.80 1.80 9.49
CA ILE A 74 12.84 2.09 10.48
C ILE A 74 13.53 0.77 10.90
N GLU A 75 13.79 -0.05 9.88
CA GLU A 75 14.30 -1.41 9.89
C GLU A 75 14.49 -1.69 8.40
CU CU1 B . -10.20 11.27 -1.97
N MET A 1 4.38 -13.75 9.43
CA MET A 1 5.64 -14.49 9.36
C MET A 1 5.56 -15.38 8.12
N GLY A 2 6.69 -15.71 7.49
CA GLY A 2 6.68 -16.23 6.13
C GLY A 2 6.01 -15.21 5.23
N ASP A 3 6.59 -14.00 5.18
CA ASP A 3 5.83 -12.77 5.05
C ASP A 3 6.46 -11.81 4.03
N GLY A 4 5.77 -10.70 3.82
CA GLY A 4 6.21 -9.57 3.02
C GLY A 4 5.45 -8.35 3.53
N VAL A 5 5.74 -7.98 4.78
CA VAL A 5 5.11 -6.83 5.42
C VAL A 5 5.78 -5.54 4.94
N LEU A 6 5.00 -4.56 4.50
CA LEU A 6 5.47 -3.26 4.07
C LEU A 6 4.54 -2.21 4.65
N GLU A 7 5.12 -1.11 5.17
CA GLU A 7 4.42 0.10 5.52
C GLU A 7 5.08 1.20 4.71
N LEU A 8 4.29 2.17 4.25
CA LEU A 8 4.81 3.41 3.70
C LEU A 8 3.75 4.49 3.85
N VAL A 9 4.19 5.74 4.04
CA VAL A 9 3.29 6.87 4.06
C VAL A 9 2.93 7.15 2.60
N VAL A 10 1.65 7.35 2.33
CA VAL A 10 1.11 7.59 1.03
C VAL A 10 0.52 8.99 1.03
N ARG A 11 1.08 9.86 0.18
CA ARG A 11 0.68 11.24 0.06
C ARG A 11 -0.50 11.31 -0.91
N GLY A 12 -1.46 12.21 -0.63
CA GLY A 12 -2.57 12.49 -1.54
C GLY A 12 -3.86 11.76 -1.18
N MET A 13 -3.87 10.93 -0.13
CA MET A 13 -5.08 10.27 0.35
C MET A 13 -6.02 11.27 1.01
N THR A 14 -6.65 12.13 0.20
CA THR A 14 -7.39 13.27 0.71
C THR A 14 -8.73 12.90 1.37
N CYS A 15 -9.28 11.69 1.12
CA CYS A 15 -10.53 11.29 1.74
C CYS A 15 -10.66 9.76 1.73
N ALA A 16 -11.71 9.25 2.40
CA ALA A 16 -12.05 7.84 2.47
C ALA A 16 -12.10 7.21 1.07
N SER A 17 -12.59 7.96 0.07
CA SER A 17 -12.60 7.50 -1.31
C SER A 17 -11.19 7.14 -1.75
N CYS A 18 -10.20 7.97 -1.45
CA CYS A 18 -8.81 7.65 -1.79
C CYS A 18 -8.36 6.42 -1.03
N VAL A 19 -8.62 6.38 0.27
CA VAL A 19 -8.26 5.24 1.10
C VAL A 19 -8.75 3.95 0.44
N HIS A 20 -10.06 3.76 0.36
CA HIS A 20 -10.56 2.48 -0.14
C HIS A 20 -10.31 2.30 -1.65
N LYS A 21 -10.15 3.37 -2.43
CA LYS A 21 -9.68 3.25 -3.82
C LYS A 21 -8.38 2.44 -3.83
N ILE A 22 -7.42 2.80 -2.99
CA ILE A 22 -6.17 2.04 -2.92
C ILE A 22 -6.48 0.58 -2.60
N GLU A 23 -7.12 0.30 -1.47
CA GLU A 23 -7.30 -1.07 -1.01
C GLU A 23 -8.05 -1.91 -2.05
N SER A 24 -9.16 -1.35 -2.55
CA SER A 24 -10.01 -1.97 -3.57
C SER A 24 -9.19 -2.28 -4.82
N SER A 25 -8.20 -1.45 -5.16
CA SER A 25 -7.30 -1.76 -6.26
C SER A 25 -6.37 -2.90 -5.86
N LEU A 26 -5.58 -2.68 -4.80
CA LEU A 26 -4.52 -3.59 -4.39
C LEU A 26 -5.04 -5.01 -4.18
N THR A 27 -6.19 -5.16 -3.53
CA THR A 27 -6.77 -6.47 -3.26
C THR A 27 -7.00 -7.29 -4.54
N LYS A 28 -7.02 -6.66 -5.72
CA LYS A 28 -7.13 -7.33 -7.00
C LYS A 28 -5.85 -8.09 -7.36
N HIS A 29 -4.68 -7.65 -6.87
CA HIS A 29 -3.38 -8.09 -7.39
C HIS A 29 -3.04 -9.55 -7.04
N ARG A 30 -3.79 -10.18 -6.12
CA ARG A 30 -3.65 -11.58 -5.69
C ARG A 30 -2.41 -11.83 -4.84
N GLY A 31 -1.24 -11.30 -5.21
CA GLY A 31 -0.08 -11.31 -4.34
C GLY A 31 -0.23 -10.32 -3.19
N ILE A 32 -1.33 -10.42 -2.46
CA ILE A 32 -1.62 -9.62 -1.29
C ILE A 32 -2.22 -10.55 -0.25
N LEU A 33 -1.73 -10.44 0.99
CA LEU A 33 -2.33 -11.04 2.16
C LEU A 33 -3.35 -10.04 2.72
N TYR A 34 -2.96 -8.76 2.82
CA TYR A 34 -3.83 -7.72 3.39
C TYR A 34 -3.41 -6.33 2.90
N CYS A 35 -4.36 -5.38 2.86
CA CYS A 35 -4.10 -3.96 2.62
C CYS A 35 -4.80 -3.12 3.70
N SER A 36 -4.03 -2.48 4.59
CA SER A 36 -4.49 -1.64 5.70
C SER A 36 -4.01 -0.21 5.43
N VAL A 37 -4.78 0.53 4.65
CA VAL A 37 -4.57 1.95 4.38
C VAL A 37 -5.34 2.79 5.39
N ALA A 38 -4.84 4.01 5.67
CA ALA A 38 -5.58 4.99 6.45
C ALA A 38 -5.11 6.40 6.10
N LEU A 39 -6.05 7.32 5.91
CA LEU A 39 -5.73 8.74 5.80
C LEU A 39 -5.29 9.28 7.16
N ALA A 40 -5.82 8.73 8.26
CA ALA A 40 -5.54 9.20 9.61
C ALA A 40 -4.04 9.31 9.86
N THR A 41 -3.31 8.25 9.51
CA THR A 41 -1.86 8.15 9.59
C THR A 41 -1.21 8.26 8.21
N ASN A 42 -1.98 8.64 7.18
CA ASN A 42 -1.57 8.71 5.77
C ASN A 42 -0.69 7.53 5.37
N LYS A 43 -1.11 6.31 5.71
CA LYS A 43 -0.24 5.14 5.66
C LYS A 43 -0.87 4.01 4.85
N ALA A 44 -0.07 2.96 4.60
CA ALA A 44 -0.48 1.78 3.87
C ALA A 44 0.31 0.58 4.36
N HIS A 45 -0.20 -0.06 5.40
CA HIS A 45 0.32 -1.32 5.88
C HIS A 45 -0.22 -2.40 4.95
N ILE A 46 0.59 -2.78 3.96
CA ILE A 46 0.34 -3.92 3.09
C ILE A 46 1.07 -5.11 3.70
N LYS A 47 0.42 -6.26 3.62
CA LYS A 47 1.02 -7.57 3.84
C LYS A 47 0.93 -8.25 2.49
N TYR A 48 2.07 -8.58 1.85
CA TYR A 48 2.11 -9.19 0.53
C TYR A 48 2.93 -10.48 0.52
N ASP A 49 2.66 -11.34 -0.45
CA ASP A 49 3.35 -12.59 -0.69
C ASP A 49 4.59 -12.29 -1.57
N PRO A 50 5.82 -12.49 -1.08
CA PRO A 50 7.01 -11.97 -1.74
C PRO A 50 7.49 -12.81 -2.93
N GLU A 51 6.55 -13.39 -3.71
CA GLU A 51 6.85 -14.26 -4.85
C GLU A 51 5.88 -13.96 -6.01
N ILE A 52 5.48 -12.69 -6.13
CA ILE A 52 4.41 -12.26 -7.03
C ILE A 52 4.39 -10.73 -7.03
N ILE A 53 4.39 -10.13 -5.84
CA ILE A 53 4.34 -8.71 -5.60
C ILE A 53 5.58 -8.40 -4.77
N GLY A 54 6.30 -7.36 -5.17
CA GLY A 54 7.36 -6.72 -4.41
C GLY A 54 6.92 -5.30 -4.04
N PRO A 55 7.77 -4.55 -3.33
CA PRO A 55 7.43 -3.20 -2.88
C PRO A 55 7.21 -2.29 -4.09
N ARG A 56 8.06 -2.42 -5.11
CA ARG A 56 7.98 -1.61 -6.31
C ARG A 56 6.59 -1.67 -6.94
N ASP A 57 5.97 -2.84 -7.01
CA ASP A 57 4.63 -3.00 -7.57
C ASP A 57 3.65 -2.12 -6.82
N ILE A 58 3.62 -2.30 -5.50
CA ILE A 58 2.73 -1.57 -4.61
C ILE A 58 2.95 -0.07 -4.77
N ILE A 59 4.21 0.39 -4.70
CA ILE A 59 4.57 1.79 -4.91
C ILE A 59 4.00 2.28 -6.25
N HIS A 60 4.35 1.61 -7.35
CA HIS A 60 3.88 1.98 -8.68
C HIS A 60 2.34 2.07 -8.69
N THR A 61 1.68 1.09 -8.08
CA THR A 61 0.23 1.04 -8.08
C THR A 61 -0.32 2.26 -7.35
N ILE A 62 0.16 2.50 -6.12
CA ILE A 62 -0.22 3.63 -5.31
C ILE A 62 -0.07 4.91 -6.13
N GLU A 63 1.15 5.18 -6.59
CA GLU A 63 1.42 6.48 -7.18
C GLU A 63 0.57 6.67 -8.43
N SER A 64 0.55 5.65 -9.31
CA SER A 64 -0.26 5.65 -10.51
C SER A 64 -1.74 5.89 -10.19
N LEU A 65 -2.28 5.31 -9.10
CA LEU A 65 -3.69 5.45 -8.78
C LEU A 65 -4.08 6.92 -8.54
N GLY A 66 -3.48 7.60 -7.56
CA GLY A 66 -3.76 9.02 -7.37
C GLY A 66 -2.73 9.79 -6.53
N PHE A 67 -1.55 9.23 -6.31
CA PHE A 67 -0.87 9.40 -5.02
C PHE A 67 0.65 9.55 -5.19
N GLU A 68 1.35 9.70 -4.07
CA GLU A 68 2.80 9.51 -4.00
C GLU A 68 3.04 8.53 -2.85
N ALA A 69 4.15 7.79 -2.86
CA ALA A 69 4.52 6.91 -1.77
C ALA A 69 5.81 7.40 -1.10
N SER A 70 6.01 7.06 0.17
CA SER A 70 7.20 7.40 0.95
C SER A 70 7.38 6.39 2.09
N LEU A 71 8.32 5.44 1.94
CA LEU A 71 8.74 4.57 3.02
C LEU A 71 9.12 5.40 4.24
N VAL A 72 8.68 5.00 5.43
CA VAL A 72 9.01 5.63 6.70
C VAL A 72 9.31 4.52 7.72
N LYS A 73 10.30 4.76 8.58
CA LYS A 73 10.73 3.91 9.67
C LYS A 73 11.85 4.64 10.39
N ILE A 74 12.34 4.07 11.48
CA ILE A 74 13.64 4.36 12.08
C ILE A 74 14.33 3.01 12.29
N GLU A 75 15.51 3.03 12.90
CA GLU A 75 16.22 1.93 13.52
C GLU A 75 17.03 2.57 14.64
CU CU1 B . -10.23 11.17 -1.77
N MET A 1 5.94 -14.23 7.54
CA MET A 1 6.15 -15.69 7.73
C MET A 1 6.12 -16.40 6.38
N GLY A 2 4.97 -16.41 5.71
CA GLY A 2 4.83 -16.84 4.33
C GLY A 2 4.44 -15.61 3.53
N ASP A 3 5.15 -14.52 3.82
CA ASP A 3 4.71 -13.15 3.69
C ASP A 3 5.73 -12.29 4.43
N GLY A 4 5.81 -11.01 4.07
CA GLY A 4 6.53 -9.97 4.77
C GLY A 4 5.65 -8.72 4.80
N VAL A 5 6.02 -7.74 5.63
CA VAL A 5 5.31 -6.47 5.78
C VAL A 5 6.01 -5.40 4.93
N LEU A 6 5.24 -4.49 4.34
CA LEU A 6 5.73 -3.25 3.76
C LEU A 6 4.92 -2.11 4.37
N GLU A 7 5.60 -1.14 4.99
CA GLU A 7 4.95 0.00 5.62
C GLU A 7 5.49 1.26 4.95
N LEU A 8 4.60 2.11 4.47
CA LEU A 8 4.95 3.37 3.84
C LEU A 8 3.99 4.46 4.30
N VAL A 9 4.45 5.71 4.24
CA VAL A 9 3.61 6.87 4.36
C VAL A 9 2.95 7.02 3.01
N VAL A 10 1.64 6.81 2.94
CA VAL A 10 0.86 7.18 1.79
C VAL A 10 0.59 8.69 1.89
N ARG A 11 0.71 9.39 0.78
CA ARG A 11 0.52 10.83 0.67
C ARG A 11 -0.23 11.13 -0.62
N GLY A 12 -0.63 12.39 -0.83
CA GLY A 12 -1.42 12.80 -1.97
C GLY A 12 -2.89 12.40 -1.80
N MET A 13 -3.15 11.16 -1.40
CA MET A 13 -4.49 10.65 -1.26
C MET A 13 -5.14 11.29 -0.03
N THR A 14 -6.40 11.70 -0.15
CA THR A 14 -6.94 12.74 0.71
C THR A 14 -8.39 12.55 1.18
N CYS A 15 -9.04 11.41 0.95
CA CYS A 15 -10.38 11.19 1.51
C CYS A 15 -10.73 9.69 1.57
N ALA A 16 -11.86 9.38 2.19
CA ALA A 16 -12.42 8.03 2.27
C ALA A 16 -12.48 7.38 0.89
N SER A 17 -12.91 8.15 -0.12
CA SER A 17 -13.01 7.71 -1.49
C SER A 17 -11.64 7.41 -2.11
N CYS A 18 -10.55 7.94 -1.56
CA CYS A 18 -9.23 7.37 -1.77
C CYS A 18 -9.05 6.08 -0.98
N VAL A 19 -9.13 6.16 0.36
CA VAL A 19 -8.85 5.06 1.28
C VAL A 19 -9.39 3.72 0.74
N HIS A 20 -10.72 3.63 0.59
CA HIS A 20 -11.33 2.35 0.20
C HIS A 20 -10.91 1.92 -1.20
N LYS A 21 -10.63 2.89 -2.09
CA LYS A 21 -10.26 2.64 -3.47
C LYS A 21 -8.85 2.05 -3.49
N ILE A 22 -7.93 2.61 -2.71
CA ILE A 22 -6.59 2.08 -2.57
C ILE A 22 -6.70 0.62 -2.14
N GLU A 23 -7.32 0.36 -0.99
CA GLU A 23 -7.44 -1.01 -0.48
C GLU A 23 -8.09 -1.93 -1.51
N SER A 24 -9.28 -1.55 -2.01
CA SER A 24 -10.02 -2.33 -3.00
C SER A 24 -9.19 -2.60 -4.26
N SER A 25 -8.34 -1.66 -4.67
CA SER A 25 -7.48 -1.86 -5.82
C SER A 25 -6.42 -2.88 -5.44
N LEU A 26 -5.70 -2.60 -4.35
CA LEU A 26 -4.58 -3.40 -3.92
C LEU A 26 -4.97 -4.86 -3.68
N THR A 27 -6.12 -5.12 -3.04
CA THR A 27 -6.57 -6.49 -2.80
C THR A 27 -6.77 -7.29 -4.10
N LYS A 28 -6.78 -6.65 -5.27
CA LYS A 28 -6.80 -7.36 -6.54
C LYS A 28 -5.50 -8.18 -6.71
N HIS A 29 -4.37 -7.70 -6.19
CA HIS A 29 -3.12 -8.43 -6.29
C HIS A 29 -3.11 -9.55 -5.25
N ARG A 30 -3.25 -10.82 -5.67
CA ARG A 30 -3.06 -11.93 -4.74
C ARG A 30 -1.67 -11.92 -4.10
N GLY A 31 -0.69 -11.24 -4.73
CA GLY A 31 0.61 -11.04 -4.14
C GLY A 31 0.54 -10.30 -2.81
N ILE A 32 -0.42 -9.39 -2.64
CA ILE A 32 -0.66 -8.80 -1.34
C ILE A 32 -1.67 -9.68 -0.59
N LEU A 33 -1.42 -9.92 0.69
CA LEU A 33 -2.30 -10.69 1.55
C LEU A 33 -3.22 -9.74 2.32
N TYR A 34 -2.70 -8.58 2.72
CA TYR A 34 -3.52 -7.55 3.35
C TYR A 34 -2.97 -6.17 3.05
N CYS A 35 -3.86 -5.17 3.08
CA CYS A 35 -3.56 -3.75 3.01
C CYS A 35 -4.46 -3.06 4.05
N SER A 36 -3.88 -2.21 4.88
CA SER A 36 -4.60 -1.30 5.77
C SER A 36 -4.03 0.09 5.52
N VAL A 37 -4.80 0.99 4.92
CA VAL A 37 -4.38 2.35 4.60
C VAL A 37 -5.09 3.35 5.52
N ALA A 38 -4.45 4.49 5.80
CA ALA A 38 -5.06 5.57 6.56
C ALA A 38 -4.40 6.91 6.22
N LEU A 39 -5.22 7.86 5.77
CA LEU A 39 -4.88 9.27 5.77
C LEU A 39 -4.76 9.77 7.21
N ALA A 40 -5.46 9.15 8.16
CA ALA A 40 -5.44 9.57 9.55
C ALA A 40 -4.01 9.54 10.08
N THR A 41 -3.31 8.43 9.85
CA THR A 41 -1.90 8.31 10.17
C THR A 41 -1.05 8.97 9.07
N ASN A 42 -1.50 8.84 7.81
CA ASN A 42 -0.66 8.85 6.62
C ASN A 42 0.15 7.58 6.65
N LYS A 43 -0.49 6.43 6.41
CA LYS A 43 0.22 5.17 6.28
C LYS A 43 -0.51 4.26 5.31
N ALA A 44 0.22 3.30 4.76
CA ALA A 44 -0.28 2.02 4.31
C ALA A 44 0.60 0.98 4.99
N HIS A 45 -0.03 -0.01 5.64
CA HIS A 45 0.63 -1.22 6.08
C HIS A 45 0.10 -2.26 5.12
N ILE A 46 1.00 -2.83 4.33
CA ILE A 46 0.74 -3.93 3.43
C ILE A 46 1.42 -5.13 4.07
N LYS A 47 0.88 -6.33 3.86
CA LYS A 47 1.68 -7.53 3.99
C LYS A 47 1.41 -8.41 2.78
N TYR A 48 2.48 -9.03 2.28
CA TYR A 48 2.57 -9.43 0.88
C TYR A 48 3.69 -10.46 0.73
N ASP A 49 3.65 -11.21 -0.38
CA ASP A 49 4.75 -12.05 -0.79
C ASP A 49 5.64 -11.27 -1.77
N PRO A 50 6.96 -11.15 -1.49
CA PRO A 50 7.84 -10.32 -2.29
C PRO A 50 8.18 -10.90 -3.67
N GLU A 51 7.98 -12.21 -3.87
CA GLU A 51 8.20 -12.83 -5.17
C GLU A 51 6.96 -12.59 -6.04
N ILE A 52 5.78 -12.86 -5.47
CA ILE A 52 4.52 -12.67 -6.20
C ILE A 52 4.32 -11.20 -6.52
N ILE A 53 4.66 -10.29 -5.58
CA ILE A 53 4.64 -8.87 -5.88
C ILE A 53 5.86 -8.17 -5.29
N GLY A 54 6.78 -7.73 -6.16
CA GLY A 54 7.90 -6.92 -5.73
C GLY A 54 7.38 -5.64 -5.07
N PRO A 55 8.00 -5.16 -3.98
CA PRO A 55 7.48 -4.05 -3.19
C PRO A 55 7.25 -2.81 -4.06
N ARG A 56 8.17 -2.54 -5.00
CA ARG A 56 8.03 -1.40 -5.90
C ARG A 56 6.73 -1.45 -6.69
N ASP A 57 6.17 -2.62 -6.99
CA ASP A 57 4.94 -2.68 -7.77
C ASP A 57 3.79 -2.03 -6.99
N ILE A 58 3.68 -2.32 -5.68
CA ILE A 58 2.69 -1.70 -4.82
C ILE A 58 2.87 -0.18 -4.87
N ILE A 59 4.09 0.29 -4.62
CA ILE A 59 4.43 1.69 -4.67
C ILE A 59 3.96 2.30 -5.99
N HIS A 60 4.42 1.72 -7.10
CA HIS A 60 4.06 2.16 -8.45
C HIS A 60 2.54 2.12 -8.66
N THR A 61 1.83 1.16 -8.07
CA THR A 61 0.39 1.09 -8.21
C THR A 61 -0.21 2.31 -7.54
N ILE A 62 0.14 2.55 -6.28
CA ILE A 62 -0.28 3.73 -5.54
C ILE A 62 0.00 5.00 -6.35
N GLU A 63 1.24 5.16 -6.85
CA GLU A 63 1.59 6.28 -7.71
C GLU A 63 0.63 6.37 -8.90
N SER A 64 0.43 5.23 -9.59
CA SER A 64 -0.35 5.13 -10.81
C SER A 64 -1.84 5.40 -10.60
N LEU A 65 -2.36 5.39 -9.36
CA LEU A 65 -3.68 5.93 -9.11
C LEU A 65 -3.59 7.46 -9.23
N GLY A 66 -3.32 8.17 -8.12
CA GLY A 66 -3.02 9.60 -8.21
C GLY A 66 -2.28 10.09 -6.97
N PHE A 67 -1.40 9.26 -6.40
CA PHE A 67 -1.00 9.36 -5.01
C PHE A 67 0.52 9.33 -4.87
N GLU A 68 1.02 9.47 -3.64
CA GLU A 68 2.43 9.37 -3.29
C GLU A 68 2.54 8.22 -2.29
N ALA A 69 3.68 7.51 -2.29
CA ALA A 69 4.03 6.52 -1.28
C ALA A 69 5.51 6.68 -0.94
N SER A 70 5.83 6.70 0.34
CA SER A 70 7.18 6.89 0.85
C SER A 70 7.46 5.85 1.94
N LEU A 71 8.23 4.81 1.61
CA LEU A 71 8.62 3.73 2.53
C LEU A 71 9.69 4.22 3.52
N VAL A 72 9.37 5.27 4.29
CA VAL A 72 10.22 5.81 5.32
C VAL A 72 10.43 4.79 6.44
N LYS A 73 9.36 4.03 6.74
CA LYS A 73 9.30 3.03 7.79
C LYS A 73 10.02 3.43 9.08
N ILE A 74 9.34 4.25 9.88
CA ILE A 74 9.76 4.58 11.24
C ILE A 74 9.58 3.36 12.16
N GLU A 75 10.47 2.38 11.99
CA GLU A 75 10.47 1.06 12.62
C GLU A 75 9.54 0.12 11.85
CU CU1 B . -9.94 10.98 -2.02
N MET A 1 7.82 -20.06 4.82
CA MET A 1 6.57 -19.61 4.20
C MET A 1 6.88 -18.31 3.46
N GLY A 2 5.88 -17.66 2.87
CA GLY A 2 6.04 -16.39 2.16
C GLY A 2 5.14 -15.36 2.83
N ASP A 3 5.75 -14.33 3.43
CA ASP A 3 5.06 -13.22 4.07
C ASP A 3 6.06 -12.07 4.16
N GLY A 4 5.56 -10.86 4.43
CA GLY A 4 6.31 -9.62 4.50
C GLY A 4 5.31 -8.51 4.80
N VAL A 5 5.77 -7.42 5.41
CA VAL A 5 4.96 -6.29 5.83
C VAL A 5 5.40 -5.03 5.09
N LEU A 6 4.77 -4.76 3.95
CA LEU A 6 5.02 -3.55 3.19
C LEU A 6 4.22 -2.43 3.84
N GLU A 7 4.78 -1.91 4.95
CA GLU A 7 4.24 -0.76 5.65
C GLU A 7 5.07 0.48 5.30
N LEU A 8 4.41 1.45 4.66
CA LEU A 8 5.00 2.70 4.24
C LEU A 8 4.03 3.86 4.49
N VAL A 9 4.54 5.10 4.40
CA VAL A 9 3.75 6.31 4.46
C VAL A 9 3.09 6.47 3.10
N VAL A 10 1.85 6.98 3.05
CA VAL A 10 1.11 7.28 1.87
C VAL A 10 0.42 8.64 2.08
N ARG A 11 0.56 9.55 1.11
CA ARG A 11 0.10 10.93 1.17
C ARG A 11 -0.66 11.24 -0.12
N GLY A 12 -1.54 12.22 -0.07
CA GLY A 12 -2.31 12.67 -1.24
C GLY A 12 -3.68 12.01 -1.32
N MET A 13 -3.85 10.83 -0.72
CA MET A 13 -5.13 10.12 -0.71
C MET A 13 -6.12 10.84 0.22
N THR A 14 -6.66 11.95 -0.29
CA THR A 14 -7.24 13.00 0.53
C THR A 14 -8.55 12.65 1.24
N CYS A 15 -9.23 11.55 0.89
CA CYS A 15 -10.49 11.19 1.52
C CYS A 15 -10.76 9.69 1.39
N ALA A 16 -11.82 9.23 2.05
CA ALA A 16 -12.29 7.85 2.02
C ALA A 16 -12.31 7.30 0.58
N SER A 17 -12.82 8.09 -0.36
CA SER A 17 -12.88 7.73 -1.78
C SER A 17 -11.50 7.40 -2.34
N CYS A 18 -10.45 8.12 -1.91
CA CYS A 18 -9.09 7.77 -2.27
C CYS A 18 -8.67 6.50 -1.53
N VAL A 19 -8.86 6.49 -0.20
CA VAL A 19 -8.42 5.39 0.65
C VAL A 19 -8.92 4.03 0.11
N HIS A 20 -10.24 3.88 -0.05
CA HIS A 20 -10.78 2.59 -0.50
C HIS A 20 -10.45 2.31 -1.97
N LYS A 21 -10.27 3.36 -2.80
CA LYS A 21 -9.77 3.20 -4.16
C LYS A 21 -8.39 2.51 -4.10
N ILE A 22 -7.49 2.98 -3.23
CA ILE A 22 -6.23 2.28 -2.99
C ILE A 22 -6.56 0.86 -2.55
N GLU A 23 -7.17 0.71 -1.36
CA GLU A 23 -7.36 -0.58 -0.68
C GLU A 23 -7.89 -1.62 -1.67
N SER A 24 -9.01 -1.33 -2.30
CA SER A 24 -9.68 -2.23 -3.22
C SER A 24 -8.74 -2.63 -4.36
N SER A 25 -8.12 -1.65 -5.02
CA SER A 25 -7.23 -1.93 -6.14
C SER A 25 -6.07 -2.81 -5.67
N LEU A 26 -5.56 -2.51 -4.48
CA LEU A 26 -4.49 -3.27 -3.86
C LEU A 26 -4.91 -4.71 -3.62
N THR A 27 -6.08 -4.95 -3.01
CA THR A 27 -6.57 -6.32 -2.83
C THR A 27 -6.66 -7.04 -4.18
N LYS A 28 -7.14 -6.32 -5.20
CA LYS A 28 -7.22 -6.78 -6.58
C LYS A 28 -5.84 -7.20 -7.16
N HIS A 29 -4.71 -6.94 -6.49
CA HIS A 29 -3.45 -7.60 -6.84
C HIS A 29 -3.59 -9.12 -6.80
N ARG A 30 -4.42 -9.65 -5.90
CA ARG A 30 -4.52 -11.07 -5.52
C ARG A 30 -3.30 -11.50 -4.73
N GLY A 31 -2.08 -11.23 -5.23
CA GLY A 31 -0.83 -11.57 -4.57
C GLY A 31 -0.54 -10.66 -3.37
N ILE A 32 -1.49 -10.54 -2.44
CA ILE A 32 -1.33 -9.85 -1.18
C ILE A 32 -1.96 -10.72 -0.10
N LEU A 33 -1.77 -10.35 1.17
CA LEU A 33 -2.28 -11.07 2.32
C LEU A 33 -3.27 -10.18 3.08
N TYR A 34 -2.94 -8.88 3.24
CA TYR A 34 -3.85 -7.92 3.87
C TYR A 34 -3.48 -6.53 3.37
N CYS A 35 -4.42 -5.58 3.42
CA CYS A 35 -4.25 -4.18 3.06
C CYS A 35 -4.89 -3.39 4.20
N SER A 36 -4.18 -2.40 4.74
CA SER A 36 -4.74 -1.49 5.72
C SER A 36 -4.15 -0.10 5.50
N VAL A 37 -4.89 0.74 4.79
CA VAL A 37 -4.46 2.05 4.32
C VAL A 37 -5.32 3.13 4.98
N ALA A 38 -4.69 4.25 5.36
CA ALA A 38 -5.33 5.28 6.16
C ALA A 38 -4.66 6.62 5.92
N LEU A 39 -5.44 7.63 5.50
CA LEU A 39 -4.97 9.01 5.49
C LEU A 39 -4.73 9.49 6.92
N ALA A 40 -5.53 8.98 7.86
CA ALA A 40 -5.49 9.38 9.26
C ALA A 40 -4.10 9.19 9.87
N THR A 41 -3.39 8.14 9.44
CA THR A 41 -2.02 7.86 9.84
C THR A 41 -1.09 7.92 8.63
N ASN A 42 -1.54 8.61 7.57
CA ASN A 42 -0.91 8.70 6.27
C ASN A 42 -0.05 7.50 5.92
N LYS A 43 -0.66 6.31 5.86
CA LYS A 43 0.10 5.09 5.67
C LYS A 43 -0.68 4.08 4.86
N ALA A 44 0.05 3.06 4.41
CA ALA A 44 -0.52 1.80 3.98
C ALA A 44 0.38 0.68 4.48
N HIS A 45 -0.24 -0.26 5.21
CA HIS A 45 0.36 -1.51 5.64
C HIS A 45 -0.31 -2.59 4.80
N ILE A 46 0.43 -3.05 3.78
CA ILE A 46 0.06 -4.19 2.95
C ILE A 46 0.92 -5.34 3.46
N LYS A 47 0.29 -6.40 3.96
CA LYS A 47 0.99 -7.67 4.15
C LYS A 47 1.02 -8.35 2.79
N TYR A 48 2.19 -8.82 2.34
CA TYR A 48 2.42 -9.28 0.98
C TYR A 48 3.30 -10.53 1.00
N ASP A 49 3.12 -11.42 0.03
CA ASP A 49 4.14 -12.42 -0.26
C ASP A 49 5.25 -11.72 -1.06
N PRO A 50 6.53 -11.90 -0.69
CA PRO A 50 7.63 -11.16 -1.29
C PRO A 50 8.13 -11.74 -2.62
N GLU A 51 7.56 -12.84 -3.11
CA GLU A 51 7.91 -13.41 -4.40
C GLU A 51 6.95 -12.82 -5.45
N ILE A 52 5.65 -12.89 -5.18
CA ILE A 52 4.63 -12.49 -6.14
C ILE A 52 4.58 -10.97 -6.35
N ILE A 53 4.93 -10.18 -5.33
CA ILE A 53 4.80 -8.74 -5.31
C ILE A 53 6.02 -8.23 -4.57
N GLY A 54 6.55 -7.08 -4.98
CA GLY A 54 7.60 -6.34 -4.31
C GLY A 54 7.13 -4.94 -3.94
N PRO A 55 8.03 -4.13 -3.34
CA PRO A 55 7.77 -2.72 -3.04
C PRO A 55 7.36 -1.98 -4.31
N ARG A 56 8.14 -2.17 -5.39
CA ARG A 56 7.88 -1.62 -6.71
C ARG A 56 6.40 -1.71 -7.06
N ASP A 57 5.84 -2.91 -7.13
CA ASP A 57 4.48 -3.14 -7.58
C ASP A 57 3.50 -2.27 -6.80
N ILE A 58 3.56 -2.39 -5.48
CA ILE A 58 2.67 -1.66 -4.58
C ILE A 58 2.81 -0.16 -4.79
N ILE A 59 4.03 0.35 -4.71
CA ILE A 59 4.31 1.76 -4.90
C ILE A 59 3.73 2.22 -6.25
N HIS A 60 4.08 1.52 -7.33
CA HIS A 60 3.60 1.82 -8.67
C HIS A 60 2.08 1.83 -8.69
N THR A 61 1.42 0.88 -8.01
CA THR A 61 -0.04 0.88 -7.98
C THR A 61 -0.54 2.17 -7.32
N ILE A 62 -0.03 2.47 -6.13
CA ILE A 62 -0.39 3.67 -5.38
C ILE A 62 -0.20 4.94 -6.23
N GLU A 63 0.98 5.09 -6.85
CA GLU A 63 1.32 6.21 -7.71
C GLU A 63 0.34 6.29 -8.88
N SER A 64 0.25 5.22 -9.66
CA SER A 64 -0.60 5.12 -10.83
C SER A 64 -2.03 5.51 -10.48
N LEU A 65 -2.56 4.98 -9.37
CA LEU A 65 -3.88 5.32 -8.88
C LEU A 65 -3.98 6.81 -8.56
N GLY A 66 -3.09 7.33 -7.72
CA GLY A 66 -3.05 8.76 -7.45
C GLY A 66 -1.75 9.28 -6.84
N PHE A 67 -1.17 8.54 -5.89
CA PHE A 67 -0.81 9.12 -4.61
C PHE A 67 0.69 8.97 -4.30
N GLU A 68 1.18 9.80 -3.37
CA GLU A 68 2.58 9.80 -2.95
C GLU A 68 2.76 8.70 -1.90
N ALA A 69 3.97 8.12 -1.82
CA ALA A 69 4.32 7.18 -0.77
C ALA A 69 5.81 7.22 -0.43
N SER A 70 6.17 6.73 0.76
CA SER A 70 7.57 6.66 1.20
C SER A 70 7.74 5.57 2.26
N LEU A 71 8.71 4.65 2.08
CA LEU A 71 9.14 3.69 3.09
C LEU A 71 9.90 4.43 4.20
N VAL A 72 9.21 5.29 4.95
CA VAL A 72 9.82 6.02 6.06
C VAL A 72 10.11 5.05 7.20
N LYS A 73 11.35 4.58 7.30
CA LYS A 73 11.84 3.77 8.40
C LYS A 73 13.26 4.18 8.74
N ILE A 74 13.47 4.58 9.99
CA ILE A 74 14.73 5.00 10.59
C ILE A 74 14.63 4.52 12.04
N GLU A 75 13.64 5.06 12.75
CA GLU A 75 12.89 4.32 13.75
C GLU A 75 11.94 3.39 12.98
CU CU1 B . -10.32 11.40 -2.02
N MET A 1 10.99 -15.12 8.09
CA MET A 1 12.16 -15.43 7.24
C MET A 1 12.10 -14.43 6.10
N GLY A 2 11.59 -14.83 4.94
CA GLY A 2 10.64 -13.96 4.26
C GLY A 2 9.46 -13.73 5.20
N ASP A 3 8.70 -12.66 4.98
CA ASP A 3 7.51 -12.32 5.75
C ASP A 3 6.58 -11.55 4.81
N GLY A 4 5.34 -11.36 5.21
CA GLY A 4 4.30 -10.69 4.45
C GLY A 4 3.75 -9.44 5.14
N VAL A 5 4.18 -9.10 6.36
CA VAL A 5 3.77 -7.85 7.01
C VAL A 5 4.62 -6.70 6.46
N LEU A 6 3.99 -5.60 6.02
CA LEU A 6 4.72 -4.50 5.40
C LEU A 6 3.98 -3.17 5.65
N GLU A 7 4.65 -2.19 6.26
CA GLU A 7 4.15 -0.85 6.48
C GLU A 7 4.91 0.17 5.63
N LEU A 8 4.15 0.89 4.79
CA LEU A 8 4.60 2.11 4.14
C LEU A 8 3.93 3.29 4.85
N VAL A 9 4.47 4.49 4.70
CA VAL A 9 3.67 5.71 4.68
C VAL A 9 3.17 5.88 3.25
N VAL A 10 1.94 6.37 3.08
CA VAL A 10 1.33 6.68 1.82
C VAL A 10 0.63 8.03 2.01
N ARG A 11 0.61 8.88 0.99
CA ARG A 11 0.00 10.20 1.07
C ARG A 11 -0.61 10.58 -0.28
N GLY A 12 -1.46 11.61 -0.28
CA GLY A 12 -2.24 12.04 -1.43
C GLY A 12 -3.72 11.66 -1.26
N MET A 13 -4.05 10.84 -0.25
CA MET A 13 -5.42 10.41 -0.02
C MET A 13 -6.24 11.56 0.56
N THR A 14 -6.67 12.47 -0.31
CA THR A 14 -7.42 13.63 0.13
C THR A 14 -8.78 13.29 0.75
N CYS A 15 -9.32 12.07 0.57
CA CYS A 15 -10.58 11.66 1.18
C CYS A 15 -10.75 10.13 1.10
N ALA A 16 -11.83 9.62 1.70
CA ALA A 16 -12.19 8.21 1.65
C ALA A 16 -12.19 7.67 0.21
N SER A 17 -12.69 8.50 -0.72
CA SER A 17 -12.74 8.20 -2.14
C SER A 17 -11.35 7.89 -2.71
N CYS A 18 -10.29 8.43 -2.12
CA CYS A 18 -8.95 7.93 -2.34
C CYS A 18 -8.74 6.61 -1.60
N VAL A 19 -8.81 6.65 -0.27
CA VAL A 19 -8.40 5.55 0.62
C VAL A 19 -8.92 4.20 0.12
N HIS A 20 -10.23 4.09 -0.07
CA HIS A 20 -10.85 2.83 -0.46
C HIS A 20 -10.30 2.32 -1.81
N LYS A 21 -9.92 3.26 -2.68
CA LYS A 21 -9.53 2.99 -4.04
C LYS A 21 -8.17 2.30 -4.05
N ILE A 22 -7.27 2.72 -3.15
CA ILE A 22 -5.96 2.09 -3.00
C ILE A 22 -6.17 0.61 -2.74
N GLU A 23 -6.78 0.27 -1.60
CA GLU A 23 -7.06 -1.10 -1.23
C GLU A 23 -7.81 -1.81 -2.36
N SER A 24 -8.96 -1.29 -2.79
CA SER A 24 -9.78 -1.94 -3.80
C SER A 24 -8.97 -2.24 -5.08
N SER A 25 -8.17 -1.28 -5.54
CA SER A 25 -7.39 -1.43 -6.76
C SER A 25 -6.26 -2.42 -6.55
N LEU A 26 -5.50 -2.24 -5.48
CA LEU A 26 -4.30 -2.99 -5.18
C LEU A 26 -4.59 -4.41 -4.72
N THR A 27 -5.45 -4.61 -3.73
CA THR A 27 -5.65 -5.90 -3.11
C THR A 27 -6.14 -6.98 -4.09
N LYS A 28 -6.73 -6.60 -5.22
CA LYS A 28 -7.07 -7.56 -6.28
C LYS A 28 -5.82 -8.22 -6.92
N HIS A 29 -4.64 -7.60 -6.83
CA HIS A 29 -3.40 -8.19 -7.32
C HIS A 29 -3.09 -9.41 -6.46
N ARG A 30 -3.29 -10.62 -7.02
CA ARG A 30 -2.95 -11.88 -6.38
C ARG A 30 -1.49 -11.86 -5.92
N GLY A 31 -1.26 -11.62 -4.63
CA GLY A 31 0.06 -11.36 -4.08
C GLY A 31 -0.03 -10.33 -2.95
N ILE A 32 -0.99 -9.41 -3.05
CA ILE A 32 -1.45 -8.62 -1.93
C ILE A 32 -2.43 -9.50 -1.14
N LEU A 33 -2.51 -9.27 0.17
CA LEU A 33 -3.45 -9.92 1.07
C LEU A 33 -4.44 -8.89 1.62
N TYR A 34 -3.94 -7.74 2.08
CA TYR A 34 -4.75 -6.70 2.70
C TYR A 34 -4.01 -5.36 2.56
N CYS A 35 -4.72 -4.23 2.48
CA CYS A 35 -4.12 -2.89 2.44
C CYS A 35 -4.72 -2.02 3.54
N SER A 36 -4.26 -2.15 4.79
CA SER A 36 -4.78 -1.30 5.87
C SER A 36 -4.15 0.08 5.77
N VAL A 37 -4.65 0.89 4.84
CA VAL A 37 -4.32 2.30 4.69
C VAL A 37 -5.31 3.16 5.50
N ALA A 38 -4.83 4.24 6.15
CA ALA A 38 -5.72 5.22 6.75
C ALA A 38 -5.08 6.60 6.75
N LEU A 39 -5.70 7.56 6.06
CA LEU A 39 -5.26 8.95 5.98
C LEU A 39 -5.10 9.62 7.35
N ALA A 40 -5.72 9.06 8.39
CA ALA A 40 -5.58 9.53 9.76
C ALA A 40 -4.14 9.38 10.23
N THR A 41 -3.45 8.31 9.79
CA THR A 41 -2.09 8.01 10.19
C THR A 41 -1.13 8.00 8.98
N ASN A 42 -1.66 8.10 7.75
CA ASN A 42 -0.89 8.19 6.52
C ASN A 42 -0.03 6.95 6.31
N LYS A 43 -0.47 5.84 6.89
CA LYS A 43 0.24 4.58 6.89
C LYS A 43 -0.47 3.69 5.90
N ALA A 44 0.20 2.63 5.47
CA ALA A 44 -0.38 1.51 4.77
C ALA A 44 0.30 0.29 5.32
N HIS A 45 -0.31 -0.26 6.37
CA HIS A 45 0.02 -1.58 6.88
C HIS A 45 -0.69 -2.50 5.91
N ILE A 46 -0.02 -2.77 4.80
CA ILE A 46 -0.47 -3.79 3.89
C ILE A 46 0.01 -5.11 4.46
N LYS A 47 -0.55 -6.18 3.93
CA LYS A 47 0.06 -7.48 4.03
C LYS A 47 0.09 -8.01 2.61
N TYR A 48 1.24 -8.56 2.21
CA TYR A 48 1.60 -8.94 0.84
C TYR A 48 2.43 -10.20 0.90
N ASP A 49 2.80 -10.77 -0.25
CA ASP A 49 3.98 -11.63 -0.36
C ASP A 49 5.02 -10.88 -1.21
N PRO A 50 6.30 -10.83 -0.78
CA PRO A 50 7.32 -10.03 -1.41
C PRO A 50 7.83 -10.61 -2.74
N GLU A 51 7.59 -11.90 -3.00
CA GLU A 51 8.10 -12.57 -4.18
C GLU A 51 7.09 -12.43 -5.31
N ILE A 52 5.82 -12.75 -5.06
CA ILE A 52 4.80 -12.71 -6.11
C ILE A 52 4.17 -11.32 -6.30
N ILE A 53 4.61 -10.31 -5.56
CA ILE A 53 4.21 -8.92 -5.80
C ILE A 53 5.37 -8.05 -5.29
N GLY A 54 5.95 -7.18 -6.12
CA GLY A 54 7.05 -6.36 -5.66
C GLY A 54 6.51 -5.27 -4.70
N PRO A 55 7.29 -4.83 -3.70
CA PRO A 55 6.96 -3.62 -2.98
C PRO A 55 6.85 -2.46 -3.99
N ARG A 56 7.81 -2.40 -4.92
CA ARG A 56 7.76 -1.50 -6.07
C ARG A 56 6.43 -1.60 -6.83
N ASP A 57 5.77 -2.77 -6.91
CA ASP A 57 4.46 -2.89 -7.56
C ASP A 57 3.33 -2.27 -6.75
N ILE A 58 3.31 -2.50 -5.45
CA ILE A 58 2.48 -1.70 -4.57
C ILE A 58 2.71 -0.20 -4.87
N ILE A 59 3.96 0.25 -4.91
CA ILE A 59 4.25 1.61 -5.29
C ILE A 59 3.73 1.94 -6.71
N HIS A 60 3.92 1.07 -7.71
CA HIS A 60 3.41 1.26 -9.07
C HIS A 60 1.92 1.59 -9.00
N THR A 61 1.18 0.84 -8.19
CA THR A 61 -0.25 1.01 -8.08
C THR A 61 -0.55 2.39 -7.47
N ILE A 62 0.06 2.66 -6.31
CA ILE A 62 -0.08 3.93 -5.58
C ILE A 62 0.19 5.13 -6.51
N GLU A 63 1.33 5.11 -7.21
CA GLU A 63 1.70 6.07 -8.25
C GLU A 63 0.59 6.15 -9.31
N SER A 64 0.25 5.01 -9.90
CA SER A 64 -0.65 4.92 -11.05
C SER A 64 -2.06 5.42 -10.73
N LEU A 65 -2.50 5.34 -9.47
CA LEU A 65 -3.74 6.00 -9.07
C LEU A 65 -3.47 7.51 -9.00
N GLY A 66 -3.16 8.06 -7.82
CA GLY A 66 -2.76 9.46 -7.73
C GLY A 66 -2.00 9.78 -6.45
N PHE A 67 -1.19 8.83 -5.96
CA PHE A 67 -0.70 8.88 -4.58
C PHE A 67 0.82 8.69 -4.55
N GLU A 68 1.45 9.03 -3.43
CA GLU A 68 2.87 8.82 -3.17
C GLU A 68 3.00 7.86 -1.98
N ALA A 69 4.13 7.17 -1.84
CA ALA A 69 4.41 6.35 -0.66
C ALA A 69 5.91 6.15 -0.46
N SER A 70 6.27 5.68 0.73
CA SER A 70 7.64 5.42 1.15
C SER A 70 7.62 4.37 2.26
N LEU A 71 8.66 3.53 2.34
CA LEU A 71 8.87 2.72 3.53
C LEU A 71 9.38 3.64 4.63
N VAL A 72 8.71 3.64 5.79
CA VAL A 72 9.18 4.28 7.01
C VAL A 72 9.34 3.18 8.05
N LYS A 73 10.43 3.23 8.82
CA LYS A 73 10.74 2.31 9.92
C LYS A 73 12.01 2.78 10.62
N ILE A 74 13.03 3.15 9.82
CA ILE A 74 14.22 3.84 10.29
C ILE A 74 14.05 5.33 9.94
N GLU A 75 13.77 5.60 8.66
CA GLU A 75 13.79 6.92 8.06
C GLU A 75 15.27 7.36 7.95
CU CU1 B . -9.98 11.64 -2.19
N MET A 1 8.43 -17.20 0.57
CA MET A 1 7.25 -16.80 1.36
C MET A 1 7.70 -16.73 2.82
N GLY A 2 6.78 -16.40 3.74
CA GLY A 2 7.06 -16.32 5.16
C GLY A 2 6.18 -15.22 5.75
N ASP A 3 6.61 -13.97 5.57
CA ASP A 3 5.79 -12.79 5.74
C ASP A 3 6.45 -11.67 4.92
N GLY A 4 5.74 -10.55 4.77
CA GLY A 4 6.23 -9.32 4.20
C GLY A 4 5.36 -8.21 4.76
N VAL A 5 5.93 -7.39 5.64
CA VAL A 5 5.26 -6.30 6.34
C VAL A 5 5.85 -4.98 5.85
N LEU A 6 5.17 -4.35 4.88
CA LEU A 6 5.61 -3.12 4.23
C LEU A 6 4.67 -2.00 4.67
N GLU A 7 5.13 -1.17 5.61
CA GLU A 7 4.39 -0.05 6.15
C GLU A 7 4.87 1.23 5.46
N LEU A 8 4.17 1.64 4.39
CA LEU A 8 4.49 2.86 3.67
C LEU A 8 3.80 4.03 4.36
N VAL A 9 4.33 5.24 4.15
CA VAL A 9 3.54 6.45 4.15
C VAL A 9 2.93 6.60 2.76
N VAL A 10 1.70 7.11 2.67
CA VAL A 10 0.98 7.37 1.43
C VAL A 10 0.26 8.70 1.54
N ARG A 11 0.38 9.55 0.50
CA ARG A 11 -0.20 10.87 0.48
C ARG A 11 -0.86 11.17 -0.87
N GLY A 12 -1.66 12.24 -0.90
CA GLY A 12 -2.60 12.53 -1.99
C GLY A 12 -3.99 11.99 -1.65
N MET A 13 -4.09 11.16 -0.60
CA MET A 13 -5.33 10.52 -0.18
C MET A 13 -6.24 11.53 0.52
N THR A 14 -6.82 12.42 -0.29
CA THR A 14 -7.56 13.58 0.18
C THR A 14 -8.78 13.22 1.04
N CYS A 15 -9.49 12.13 0.74
CA CYS A 15 -10.74 11.79 1.41
C CYS A 15 -10.88 10.27 1.54
N ALA A 16 -11.84 9.84 2.37
CA ALA A 16 -12.13 8.44 2.67
C ALA A 16 -12.05 7.56 1.41
N SER A 17 -12.68 8.02 0.33
CA SER A 17 -12.72 7.34 -0.95
C SER A 17 -11.36 6.77 -1.36
N CYS A 18 -10.29 7.55 -1.14
CA CYS A 18 -8.95 7.17 -1.51
C CYS A 18 -8.52 5.84 -0.89
N VAL A 19 -8.95 5.56 0.35
CA VAL A 19 -8.57 4.35 1.07
C VAL A 19 -8.91 3.12 0.23
N HIS A 20 -10.20 2.96 -0.07
CA HIS A 20 -10.66 1.85 -0.89
C HIS A 20 -10.25 2.03 -2.35
N LYS A 21 -10.13 3.26 -2.85
CA LYS A 21 -9.56 3.52 -4.17
C LYS A 21 -8.23 2.76 -4.32
N ILE A 22 -7.38 2.82 -3.29
CA ILE A 22 -6.21 1.95 -3.23
C ILE A 22 -6.65 0.52 -2.97
N GLU A 23 -7.07 0.19 -1.74
CA GLU A 23 -7.13 -1.20 -1.32
C GLU A 23 -8.00 -2.05 -2.25
N SER A 24 -9.21 -1.57 -2.56
CA SER A 24 -10.13 -2.32 -3.40
C SER A 24 -9.57 -2.51 -4.80
N SER A 25 -8.71 -1.59 -5.27
CA SER A 25 -7.95 -1.81 -6.49
C SER A 25 -6.86 -2.86 -6.21
N LEU A 26 -5.86 -2.49 -5.41
CA LEU A 26 -4.62 -3.24 -5.20
C LEU A 26 -4.86 -4.68 -4.77
N THR A 27 -5.92 -4.96 -4.03
CA THR A 27 -6.25 -6.34 -3.63
C THR A 27 -6.45 -7.27 -4.85
N LYS A 28 -6.71 -6.72 -6.04
CA LYS A 28 -6.73 -7.51 -7.27
C LYS A 28 -5.39 -8.25 -7.50
N HIS A 29 -4.27 -7.74 -6.96
CA HIS A 29 -2.98 -8.40 -7.04
C HIS A 29 -2.86 -9.34 -5.83
N ARG A 30 -3.21 -10.62 -5.97
CA ARG A 30 -3.22 -11.56 -4.84
C ARG A 30 -1.82 -11.84 -4.24
N GLY A 31 -0.77 -11.16 -4.71
CA GLY A 31 0.51 -11.12 -4.01
C GLY A 31 0.40 -10.31 -2.71
N ILE A 32 -0.53 -9.35 -2.66
CA ILE A 32 -0.83 -8.67 -1.43
C ILE A 32 -1.75 -9.58 -0.61
N LEU A 33 -1.60 -9.52 0.71
CA LEU A 33 -2.43 -10.22 1.67
C LEU A 33 -3.43 -9.23 2.28
N TYR A 34 -2.98 -8.01 2.61
CA TYR A 34 -3.86 -6.94 3.07
C TYR A 34 -3.23 -5.58 2.79
N CYS A 35 -4.03 -4.52 2.66
CA CYS A 35 -3.53 -3.16 2.43
C CYS A 35 -4.22 -2.20 3.40
N SER A 36 -3.75 -2.11 4.65
CA SER A 36 -4.35 -1.23 5.65
C SER A 36 -3.91 0.21 5.37
N VAL A 37 -4.57 0.81 4.38
CA VAL A 37 -4.41 2.18 3.95
C VAL A 37 -5.19 3.10 4.90
N ALA A 38 -4.62 4.26 5.25
CA ALA A 38 -5.35 5.31 5.95
C ALA A 38 -4.71 6.66 5.69
N LEU A 39 -5.54 7.69 5.77
CA LEU A 39 -5.19 9.08 5.52
C LEU A 39 -4.88 9.78 6.85
N ALA A 40 -5.61 9.43 7.91
CA ALA A 40 -5.42 9.99 9.25
C ALA A 40 -3.96 9.96 9.71
N THR A 41 -3.23 8.89 9.36
CA THR A 41 -1.79 8.76 9.62
C THR A 41 -0.99 8.72 8.32
N ASN A 42 -1.64 8.95 7.18
CA ASN A 42 -1.03 8.86 5.86
C ASN A 42 -0.19 7.60 5.72
N LYS A 43 -0.79 6.45 6.05
CA LYS A 43 -0.10 5.18 6.17
C LYS A 43 -0.71 4.16 5.22
N ALA A 44 0.07 3.13 4.92
CA ALA A 44 -0.37 1.94 4.24
C ALA A 44 0.42 0.77 4.75
N HIS A 45 -0.16 0.05 5.71
CA HIS A 45 0.38 -1.21 6.18
C HIS A 45 -0.05 -2.28 5.18
N ILE A 46 0.82 -2.57 4.21
CA ILE A 46 0.66 -3.66 3.28
C ILE A 46 1.29 -4.90 3.93
N LYS A 47 0.49 -5.95 4.08
CA LYS A 47 0.96 -7.30 4.29
C LYS A 47 0.96 -7.95 2.92
N TYR A 48 2.06 -8.58 2.49
CA TYR A 48 2.23 -9.13 1.16
C TYR A 48 3.25 -10.27 1.19
N ASP A 49 3.25 -11.14 0.17
CA ASP A 49 4.32 -12.12 0.00
C ASP A 49 5.43 -11.48 -0.84
N PRO A 50 6.66 -11.33 -0.33
CA PRO A 50 7.71 -10.51 -0.93
C PRO A 50 8.40 -11.25 -2.09
N GLU A 51 7.62 -11.57 -3.12
CA GLU A 51 8.05 -12.35 -4.27
C GLU A 51 6.97 -12.30 -5.35
N ILE A 52 5.71 -12.49 -4.95
CA ILE A 52 4.57 -12.40 -5.86
C ILE A 52 4.41 -10.96 -6.36
N ILE A 53 4.74 -9.98 -5.51
CA ILE A 53 4.67 -8.57 -5.85
C ILE A 53 5.81 -7.87 -5.11
N GLY A 54 6.53 -6.99 -5.79
CA GLY A 54 7.62 -6.22 -5.21
C GLY A 54 7.10 -4.97 -4.50
N PRO A 55 7.91 -4.37 -3.62
CA PRO A 55 7.55 -3.14 -2.93
C PRO A 55 7.32 -2.01 -3.94
N ARG A 56 8.21 -1.88 -4.93
CA ARG A 56 8.03 -0.88 -5.97
C ARG A 56 6.78 -1.18 -6.81
N ASP A 57 6.38 -2.44 -7.00
CA ASP A 57 5.18 -2.79 -7.73
C ASP A 57 3.94 -2.30 -6.97
N ILE A 58 3.90 -2.61 -5.67
CA ILE A 58 2.89 -2.04 -4.77
C ILE A 58 2.88 -0.52 -4.95
N ILE A 59 4.01 0.15 -4.75
CA ILE A 59 4.08 1.60 -4.84
C ILE A 59 3.59 2.11 -6.20
N HIS A 60 4.03 1.51 -7.32
CA HIS A 60 3.51 1.81 -8.65
C HIS A 60 1.99 1.76 -8.63
N THR A 61 1.43 0.73 -8.00
CA THR A 61 -0.01 0.56 -8.01
C THR A 61 -0.63 1.73 -7.25
N ILE A 62 -0.14 2.03 -6.05
CA ILE A 62 -0.62 3.15 -5.24
C ILE A 62 -0.59 4.43 -6.09
N GLU A 63 0.61 4.82 -6.52
CA GLU A 63 0.82 6.16 -7.02
C GLU A 63 -0.07 6.43 -8.24
N SER A 64 -0.24 5.39 -9.08
CA SER A 64 -1.09 5.45 -10.26
C SER A 64 -2.53 5.90 -9.94
N LEU A 65 -3.08 5.54 -8.78
CA LEU A 65 -4.47 5.87 -8.49
C LEU A 65 -4.67 7.39 -8.40
N GLY A 66 -3.99 8.07 -7.49
CA GLY A 66 -3.91 9.53 -7.53
C GLY A 66 -2.78 10.08 -6.68
N PHE A 67 -1.75 9.29 -6.38
CA PHE A 67 -1.10 9.37 -5.07
C PHE A 67 0.42 9.38 -5.15
N GLU A 68 1.05 9.53 -3.99
CA GLU A 68 2.48 9.31 -3.80
C GLU A 68 2.63 8.37 -2.61
N ALA A 69 3.78 7.71 -2.49
CA ALA A 69 4.13 6.92 -1.32
C ALA A 69 5.58 7.16 -0.93
N SER A 70 5.93 6.78 0.30
CA SER A 70 7.29 6.79 0.82
C SER A 70 7.37 5.75 1.94
N LEU A 71 8.56 5.57 2.52
CA LEU A 71 8.80 4.63 3.60
C LEU A 71 9.33 5.37 4.82
N VAL A 72 8.93 4.94 6.03
CA VAL A 72 9.34 5.56 7.28
C VAL A 72 9.40 4.51 8.40
N LYS A 73 9.62 3.24 8.03
CA LYS A 73 9.71 2.13 8.97
C LYS A 73 11.18 1.79 9.16
N ILE A 74 11.77 2.19 10.30
CA ILE A 74 13.07 1.67 10.71
C ILE A 74 12.86 0.20 11.08
N GLU A 75 13.77 -0.68 10.63
CA GLU A 75 13.74 -2.12 10.80
C GLU A 75 15.15 -2.56 10.43
CU CU1 B . -10.43 10.48 -1.59
N MET A 1 7.19 -18.12 0.83
CA MET A 1 7.02 -17.90 2.27
C MET A 1 7.96 -16.78 2.72
N GLY A 2 7.61 -16.08 3.79
CA GLY A 2 8.42 -15.02 4.37
C GLY A 2 7.48 -14.13 5.15
N ASP A 3 7.78 -12.84 5.21
CA ASP A 3 6.80 -11.79 5.44
C ASP A 3 7.10 -10.69 4.43
N GLY A 4 6.18 -9.76 4.28
CA GLY A 4 6.37 -8.58 3.48
C GLY A 4 5.41 -7.51 3.98
N VAL A 5 5.68 -6.97 5.16
CA VAL A 5 4.92 -5.85 5.69
C VAL A 5 5.40 -4.56 5.02
N LEU A 6 4.82 -4.27 3.85
CA LEU A 6 4.99 -2.97 3.23
C LEU A 6 4.07 -1.99 3.95
N GLU A 7 4.48 -1.65 5.18
CA GLU A 7 4.11 -0.39 5.77
C GLU A 7 4.99 0.69 5.16
N LEU A 8 4.31 1.71 4.63
CA LEU A 8 4.91 2.88 4.02
C LEU A 8 4.00 4.08 4.25
N VAL A 9 4.54 5.30 4.10
CA VAL A 9 3.76 6.52 4.05
C VAL A 9 3.19 6.58 2.64
N VAL A 10 1.92 6.96 2.53
CA VAL A 10 1.32 7.37 1.29
C VAL A 10 0.92 8.84 1.50
N ARG A 11 1.20 9.68 0.51
CA ARG A 11 0.61 10.99 0.34
C ARG A 11 -0.32 10.94 -0.87
N GLY A 12 -1.12 11.99 -1.03
CA GLY A 12 -2.41 11.93 -1.70
C GLY A 12 -3.45 11.75 -0.61
N MET A 13 -4.21 10.65 -0.64
CA MET A 13 -5.25 10.29 0.31
C MET A 13 -6.03 11.49 0.85
N THR A 14 -6.70 12.23 -0.05
CA THR A 14 -7.41 13.43 0.35
C THR A 14 -8.82 13.16 0.86
N CYS A 15 -9.36 11.94 0.72
CA CYS A 15 -10.64 11.57 1.31
C CYS A 15 -10.78 10.05 1.32
N ALA A 16 -11.83 9.55 1.99
CA ALA A 16 -12.15 8.13 2.08
C ALA A 16 -12.11 7.46 0.70
N SER A 17 -12.66 8.13 -0.31
CA SER A 17 -12.71 7.62 -1.66
C SER A 17 -11.32 7.49 -2.30
N CYS A 18 -10.33 8.26 -1.85
CA CYS A 18 -8.93 7.97 -2.14
C CYS A 18 -8.46 6.78 -1.31
N VAL A 19 -8.57 6.90 0.02
CA VAL A 19 -8.08 5.91 0.96
C VAL A 19 -8.44 4.50 0.49
N HIS A 20 -9.73 4.19 0.39
CA HIS A 20 -10.13 2.82 0.08
C HIS A 20 -9.74 2.40 -1.35
N LYS A 21 -9.32 3.34 -2.20
CA LYS A 21 -8.96 3.09 -3.58
C LYS A 21 -7.66 2.28 -3.59
N ILE A 22 -6.73 2.67 -2.70
CA ILE A 22 -5.45 1.99 -2.55
C ILE A 22 -5.73 0.52 -2.25
N GLU A 23 -6.40 0.26 -1.12
CA GLU A 23 -6.72 -1.09 -0.69
C GLU A 23 -7.46 -1.83 -1.80
N SER A 24 -8.59 -1.30 -2.26
CA SER A 24 -9.40 -1.91 -3.32
C SER A 24 -8.54 -2.25 -4.54
N SER A 25 -7.74 -1.30 -5.01
CA SER A 25 -7.00 -1.43 -6.25
C SER A 25 -5.90 -2.46 -6.06
N LEU A 26 -5.33 -2.54 -4.86
CA LEU A 26 -4.38 -3.57 -4.57
C LEU A 26 -5.05 -4.95 -4.50
N THR A 27 -6.20 -5.09 -3.81
CA THR A 27 -6.77 -6.40 -3.49
C THR A 27 -7.07 -7.31 -4.70
N LYS A 28 -7.11 -6.78 -5.92
CA LYS A 28 -7.14 -7.63 -7.11
C LYS A 28 -5.93 -8.57 -7.20
N HIS A 29 -4.75 -8.10 -6.77
CA HIS A 29 -3.55 -8.94 -6.75
C HIS A 29 -3.74 -10.03 -5.72
N ARG A 30 -3.31 -11.26 -6.03
CA ARG A 30 -3.23 -12.34 -5.05
C ARG A 30 -1.84 -12.39 -4.41
N GLY A 31 -0.89 -11.56 -4.90
CA GLY A 31 0.42 -11.43 -4.31
C GLY A 31 0.38 -10.61 -3.02
N ILE A 32 -0.56 -9.65 -2.95
CA ILE A 32 -0.86 -8.98 -1.70
C ILE A 32 -1.73 -9.93 -0.88
N LEU A 33 -1.57 -9.90 0.44
CA LEU A 33 -2.23 -10.76 1.39
C LEU A 33 -3.23 -9.94 2.20
N TYR A 34 -2.90 -8.69 2.54
CA TYR A 34 -3.78 -7.78 3.23
C TYR A 34 -3.40 -6.37 2.87
N CYS A 35 -4.39 -5.46 2.87
CA CYS A 35 -4.19 -4.04 2.72
C CYS A 35 -4.95 -3.35 3.84
N SER A 36 -4.40 -2.27 4.39
CA SER A 36 -5.17 -1.28 5.15
C SER A 36 -4.44 0.04 5.02
N VAL A 37 -5.15 1.15 5.21
CA VAL A 37 -4.62 2.50 5.08
C VAL A 37 -5.23 3.38 6.18
N ALA A 38 -4.39 4.24 6.77
CA ALA A 38 -4.80 5.19 7.79
C ALA A 38 -4.34 6.58 7.37
N LEU A 39 -5.23 7.36 6.75
CA LEU A 39 -5.00 8.78 6.55
C LEU A 39 -4.74 9.50 7.87
N ALA A 40 -5.24 8.96 8.99
CA ALA A 40 -5.04 9.54 10.31
C ALA A 40 -3.55 9.74 10.63
N THR A 41 -2.72 8.76 10.23
CA THR A 41 -1.28 8.80 10.44
C THR A 41 -0.52 8.99 9.10
N ASN A 42 -1.22 8.77 7.98
CA ASN A 42 -0.67 8.70 6.63
C ASN A 42 0.24 7.49 6.49
N LYS A 43 -0.34 6.30 6.41
CA LYS A 43 0.43 5.11 6.09
C LYS A 43 -0.51 4.06 5.48
N ALA A 44 0.02 3.29 4.54
CA ALA A 44 -0.60 2.07 4.02
C ALA A 44 0.22 0.92 4.54
N HIS A 45 -0.47 -0.08 5.07
CA HIS A 45 0.04 -1.33 5.57
C HIS A 45 -0.40 -2.39 4.57
N ILE A 46 0.50 -2.77 3.66
CA ILE A 46 0.26 -3.81 2.68
C ILE A 46 1.09 -5.01 3.11
N LYS A 47 0.44 -6.09 3.55
CA LYS A 47 1.11 -7.36 3.69
C LYS A 47 1.12 -7.99 2.31
N TYR A 48 2.27 -8.43 1.82
CA TYR A 48 2.41 -9.16 0.56
C TYR A 48 3.46 -10.24 0.72
N ASP A 49 3.41 -11.29 -0.11
CA ASP A 49 4.47 -12.31 -0.12
C ASP A 49 5.48 -11.89 -1.19
N PRO A 50 6.77 -11.69 -0.88
CA PRO A 50 7.76 -11.15 -1.81
C PRO A 50 8.26 -12.21 -2.80
N GLU A 51 7.36 -13.01 -3.36
CA GLU A 51 7.62 -14.09 -4.31
C GLU A 51 6.65 -14.01 -5.50
N ILE A 52 5.85 -12.95 -5.57
CA ILE A 52 4.64 -12.91 -6.40
C ILE A 52 4.22 -11.48 -6.75
N ILE A 53 4.47 -10.48 -5.88
CA ILE A 53 4.38 -9.08 -6.25
C ILE A 53 5.56 -8.40 -5.59
N GLY A 54 6.14 -7.40 -6.23
CA GLY A 54 7.23 -6.62 -5.68
C GLY A 54 6.67 -5.43 -4.90
N PRO A 55 7.43 -4.91 -3.92
CA PRO A 55 7.05 -3.71 -3.21
C PRO A 55 6.91 -2.54 -4.20
N ARG A 56 7.81 -2.50 -5.18
CA ARG A 56 7.74 -1.55 -6.29
C ARG A 56 6.39 -1.60 -7.01
N ASP A 57 5.82 -2.79 -7.21
CA ASP A 57 4.55 -2.92 -7.93
C ASP A 57 3.42 -2.34 -7.08
N ILE A 58 3.41 -2.68 -5.79
CA ILE A 58 2.49 -2.09 -4.84
C ILE A 58 2.59 -0.57 -4.90
N ILE A 59 3.82 -0.04 -4.78
CA ILE A 59 4.08 1.38 -4.89
C ILE A 59 3.49 1.94 -6.19
N HIS A 60 3.82 1.35 -7.35
CA HIS A 60 3.23 1.75 -8.62
C HIS A 60 1.70 1.80 -8.52
N THR A 61 1.10 0.76 -7.91
CA THR A 61 -0.35 0.64 -7.86
C THR A 61 -0.95 1.76 -7.02
N ILE A 62 -0.31 2.10 -5.90
CA ILE A 62 -0.66 3.30 -5.16
C ILE A 62 -0.53 4.51 -6.09
N GLU A 63 0.69 4.82 -6.49
CA GLU A 63 0.99 6.14 -7.04
C GLU A 63 0.19 6.41 -8.32
N SER A 64 0.11 5.41 -9.19
CA SER A 64 -0.52 5.54 -10.50
C SER A 64 -2.02 5.84 -10.42
N LEU A 65 -2.65 5.69 -9.24
CA LEU A 65 -4.03 6.13 -9.07
C LEU A 65 -4.04 7.66 -9.08
N GLY A 66 -3.70 8.31 -7.95
CA GLY A 66 -3.40 9.73 -7.96
C GLY A 66 -2.60 10.11 -6.72
N PHE A 67 -1.60 9.29 -6.35
CA PHE A 67 -1.01 9.31 -5.00
C PHE A 67 0.52 9.35 -5.10
N GLU A 68 1.19 9.42 -3.94
CA GLU A 68 2.65 9.38 -3.83
C GLU A 68 2.98 8.42 -2.69
N ALA A 69 4.08 7.66 -2.74
CA ALA A 69 4.42 6.71 -1.67
C ALA A 69 5.91 6.75 -1.29
N SER A 70 6.22 6.41 -0.03
CA SER A 70 7.57 6.13 0.42
C SER A 70 7.52 5.24 1.65
N LEU A 71 8.25 4.13 1.64
CA LEU A 71 8.56 3.43 2.89
C LEU A 71 9.25 4.38 3.84
N VAL A 72 9.08 4.11 5.15
CA VAL A 72 9.75 4.81 6.23
C VAL A 72 10.34 3.74 7.14
N LYS A 73 9.56 3.22 8.11
CA LYS A 73 10.03 2.30 9.12
C LYS A 73 11.12 2.92 10.01
N ILE A 74 11.49 2.25 11.10
CA ILE A 74 12.11 2.87 12.25
C ILE A 74 11.17 4.01 12.68
N GLU A 75 9.98 3.60 13.09
CA GLU A 75 8.73 4.34 13.04
C GLU A 75 7.84 3.57 14.02
CU CU1 B . -10.31 11.44 -2.28
N MET A 1 7.89 -19.09 2.72
CA MET A 1 6.66 -18.30 2.88
C MET A 1 6.87 -17.41 4.09
N GLY A 2 6.19 -16.27 4.15
CA GLY A 2 6.24 -15.33 5.25
C GLY A 2 5.60 -14.03 4.77
N ASP A 3 4.83 -13.36 5.61
CA ASP A 3 4.16 -12.12 5.27
C ASP A 3 5.19 -10.99 5.29
N GLY A 4 5.52 -10.44 4.13
CA GLY A 4 6.23 -9.17 4.08
C GLY A 4 5.24 -8.10 4.52
N VAL A 5 5.65 -7.14 5.36
CA VAL A 5 4.78 -6.10 5.90
C VAL A 5 5.34 -4.73 5.51
N LEU A 6 5.15 -4.35 4.24
CA LEU A 6 5.68 -3.09 3.73
C LEU A 6 4.73 -1.97 4.15
N GLU A 7 4.72 -1.62 5.44
CA GLU A 7 3.85 -0.58 5.97
C GLU A 7 4.44 0.79 5.62
N LEU A 8 4.39 1.14 4.33
CA LEU A 8 4.96 2.37 3.81
C LEU A 8 4.02 3.54 4.03
N VAL A 9 4.56 4.77 4.07
CA VAL A 9 3.78 6.00 4.10
C VAL A 9 3.31 6.27 2.67
N VAL A 10 1.99 6.39 2.49
CA VAL A 10 1.34 6.73 1.25
C VAL A 10 0.74 8.11 1.45
N ARG A 11 1.08 9.04 0.56
CA ARG A 11 0.74 10.45 0.63
C ARG A 11 -0.47 10.73 -0.27
N GLY A 12 -0.96 11.97 -0.29
CA GLY A 12 -2.13 12.35 -1.04
C GLY A 12 -3.38 12.04 -0.23
N MET A 13 -3.67 10.74 -0.04
CA MET A 13 -4.80 10.15 0.67
C MET A 13 -5.82 11.15 1.24
N THR A 14 -6.53 11.87 0.37
CA THR A 14 -7.21 13.10 0.78
C THR A 14 -8.62 12.85 1.33
N CYS A 15 -9.21 11.66 1.17
CA CYS A 15 -10.53 11.36 1.75
C CYS A 15 -10.78 9.84 1.74
N ALA A 16 -11.94 9.44 2.27
CA ALA A 16 -12.41 8.06 2.28
C ALA A 16 -12.32 7.43 0.88
N SER A 17 -12.66 8.21 -0.17
CA SER A 17 -12.53 7.75 -1.54
C SER A 17 -11.11 7.23 -1.77
N CYS A 18 -10.09 7.92 -1.28
CA CYS A 18 -8.73 7.49 -1.49
C CYS A 18 -8.52 6.16 -0.78
N VAL A 19 -8.74 6.13 0.53
CA VAL A 19 -8.64 4.94 1.36
C VAL A 19 -9.21 3.70 0.65
N HIS A 20 -10.53 3.67 0.43
CA HIS A 20 -11.13 2.43 -0.03
C HIS A 20 -10.76 2.12 -1.48
N LYS A 21 -10.53 3.14 -2.31
CA LYS A 21 -10.12 2.96 -3.70
C LYS A 21 -8.73 2.33 -3.74
N ILE A 22 -7.79 2.87 -2.96
CA ILE A 22 -6.47 2.29 -2.79
C ILE A 22 -6.64 0.83 -2.37
N GLU A 23 -7.29 0.58 -1.22
CA GLU A 23 -7.45 -0.77 -0.68
C GLU A 23 -8.02 -1.73 -1.71
N SER A 24 -9.12 -1.33 -2.37
CA SER A 24 -9.73 -2.11 -3.43
C SER A 24 -8.69 -2.43 -4.52
N SER A 25 -8.02 -1.40 -5.03
CA SER A 25 -7.06 -1.56 -6.12
C SER A 25 -5.93 -2.50 -5.69
N LEU A 26 -5.49 -2.36 -4.45
CA LEU A 26 -4.44 -3.15 -3.86
C LEU A 26 -4.86 -4.61 -3.79
N THR A 27 -6.02 -4.86 -3.22
CA THR A 27 -6.60 -6.18 -3.13
C THR A 27 -6.76 -6.79 -4.54
N LYS A 28 -6.97 -5.94 -5.56
CA LYS A 28 -7.02 -6.33 -6.96
C LYS A 28 -5.70 -6.88 -7.53
N HIS A 29 -4.59 -6.85 -6.78
CA HIS A 29 -3.30 -7.34 -7.28
C HIS A 29 -3.26 -8.88 -7.35
N ARG A 30 -2.31 -9.54 -6.67
CA ARG A 30 -2.23 -10.99 -6.64
C ARG A 30 -1.46 -11.46 -5.41
N GLY A 31 -0.18 -11.11 -5.29
CA GLY A 31 0.66 -11.54 -4.19
C GLY A 31 0.44 -10.67 -2.94
N ILE A 32 -0.82 -10.44 -2.60
CA ILE A 32 -1.22 -9.66 -1.46
C ILE A 32 -1.93 -10.59 -0.48
N LEU A 33 -1.61 -10.45 0.80
CA LEU A 33 -2.24 -11.17 1.89
C LEU A 33 -3.32 -10.27 2.51
N TYR A 34 -3.01 -8.98 2.69
CA TYR A 34 -3.93 -8.04 3.32
C TYR A 34 -3.59 -6.62 2.88
N CYS A 35 -4.58 -5.72 2.89
CA CYS A 35 -4.36 -4.28 2.87
C CYS A 35 -5.22 -3.62 3.94
N SER A 36 -4.68 -2.56 4.57
CA SER A 36 -5.44 -1.57 5.33
C SER A 36 -4.65 -0.27 5.30
N VAL A 37 -5.25 0.82 4.83
CA VAL A 37 -4.58 2.11 4.72
C VAL A 37 -5.26 3.12 5.65
N ALA A 38 -4.53 4.15 6.09
CA ALA A 38 -5.06 5.19 6.96
C ALA A 38 -4.49 6.54 6.58
N LEU A 39 -5.36 7.50 6.28
CA LEU A 39 -5.02 8.88 5.93
C LEU A 39 -4.61 9.70 7.16
N ALA A 40 -4.91 9.21 8.36
CA ALA A 40 -4.46 9.83 9.60
C ALA A 40 -2.95 9.63 9.73
N THR A 41 -2.51 8.37 9.58
CA THR A 41 -1.11 8.00 9.61
C THR A 41 -0.43 8.31 8.28
N ASN A 42 -1.22 8.36 7.19
CA ASN A 42 -0.76 8.44 5.81
C ASN A 42 0.04 7.20 5.48
N LYS A 43 -0.49 6.01 5.82
CA LYS A 43 0.24 4.77 5.71
C LYS A 43 -0.64 3.72 5.05
N ALA A 44 0.00 2.76 4.39
CA ALA A 44 -0.63 1.60 3.81
C ALA A 44 -0.03 0.36 4.42
N HIS A 45 -0.73 -0.22 5.39
CA HIS A 45 -0.37 -1.50 5.95
C HIS A 45 -0.84 -2.54 4.96
N ILE A 46 0.04 -2.86 4.02
CA ILE A 46 -0.09 -4.03 3.17
C ILE A 46 0.68 -5.16 3.83
N LYS A 47 0.12 -6.37 3.77
CA LYS A 47 0.87 -7.59 3.97
C LYS A 47 0.90 -8.30 2.63
N TYR A 48 2.08 -8.73 2.19
CA TYR A 48 2.32 -9.15 0.82
C TYR A 48 3.26 -10.36 0.78
N ASP A 49 3.24 -11.06 -0.36
CA ASP A 49 4.07 -12.23 -0.65
C ASP A 49 5.33 -11.75 -1.36
N PRO A 50 6.49 -11.69 -0.70
CA PRO A 50 7.69 -11.03 -1.20
C PRO A 50 8.43 -11.91 -2.20
N GLU A 51 7.74 -12.26 -3.28
CA GLU A 51 8.15 -13.20 -4.31
C GLU A 51 7.11 -13.16 -5.44
N ILE A 52 5.82 -13.26 -5.09
CA ILE A 52 4.73 -13.09 -6.05
C ILE A 52 4.58 -11.61 -6.41
N ILE A 53 4.75 -10.71 -5.44
CA ILE A 53 4.68 -9.28 -5.63
C ILE A 53 5.96 -8.69 -5.03
N GLY A 54 6.69 -7.91 -5.81
CA GLY A 54 7.78 -7.09 -5.29
C GLY A 54 7.18 -5.88 -4.58
N PRO A 55 8.00 -5.04 -3.94
CA PRO A 55 7.50 -3.81 -3.34
C PRO A 55 6.97 -2.87 -4.41
N ARG A 56 7.74 -2.66 -5.49
CA ARG A 56 7.43 -1.63 -6.45
C ARG A 56 6.19 -1.93 -7.30
N ASP A 57 5.79 -3.21 -7.40
CA ASP A 57 4.48 -3.60 -7.95
C ASP A 57 3.39 -2.72 -7.33
N ILE A 58 3.29 -2.73 -6.00
CA ILE A 58 2.25 -2.00 -5.30
C ILE A 58 2.43 -0.51 -5.52
N ILE A 59 3.67 -0.04 -5.33
CA ILE A 59 3.98 1.37 -5.42
C ILE A 59 3.56 1.91 -6.79
N HIS A 60 3.79 1.17 -7.88
CA HIS A 60 3.28 1.56 -9.19
C HIS A 60 1.78 1.82 -9.17
N THR A 61 1.00 1.02 -8.45
CA THR A 61 -0.44 1.26 -8.36
C THR A 61 -0.69 2.55 -7.60
N ILE A 62 -0.08 2.69 -6.42
CA ILE A 62 -0.19 3.88 -5.57
C ILE A 62 0.11 5.16 -6.36
N GLU A 63 1.27 5.19 -7.03
CA GLU A 63 1.66 6.26 -7.93
C GLU A 63 0.62 6.45 -9.05
N SER A 64 0.32 5.38 -9.79
CA SER A 64 -0.52 5.44 -10.97
C SER A 64 -1.96 5.81 -10.66
N LEU A 65 -2.43 5.63 -9.42
CA LEU A 65 -3.68 6.22 -8.98
C LEU A 65 -3.46 7.74 -8.84
N GLY A 66 -3.17 8.23 -7.63
CA GLY A 66 -2.77 9.62 -7.45
C GLY A 66 -2.02 9.84 -6.15
N PHE A 67 -1.20 8.88 -5.71
CA PHE A 67 -0.69 8.87 -4.34
C PHE A 67 0.82 8.64 -4.35
N GLU A 68 1.56 9.51 -3.66
CA GLU A 68 3.00 9.41 -3.55
C GLU A 68 3.34 8.35 -2.50
N ALA A 69 4.56 7.80 -2.53
CA ALA A 69 4.97 6.70 -1.68
C ALA A 69 6.32 7.01 -1.02
N SER A 70 6.50 6.61 0.24
CA SER A 70 7.80 6.59 0.89
C SER A 70 7.77 5.56 2.01
N LEU A 71 8.70 4.60 2.01
CA LEU A 71 8.84 3.67 3.13
C LEU A 71 9.43 4.41 4.33
N VAL A 72 8.97 4.07 5.53
CA VAL A 72 9.42 4.63 6.79
C VAL A 72 9.49 3.46 7.77
N LYS A 73 10.38 3.51 8.77
CA LYS A 73 10.53 2.43 9.74
C LYS A 73 10.92 2.88 11.15
N ILE A 74 11.76 3.90 11.30
CA ILE A 74 12.13 4.51 12.56
C ILE A 74 11.88 6.00 12.38
N GLU A 75 12.64 6.58 11.45
CA GLU A 75 12.11 7.58 10.54
C GLU A 75 11.67 6.79 9.29
CU CU1 B . -9.94 11.11 -1.62
N MET A 1 8.70 -16.09 4.92
CA MET A 1 8.95 -16.71 3.61
C MET A 1 8.12 -15.99 2.55
N GLY A 2 7.01 -16.56 2.08
CA GLY A 2 6.09 -15.92 1.16
C GLY A 2 5.25 -14.88 1.90
N ASP A 3 5.91 -13.86 2.45
CA ASP A 3 5.37 -12.93 3.42
C ASP A 3 6.34 -11.75 3.56
N GLY A 4 5.87 -10.69 4.22
CA GLY A 4 6.55 -9.43 4.36
C GLY A 4 5.51 -8.41 4.83
N VAL A 5 5.95 -7.40 5.58
CA VAL A 5 5.10 -6.41 6.24
C VAL A 5 5.43 -5.01 5.72
N LEU A 6 4.93 -4.67 4.53
CA LEU A 6 5.24 -3.41 3.89
C LEU A 6 4.39 -2.30 4.51
N GLU A 7 4.85 -1.79 5.65
CA GLU A 7 4.37 -0.54 6.22
C GLU A 7 5.13 0.62 5.58
N LEU A 8 4.41 1.49 4.87
CA LEU A 8 4.92 2.75 4.36
C LEU A 8 3.93 3.87 4.62
N VAL A 9 4.35 5.12 4.40
CA VAL A 9 3.50 6.29 4.42
C VAL A 9 2.95 6.51 3.00
N VAL A 10 1.68 6.93 2.91
CA VAL A 10 1.01 7.31 1.69
C VAL A 10 0.53 8.76 1.84
N ARG A 11 0.85 9.56 0.82
CA ARG A 11 0.63 11.00 0.77
C ARG A 11 -0.25 11.28 -0.45
N GLY A 12 -1.14 12.27 -0.33
CA GLY A 12 -2.26 12.49 -1.21
C GLY A 12 -3.51 12.16 -0.41
N MET A 13 -4.36 11.26 -0.91
CA MET A 13 -5.58 10.80 -0.25
C MET A 13 -6.44 11.97 0.23
N THR A 14 -7.01 12.71 -0.71
CA THR A 14 -7.89 13.82 -0.40
C THR A 14 -9.15 13.40 0.38
N CYS A 15 -9.62 12.16 0.21
CA CYS A 15 -10.90 11.72 0.75
C CYS A 15 -10.98 10.20 0.74
N ALA A 16 -12.02 9.66 1.39
CA ALA A 16 -12.32 8.23 1.42
C ALA A 16 -12.27 7.61 0.02
N SER A 17 -12.74 8.38 -0.97
CA SER A 17 -12.71 8.09 -2.39
C SER A 17 -11.33 7.62 -2.88
N CYS A 18 -10.26 8.14 -2.28
CA CYS A 18 -8.91 7.62 -2.42
C CYS A 18 -8.73 6.33 -1.61
N VAL A 19 -8.90 6.45 -0.29
CA VAL A 19 -8.60 5.40 0.68
C VAL A 19 -9.13 4.05 0.21
N HIS A 20 -10.44 3.97 -0.02
CA HIS A 20 -11.09 2.71 -0.40
C HIS A 20 -10.54 2.19 -1.74
N LYS A 21 -10.13 3.11 -2.62
CA LYS A 21 -9.67 2.80 -3.96
C LYS A 21 -8.31 2.13 -3.84
N ILE A 22 -7.41 2.74 -3.07
CA ILE A 22 -6.11 2.15 -2.79
C ILE A 22 -6.33 0.74 -2.24
N GLU A 23 -7.09 0.63 -1.14
CA GLU A 23 -7.21 -0.64 -0.43
C GLU A 23 -7.88 -1.71 -1.29
N SER A 24 -8.97 -1.36 -1.97
CA SER A 24 -9.67 -2.26 -2.87
C SER A 24 -8.78 -2.66 -4.04
N SER A 25 -8.03 -1.70 -4.61
CA SER A 25 -7.17 -1.95 -5.75
C SER A 25 -6.11 -2.95 -5.31
N LEU A 26 -5.45 -2.67 -4.18
CA LEU A 26 -4.51 -3.58 -3.58
C LEU A 26 -5.08 -5.00 -3.49
N THR A 27 -6.27 -5.18 -2.90
CA THR A 27 -6.82 -6.52 -2.77
C THR A 27 -7.01 -7.26 -4.10
N LYS A 28 -6.91 -6.59 -5.26
CA LYS A 28 -6.92 -7.27 -6.55
C LYS A 28 -5.72 -8.20 -6.71
N HIS A 29 -4.55 -7.86 -6.13
CA HIS A 29 -3.37 -8.69 -6.25
C HIS A 29 -3.39 -9.71 -5.11
N ARG A 30 -3.61 -10.99 -5.39
CA ARG A 30 -3.49 -12.02 -4.37
C ARG A 30 -2.09 -12.07 -3.75
N GLY A 31 -1.10 -11.46 -4.42
CA GLY A 31 0.22 -11.24 -3.86
C GLY A 31 0.19 -10.43 -2.57
N ILE A 32 -0.74 -9.47 -2.42
CA ILE A 32 -0.90 -8.79 -1.16
C ILE A 32 -1.81 -9.67 -0.30
N LEU A 33 -1.36 -9.99 0.92
CA LEU A 33 -2.03 -10.86 1.86
C LEU A 33 -3.04 -10.06 2.67
N TYR A 34 -2.72 -8.81 2.98
CA TYR A 34 -3.61 -7.91 3.70
C TYR A 34 -3.23 -6.49 3.37
N CYS A 35 -4.21 -5.58 3.32
CA CYS A 35 -3.99 -4.15 3.23
C CYS A 35 -4.70 -3.45 4.40
N SER A 36 -4.13 -2.36 4.88
CA SER A 36 -4.76 -1.45 5.84
C SER A 36 -4.16 -0.06 5.63
N VAL A 37 -4.91 0.79 4.94
CA VAL A 37 -4.56 2.19 4.69
C VAL A 37 -5.12 3.08 5.80
N ALA A 38 -4.60 4.31 5.93
CA ALA A 38 -5.32 5.42 6.54
C ALA A 38 -4.74 6.72 6.03
N LEU A 39 -5.59 7.70 5.72
CA LEU A 39 -5.18 9.10 5.64
C LEU A 39 -5.04 9.65 7.06
N ALA A 40 -5.87 9.14 7.98
CA ALA A 40 -5.86 9.52 9.39
C ALA A 40 -4.51 9.24 10.06
N THR A 41 -3.67 8.42 9.43
CA THR A 41 -2.30 8.20 9.87
C THR A 41 -1.34 8.15 8.68
N ASN A 42 -1.77 8.71 7.54
CA ASN A 42 -1.06 8.71 6.27
C ASN A 42 -0.24 7.44 6.02
N LYS A 43 -0.81 6.27 6.31
CA LYS A 43 -0.08 5.02 6.31
C LYS A 43 -0.74 4.03 5.36
N ALA A 44 0.04 3.04 4.94
CA ALA A 44 -0.44 1.83 4.33
C ALA A 44 0.41 0.69 4.83
N HIS A 45 -0.23 -0.22 5.56
CA HIS A 45 0.35 -1.48 5.98
C HIS A 45 -0.19 -2.52 5.01
N ILE A 46 0.68 -2.96 4.09
CA ILE A 46 0.43 -4.02 3.13
C ILE A 46 1.26 -5.21 3.60
N LYS A 47 0.59 -6.27 4.08
CA LYS A 47 1.27 -7.55 4.24
C LYS A 47 1.25 -8.22 2.87
N TYR A 48 2.35 -8.83 2.43
CA TYR A 48 2.48 -9.27 1.04
C TYR A 48 3.53 -10.36 0.86
N ASP A 49 3.37 -11.15 -0.20
CA ASP A 49 4.38 -12.06 -0.70
C ASP A 49 5.28 -11.28 -1.69
N PRO A 50 6.59 -11.18 -1.42
CA PRO A 50 7.50 -10.37 -2.22
C PRO A 50 7.83 -10.99 -3.58
N GLU A 51 7.55 -12.27 -3.81
CA GLU A 51 7.76 -12.91 -5.09
C GLU A 51 6.55 -12.63 -5.97
N ILE A 52 5.34 -12.83 -5.43
CA ILE A 52 4.11 -12.64 -6.18
C ILE A 52 3.92 -11.16 -6.53
N ILE A 53 4.31 -10.24 -5.64
CA ILE A 53 4.23 -8.82 -5.94
C ILE A 53 5.42 -8.12 -5.30
N GLY A 54 6.22 -7.40 -6.08
CA GLY A 54 7.36 -6.69 -5.54
C GLY A 54 6.91 -5.50 -4.70
N PRO A 55 7.72 -5.05 -3.73
CA PRO A 55 7.42 -3.86 -2.97
C PRO A 55 7.27 -2.66 -3.91
N ARG A 56 8.14 -2.58 -4.91
CA ARG A 56 8.05 -1.54 -5.92
C ARG A 56 6.75 -1.64 -6.72
N ASP A 57 6.18 -2.83 -6.91
CA ASP A 57 4.94 -2.98 -7.67
C ASP A 57 3.78 -2.40 -6.86
N ILE A 58 3.73 -2.72 -5.56
CA ILE A 58 2.81 -2.08 -4.63
C ILE A 58 2.95 -0.56 -4.74
N ILE A 59 4.17 -0.04 -4.55
CA ILE A 59 4.43 1.38 -4.65
C ILE A 59 3.90 1.95 -5.97
N HIS A 60 4.29 1.36 -7.11
CA HIS A 60 3.78 1.74 -8.41
C HIS A 60 2.25 1.78 -8.41
N THR A 61 1.59 0.78 -7.81
CA THR A 61 0.14 0.73 -7.82
C THR A 61 -0.42 1.96 -7.08
N ILE A 62 0.10 2.22 -5.88
CA ILE A 62 -0.26 3.39 -5.09
C ILE A 62 -0.07 4.66 -5.92
N GLU A 63 1.13 4.85 -6.47
CA GLU A 63 1.49 6.04 -7.21
C GLU A 63 0.55 6.23 -8.40
N SER A 64 0.38 5.17 -9.19
CA SER A 64 -0.33 5.15 -10.45
C SER A 64 -1.75 5.67 -10.32
N LEU A 65 -2.41 5.43 -9.17
CA LEU A 65 -3.76 5.92 -8.93
C LEU A 65 -3.78 7.45 -8.94
N GLY A 66 -3.46 8.10 -7.81
CA GLY A 66 -3.33 9.56 -7.79
C GLY A 66 -2.51 10.07 -6.62
N PHE A 67 -1.50 9.31 -6.19
CA PHE A 67 -0.92 9.45 -4.85
C PHE A 67 0.61 9.43 -4.93
N GLU A 68 1.29 9.63 -3.79
CA GLU A 68 2.72 9.48 -3.67
C GLU A 68 3.00 8.60 -2.46
N ALA A 69 3.92 7.64 -2.58
CA ALA A 69 4.33 6.77 -1.49
C ALA A 69 5.61 7.31 -0.85
N SER A 70 5.87 6.95 0.40
CA SER A 70 7.15 7.21 1.06
C SER A 70 7.38 6.12 2.11
N LEU A 71 8.40 5.28 1.92
CA LEU A 71 8.75 4.20 2.84
C LEU A 71 9.38 4.76 4.13
N VAL A 72 8.58 5.51 4.90
CA VAL A 72 8.92 5.94 6.24
C VAL A 72 9.25 4.70 7.07
N LYS A 73 10.44 4.68 7.67
CA LYS A 73 10.94 3.58 8.50
C LYS A 73 12.17 4.18 9.19
N ILE A 74 12.47 3.75 10.42
CA ILE A 74 13.60 4.26 11.21
C ILE A 74 14.33 3.02 11.72
N GLU A 75 13.63 2.28 12.57
CA GLU A 75 13.62 0.84 12.49
C GLU A 75 12.30 0.52 11.76
CU CU1 B . -10.23 11.00 -2.42
N MET A 1 7.35 -15.83 5.74
CA MET A 1 8.61 -16.31 5.16
C MET A 1 8.82 -15.61 3.82
N GLY A 2 7.79 -15.65 2.98
CA GLY A 2 7.41 -14.44 2.26
C GLY A 2 6.50 -13.72 3.25
N ASP A 3 5.24 -13.50 2.88
CA ASP A 3 4.15 -13.28 3.84
C ASP A 3 4.37 -12.01 4.67
N GLY A 4 5.07 -11.02 4.11
CA GLY A 4 5.72 -9.95 4.86
C GLY A 4 4.78 -8.84 5.31
N VAL A 5 5.38 -7.74 5.78
CA VAL A 5 4.71 -6.52 6.20
C VAL A 5 5.43 -5.36 5.53
N LEU A 6 4.69 -4.43 4.94
CA LEU A 6 5.21 -3.19 4.38
C LEU A 6 4.23 -2.09 4.77
N GLU A 7 4.55 -1.25 5.76
CA GLU A 7 3.71 -0.14 6.18
C GLU A 7 4.37 1.19 5.84
N LEU A 8 3.73 1.97 4.96
CA LEU A 8 4.28 3.18 4.38
C LEU A 8 3.24 4.31 4.37
N VAL A 9 3.70 5.55 4.22
CA VAL A 9 2.89 6.74 4.13
C VAL A 9 2.43 6.86 2.67
N VAL A 10 1.13 6.69 2.45
CA VAL A 10 0.46 6.91 1.17
C VAL A 10 0.06 8.38 1.09
N ARG A 11 1.06 9.24 0.89
CA ARG A 11 0.93 10.70 0.93
C ARG A 11 0.30 11.19 -0.38
N GLY A 12 -0.97 10.83 -0.61
CA GLY A 12 -1.66 11.14 -1.84
C GLY A 12 -3.17 10.98 -1.67
N MET A 13 -3.60 9.89 -1.03
CA MET A 13 -5.02 9.69 -0.79
C MET A 13 -5.55 10.82 0.09
N THR A 14 -6.52 11.58 -0.43
CA THR A 14 -7.02 12.78 0.21
C THR A 14 -8.31 12.52 1.00
N CYS A 15 -9.28 11.79 0.41
CA CYS A 15 -10.59 11.56 1.03
C CYS A 15 -10.95 10.08 1.00
N ALA A 16 -12.06 9.73 1.68
CA ALA A 16 -12.58 8.37 1.76
C ALA A 16 -12.56 7.66 0.40
N SER A 17 -13.01 8.37 -0.64
CA SER A 17 -13.03 7.89 -2.00
C SER A 17 -11.65 7.42 -2.45
N CYS A 18 -10.59 8.16 -2.10
CA CYS A 18 -9.22 7.76 -2.38
C CYS A 18 -8.81 6.60 -1.47
N VAL A 19 -9.02 6.76 -0.16
CA VAL A 19 -8.69 5.78 0.86
C VAL A 19 -9.10 4.38 0.40
N HIS A 20 -10.41 4.21 0.14
CA HIS A 20 -10.87 2.87 -0.21
C HIS A 20 -10.36 2.40 -1.59
N LYS A 21 -9.83 3.32 -2.41
CA LYS A 21 -9.40 3.03 -3.76
C LYS A 21 -8.13 2.20 -3.67
N ILE A 22 -7.19 2.64 -2.82
CA ILE A 22 -5.95 1.92 -2.59
C ILE A 22 -6.29 0.48 -2.23
N GLU A 23 -6.90 0.25 -1.07
CA GLU A 23 -7.32 -1.07 -0.61
C GLU A 23 -8.06 -1.87 -1.68
N SER A 24 -9.26 -1.43 -2.10
CA SER A 24 -10.06 -2.14 -3.07
C SER A 24 -9.27 -2.49 -4.33
N SER A 25 -8.40 -1.59 -4.81
CA SER A 25 -7.60 -1.88 -6.00
C SER A 25 -6.57 -2.94 -5.64
N LEU A 26 -5.69 -2.62 -4.69
CA LEU A 26 -4.57 -3.45 -4.29
C LEU A 26 -5.00 -4.88 -3.95
N THR A 27 -6.18 -5.06 -3.38
CA THR A 27 -6.69 -6.39 -3.02
C THR A 27 -6.72 -7.35 -4.22
N LYS A 28 -6.76 -6.87 -5.47
CA LYS A 28 -6.66 -7.78 -6.62
C LYS A 28 -5.28 -8.47 -6.72
N HIS A 29 -4.24 -7.87 -6.14
CA HIS A 29 -2.90 -8.44 -6.16
C HIS A 29 -2.84 -9.48 -5.05
N ARG A 30 -2.89 -10.78 -5.37
CA ARG A 30 -2.69 -11.79 -4.34
C ARG A 30 -1.33 -11.63 -3.62
N GLY A 31 -0.37 -10.96 -4.28
CA GLY A 31 0.90 -10.61 -3.68
C GLY A 31 0.80 -9.54 -2.59
N ILE A 32 -0.40 -9.04 -2.27
CA ILE A 32 -0.66 -8.38 -1.01
C ILE A 32 -1.77 -9.17 -0.32
N LEU A 33 -1.55 -9.54 0.94
CA LEU A 33 -2.51 -10.33 1.69
C LEU A 33 -3.56 -9.41 2.31
N TYR A 34 -3.20 -8.17 2.64
CA TYR A 34 -4.13 -7.20 3.21
C TYR A 34 -3.57 -5.82 2.92
N CYS A 35 -4.44 -4.81 2.81
CA CYS A 35 -4.08 -3.39 2.76
C CYS A 35 -4.93 -2.64 3.79
N SER A 36 -4.29 -1.99 4.78
CA SER A 36 -4.95 -1.34 5.92
C SER A 36 -4.60 0.14 5.95
N VAL A 37 -5.45 0.97 5.34
CA VAL A 37 -5.21 2.38 5.06
C VAL A 37 -5.75 3.28 6.18
N ALA A 38 -5.12 4.45 6.41
CA ALA A 38 -5.66 5.49 7.27
C ALA A 38 -5.14 6.87 6.88
N LEU A 39 -6.04 7.86 6.91
CA LEU A 39 -5.74 9.28 6.79
C LEU A 39 -5.20 9.79 8.11
N ALA A 40 -5.95 9.60 9.19
CA ALA A 40 -5.59 10.08 10.53
C ALA A 40 -4.12 9.80 10.86
N THR A 41 -3.65 8.59 10.52
CA THR A 41 -2.30 8.14 10.78
C THR A 41 -1.40 8.23 9.54
N ASN A 42 -1.97 8.59 8.37
CA ASN A 42 -1.26 8.70 7.10
C ASN A 42 -0.46 7.44 6.82
N LYS A 43 -1.15 6.34 6.56
CA LYS A 43 -0.50 5.05 6.43
C LYS A 43 -1.32 4.10 5.58
N ALA A 44 -0.63 3.04 5.16
CA ALA A 44 -1.16 1.86 4.49
C ALA A 44 -0.32 0.68 4.91
N HIS A 45 -0.85 -0.15 5.82
CA HIS A 45 -0.20 -1.40 6.18
C HIS A 45 -0.56 -2.40 5.10
N ILE A 46 0.41 -2.72 4.25
CA ILE A 46 0.26 -3.68 3.20
C ILE A 46 1.02 -4.92 3.63
N LYS A 47 0.31 -6.03 3.86
CA LYS A 47 0.95 -7.30 4.13
C LYS A 47 1.42 -7.88 2.80
N TYR A 48 2.46 -7.26 2.23
CA TYR A 48 3.02 -7.67 0.95
C TYR A 48 3.68 -9.04 1.05
N ASP A 49 3.74 -9.76 -0.07
CA ASP A 49 4.65 -10.88 -0.20
C ASP A 49 5.81 -10.47 -1.11
N PRO A 50 7.06 -10.46 -0.59
CA PRO A 50 8.21 -9.97 -1.31
C PRO A 50 8.58 -10.84 -2.53
N GLU A 51 8.19 -12.12 -2.55
CA GLU A 51 8.62 -13.00 -3.62
C GLU A 51 7.85 -12.67 -4.89
N ILE A 52 6.54 -12.45 -4.75
CA ILE A 52 5.67 -12.15 -5.89
C ILE A 52 5.58 -10.64 -6.16
N ILE A 53 5.62 -9.79 -5.12
CA ILE A 53 5.34 -8.37 -5.25
C ILE A 53 6.44 -7.60 -4.49
N GLY A 54 7.26 -6.86 -5.23
CA GLY A 54 8.30 -6.04 -4.65
C GLY A 54 7.72 -4.73 -4.10
N PRO A 55 8.47 -4.02 -3.24
CA PRO A 55 8.06 -2.73 -2.72
C PRO A 55 7.79 -1.77 -3.88
N ARG A 56 8.67 -1.78 -4.89
CA ARG A 56 8.50 -0.99 -6.10
C ARG A 56 7.18 -1.26 -6.81
N ASP A 57 6.67 -2.50 -6.76
CA ASP A 57 5.40 -2.83 -7.41
C ASP A 57 4.27 -2.16 -6.64
N ILE A 58 4.26 -2.32 -5.33
CA ILE A 58 3.30 -1.65 -4.46
C ILE A 58 3.33 -0.14 -4.72
N ILE A 59 4.51 0.48 -4.56
CA ILE A 59 4.70 1.91 -4.79
C ILE A 59 4.11 2.28 -6.16
N HIS A 60 4.54 1.59 -7.22
CA HIS A 60 4.03 1.84 -8.55
C HIS A 60 2.51 1.71 -8.60
N THR A 61 1.93 0.71 -7.92
CA THR A 61 0.49 0.49 -7.96
C THR A 61 -0.20 1.71 -7.35
N ILE A 62 0.24 2.14 -6.16
CA ILE A 62 -0.27 3.35 -5.54
C ILE A 62 -0.16 4.53 -6.52
N GLU A 63 1.03 4.76 -7.07
CA GLU A 63 1.28 5.84 -8.00
C GLU A 63 0.34 5.78 -9.20
N SER A 64 0.04 4.57 -9.69
CA SER A 64 -0.81 4.36 -10.85
C SER A 64 -2.25 4.84 -10.64
N LEU A 65 -2.68 5.08 -9.39
CA LEU A 65 -3.96 5.74 -9.15
C LEU A 65 -3.78 7.25 -9.39
N GLY A 66 -3.56 8.03 -8.33
CA GLY A 66 -3.27 9.46 -8.45
C GLY A 66 -2.56 9.95 -7.20
N PHE A 67 -1.57 9.19 -6.73
CA PHE A 67 -1.01 9.29 -5.39
C PHE A 67 0.52 9.25 -5.49
N GLU A 68 1.20 9.42 -4.35
CA GLU A 68 2.62 9.08 -4.21
C GLU A 68 2.80 8.43 -2.83
N ALA A 69 3.97 7.83 -2.61
CA ALA A 69 4.24 6.93 -1.48
C ALA A 69 5.59 7.27 -0.84
N SER A 70 5.75 6.99 0.45
CA SER A 70 7.05 7.03 1.11
C SER A 70 7.08 6.03 2.28
N LEU A 71 8.05 5.11 2.28
CA LEU A 71 8.30 4.26 3.44
C LEU A 71 8.81 5.14 4.59
N VAL A 72 8.51 4.74 5.82
CA VAL A 72 8.95 5.39 7.04
C VAL A 72 9.29 4.25 8.00
N LYS A 73 10.48 4.28 8.62
CA LYS A 73 11.08 3.17 9.37
C LYS A 73 11.51 2.04 8.44
N ILE A 74 12.52 1.26 8.86
CA ILE A 74 13.09 0.20 8.04
C ILE A 74 12.10 -0.96 7.86
N GLU A 75 12.19 -1.63 6.70
CA GLU A 75 11.45 -2.78 6.24
C GLU A 75 12.34 -3.46 5.21
CU CU1 B . -10.41 11.41 -2.58
N MET A 1 3.30 -16.41 2.24
CA MET A 1 4.29 -17.31 2.86
C MET A 1 4.71 -16.67 4.18
N GLY A 2 5.99 -16.72 4.55
CA GLY A 2 6.55 -15.83 5.56
C GLY A 2 6.54 -14.40 5.01
N ASP A 3 5.38 -13.74 5.08
CA ASP A 3 5.17 -12.45 4.47
C ASP A 3 6.14 -11.38 5.02
N GLY A 4 6.36 -10.34 4.22
CA GLY A 4 7.07 -9.14 4.62
C GLY A 4 6.04 -8.03 4.85
N VAL A 5 6.27 -7.19 5.86
CA VAL A 5 5.48 -6.00 6.12
C VAL A 5 6.07 -4.82 5.35
N LEU A 6 5.27 -3.79 5.11
CA LEU A 6 5.73 -2.52 4.59
C LEU A 6 4.83 -1.45 5.20
N GLU A 7 5.41 -0.37 5.73
CA GLU A 7 4.67 0.76 6.25
C GLU A 7 5.04 2.00 5.44
N LEU A 8 4.05 2.50 4.69
CA LEU A 8 4.16 3.65 3.82
C LEU A 8 3.35 4.78 4.44
N VAL A 9 3.87 6.01 4.46
CA VAL A 9 3.05 7.21 4.55
C VAL A 9 2.53 7.40 3.13
N VAL A 10 1.32 6.94 2.85
CA VAL A 10 0.63 7.20 1.60
C VAL A 10 -0.01 8.57 1.72
N ARG A 11 0.19 9.42 0.72
CA ARG A 11 -0.18 10.83 0.78
C ARG A 11 -0.65 11.27 -0.61
N GLY A 12 -1.74 12.04 -0.63
CA GLY A 12 -2.48 12.39 -1.84
C GLY A 12 -3.89 11.80 -1.80
N MET A 13 -4.10 10.71 -1.06
CA MET A 13 -5.38 10.04 -0.94
C MET A 13 -6.35 10.89 -0.09
N THR A 14 -6.84 11.97 -0.72
CA THR A 14 -7.58 13.04 -0.06
C THR A 14 -8.74 12.56 0.82
N CYS A 15 -9.46 11.49 0.45
CA CYS A 15 -10.72 11.13 1.10
C CYS A 15 -10.92 9.62 1.13
N ALA A 16 -11.95 9.19 1.88
CA ALA A 16 -12.35 7.80 1.99
C ALA A 16 -12.46 7.12 0.62
N SER A 17 -13.02 7.84 -0.35
CA SER A 17 -13.15 7.36 -1.71
C SER A 17 -11.79 7.04 -2.34
N CYS A 18 -10.73 7.77 -2.00
CA CYS A 18 -9.37 7.36 -2.32
C CYS A 18 -8.90 6.18 -1.47
N VAL A 19 -9.13 6.22 -0.16
CA VAL A 19 -8.69 5.14 0.73
C VAL A 19 -9.16 3.78 0.22
N HIS A 20 -10.48 3.57 0.10
CA HIS A 20 -10.97 2.25 -0.29
C HIS A 20 -10.65 1.92 -1.75
N LYS A 21 -10.52 2.94 -2.61
CA LYS A 21 -10.00 2.78 -3.97
C LYS A 21 -8.62 2.13 -3.89
N ILE A 22 -7.70 2.71 -3.12
CA ILE A 22 -6.38 2.10 -2.95
C ILE A 22 -6.56 0.68 -2.46
N GLU A 23 -7.21 0.48 -1.32
CA GLU A 23 -7.31 -0.82 -0.68
C GLU A 23 -7.81 -1.86 -1.70
N SER A 24 -9.01 -1.63 -2.25
CA SER A 24 -9.67 -2.53 -3.16
C SER A 24 -8.81 -2.80 -4.39
N SER A 25 -8.22 -1.74 -4.98
CA SER A 25 -7.42 -1.89 -6.18
C SER A 25 -6.17 -2.71 -5.85
N LEU A 26 -5.40 -2.26 -4.88
CA LEU A 26 -4.16 -2.88 -4.46
C LEU A 26 -4.36 -4.36 -4.15
N THR A 27 -5.35 -4.69 -3.32
CA THR A 27 -5.65 -6.06 -2.95
C THR A 27 -6.07 -6.92 -4.16
N LYS A 28 -6.31 -6.34 -5.34
CA LYS A 28 -6.48 -7.13 -6.56
C LYS A 28 -5.19 -7.86 -6.92
N HIS A 29 -4.02 -7.30 -6.60
CA HIS A 29 -2.74 -7.88 -6.94
C HIS A 29 -2.41 -8.98 -5.92
N ARG A 30 -3.14 -10.10 -6.03
CA ARG A 30 -2.98 -11.29 -5.20
C ARG A 30 -1.49 -11.61 -5.02
N GLY A 31 -0.92 -11.27 -3.86
CA GLY A 31 0.53 -11.20 -3.69
C GLY A 31 0.87 -10.17 -2.62
N ILE A 32 0.12 -9.06 -2.63
CA ILE A 32 -0.15 -8.37 -1.39
C ILE A 32 -1.22 -9.22 -0.71
N LEU A 33 -1.12 -9.37 0.61
CA LEU A 33 -1.99 -10.21 1.42
C LEU A 33 -2.98 -9.33 2.18
N TYR A 34 -2.52 -8.21 2.74
CA TYR A 34 -3.39 -7.27 3.43
C TYR A 34 -2.86 -5.85 3.24
N CYS A 35 -3.78 -4.88 3.29
CA CYS A 35 -3.54 -3.45 3.24
C CYS A 35 -4.42 -2.79 4.31
N SER A 36 -3.86 -1.84 5.06
CA SER A 36 -4.59 -0.99 6.00
C SER A 36 -4.17 0.45 5.74
N VAL A 37 -4.79 1.08 4.73
CA VAL A 37 -4.64 2.50 4.44
C VAL A 37 -5.49 3.34 5.40
N ALA A 38 -4.98 4.48 5.84
CA ALA A 38 -5.74 5.48 6.57
C ALA A 38 -5.11 6.86 6.41
N LEU A 39 -5.94 7.90 6.47
CA LEU A 39 -5.60 9.26 6.06
C LEU A 39 -5.48 10.24 7.24
N ALA A 40 -5.92 9.84 8.43
CA ALA A 40 -5.73 10.64 9.63
C ALA A 40 -4.24 10.68 9.96
N THR A 41 -3.62 9.49 10.01
CA THR A 41 -2.19 9.35 10.20
C THR A 41 -1.44 9.57 8.88
N ASN A 42 -2.07 9.27 7.75
CA ASN A 42 -1.43 9.13 6.44
C ASN A 42 -0.53 7.92 6.52
N LYS A 43 -1.12 6.74 6.37
CA LYS A 43 -0.41 5.49 6.50
C LYS A 43 -1.03 4.45 5.58
N ALA A 44 -0.23 3.44 5.27
CA ALA A 44 -0.63 2.17 4.71
C ALA A 44 0.31 1.13 5.27
N HIS A 45 -0.20 0.28 6.17
CA HIS A 45 0.49 -0.94 6.52
C HIS A 45 0.04 -1.95 5.47
N ILE A 46 0.97 -2.46 4.68
CA ILE A 46 0.76 -3.55 3.75
C ILE A 46 1.53 -4.74 4.35
N LYS A 47 1.04 -5.95 4.12
CA LYS A 47 1.88 -7.13 4.19
C LYS A 47 1.68 -7.94 2.92
N TYR A 48 2.77 -8.50 2.41
CA TYR A 48 2.88 -9.01 1.07
C TYR A 48 3.96 -10.10 1.01
N ASP A 49 3.85 -11.02 0.07
CA ASP A 49 4.89 -12.02 -0.16
C ASP A 49 5.94 -11.39 -1.08
N PRO A 50 7.18 -11.16 -0.62
CA PRO A 50 8.20 -10.40 -1.34
C PRO A 50 8.87 -11.22 -2.44
N GLU A 51 8.05 -11.82 -3.31
CA GLU A 51 8.44 -12.68 -4.41
C GLU A 51 7.47 -12.42 -5.55
N ILE A 52 6.19 -12.66 -5.27
CA ILE A 52 5.08 -12.49 -6.19
C ILE A 52 4.76 -11.01 -6.43
N ILE A 53 5.09 -10.12 -5.48
CA ILE A 53 4.98 -8.68 -5.67
C ILE A 53 6.13 -8.05 -4.89
N GLY A 54 6.72 -6.99 -5.41
CA GLY A 54 7.73 -6.19 -4.75
C GLY A 54 7.12 -4.94 -4.13
N PRO A 55 7.81 -4.30 -3.19
CA PRO A 55 7.37 -3.03 -2.62
C PRO A 55 7.19 -1.99 -3.73
N ARG A 56 8.12 -1.97 -4.69
CA ARG A 56 8.04 -1.05 -5.81
C ARG A 56 6.72 -1.18 -6.56
N ASP A 57 6.18 -2.39 -6.70
CA ASP A 57 4.95 -2.65 -7.45
C ASP A 57 3.75 -2.08 -6.68
N ILE A 58 3.66 -2.39 -5.39
CA ILE A 58 2.67 -1.77 -4.51
C ILE A 58 2.72 -0.26 -4.71
N ILE A 59 3.90 0.32 -4.52
CA ILE A 59 4.11 1.74 -4.66
C ILE A 59 3.68 2.20 -6.06
N HIS A 60 4.03 1.43 -7.11
CA HIS A 60 3.61 1.70 -8.48
C HIS A 60 2.09 1.77 -8.60
N THR A 61 1.37 0.89 -7.92
CA THR A 61 -0.09 0.94 -8.00
C THR A 61 -0.60 2.22 -7.32
N ILE A 62 -0.05 2.52 -6.14
CA ILE A 62 -0.31 3.75 -5.40
C ILE A 62 -0.10 5.00 -6.29
N GLU A 63 1.06 5.09 -6.95
CA GLU A 63 1.39 6.15 -7.91
C GLU A 63 0.36 6.17 -9.04
N SER A 64 0.20 5.02 -9.70
CA SER A 64 -0.67 4.87 -10.87
C SER A 64 -2.09 5.37 -10.57
N LEU A 65 -2.62 5.03 -9.39
CA LEU A 65 -3.90 5.56 -8.95
C LEU A 65 -3.81 7.08 -8.80
N GLY A 66 -3.02 7.56 -7.84
CA GLY A 66 -2.93 9.00 -7.61
C GLY A 66 -1.71 9.50 -6.83
N PHE A 67 -1.08 8.69 -5.99
CA PHE A 67 -0.63 9.15 -4.68
C PHE A 67 0.85 8.85 -4.49
N GLU A 68 1.55 9.64 -3.68
CA GLU A 68 2.92 9.34 -3.32
C GLU A 68 2.89 8.37 -2.13
N ALA A 69 3.93 7.55 -2.00
CA ALA A 69 4.22 6.82 -0.79
C ALA A 69 5.63 7.18 -0.31
N SER A 70 5.75 7.55 0.96
CA SER A 70 7.01 7.72 1.66
C SER A 70 7.17 6.56 2.64
N LEU A 71 8.01 5.57 2.35
CA LEU A 71 8.28 4.48 3.29
C LEU A 71 8.73 5.04 4.64
N VAL A 72 8.07 4.65 5.74
CA VAL A 72 8.49 5.06 7.07
C VAL A 72 9.55 4.12 7.63
N LYS A 73 9.46 2.82 7.31
CA LYS A 73 10.48 1.84 7.63
C LYS A 73 10.23 0.56 6.80
N ILE A 74 11.14 -0.40 6.94
CA ILE A 74 11.08 -1.74 6.38
C ILE A 74 11.41 -2.68 7.55
N GLU A 75 10.83 -3.87 7.57
CA GLU A 75 11.24 -5.00 8.37
C GLU A 75 11.12 -6.22 7.45
CU CU1 B . -10.45 10.95 -2.58
N MET A 1 7.35 -14.08 1.84
CA MET A 1 8.54 -14.74 2.41
C MET A 1 8.66 -14.29 3.87
N GLY A 2 8.08 -15.06 4.81
CA GLY A 2 7.81 -14.56 6.14
C GLY A 2 6.92 -13.32 6.02
N ASP A 3 5.82 -13.49 5.28
CA ASP A 3 5.14 -12.42 4.57
C ASP A 3 6.11 -11.40 3.97
N GLY A 4 6.16 -10.19 4.53
CA GLY A 4 6.75 -9.00 3.98
C GLY A 4 5.81 -7.84 4.33
N VAL A 5 6.33 -6.79 4.96
CA VAL A 5 5.56 -5.68 5.52
C VAL A 5 5.87 -4.37 4.78
N LEU A 6 5.24 -4.14 3.63
CA LEU A 6 5.43 -2.89 2.93
C LEU A 6 4.53 -1.83 3.57
N GLU A 7 5.01 -1.27 4.69
CA GLU A 7 4.38 -0.14 5.33
C GLU A 7 5.06 1.15 4.85
N LEU A 8 4.37 1.83 3.94
CA LEU A 8 4.83 3.05 3.31
C LEU A 8 3.83 4.18 3.60
N VAL A 9 4.32 5.42 3.63
CA VAL A 9 3.49 6.60 3.59
C VAL A 9 3.08 6.77 2.14
N VAL A 10 1.78 6.94 1.91
CA VAL A 10 1.16 7.25 0.65
C VAL A 10 0.64 8.68 0.77
N ARG A 11 1.41 9.64 0.27
CA ARG A 11 0.99 11.03 0.32
C ARG A 11 0.03 11.28 -0.85
N GLY A 12 -0.95 12.17 -0.62
CA GLY A 12 -2.02 12.44 -1.57
C GLY A 12 -3.33 11.77 -1.17
N MET A 13 -3.30 10.87 -0.16
CA MET A 13 -4.44 10.18 0.39
C MET A 13 -5.39 11.17 1.09
N THR A 14 -6.09 11.99 0.32
CA THR A 14 -6.81 13.14 0.85
C THR A 14 -8.06 12.73 1.65
N CYS A 15 -8.73 11.62 1.30
CA CYS A 15 -10.05 11.31 1.87
C CYS A 15 -10.35 9.82 1.87
N ALA A 16 -11.48 9.46 2.47
CA ALA A 16 -12.00 8.10 2.51
C ALA A 16 -12.03 7.49 1.11
N SER A 17 -12.43 8.28 0.11
CA SER A 17 -12.47 7.86 -1.27
C SER A 17 -11.09 7.52 -1.82
N CYS A 18 -10.01 8.08 -1.27
CA CYS A 18 -8.67 7.54 -1.49
C CYS A 18 -8.50 6.24 -0.73
N VAL A 19 -8.58 6.29 0.60
CA VAL A 19 -8.38 5.15 1.51
C VAL A 19 -8.93 3.86 0.91
N HIS A 20 -10.25 3.79 0.73
CA HIS A 20 -10.88 2.54 0.32
C HIS A 20 -10.50 2.17 -1.11
N LYS A 21 -10.20 3.16 -1.97
CA LYS A 21 -9.83 2.91 -3.34
C LYS A 21 -8.48 2.23 -3.36
N ILE A 22 -7.47 2.85 -2.74
CA ILE A 22 -6.12 2.30 -2.62
C ILE A 22 -6.24 0.87 -2.11
N GLU A 23 -6.83 0.74 -0.92
CA GLU A 23 -6.94 -0.52 -0.22
C GLU A 23 -7.62 -1.56 -1.10
N SER A 24 -8.83 -1.26 -1.58
CA SER A 24 -9.61 -2.20 -2.37
C SER A 24 -8.95 -2.50 -3.72
N SER A 25 -8.19 -1.57 -4.30
CA SER A 25 -7.53 -1.80 -5.57
C SER A 25 -6.40 -2.79 -5.34
N LEU A 26 -5.56 -2.52 -4.35
CA LEU A 26 -4.52 -3.44 -3.96
C LEU A 26 -5.09 -4.82 -3.70
N THR A 27 -6.18 -4.91 -2.93
CA THR A 27 -6.81 -6.18 -2.59
C THR A 27 -7.22 -7.03 -3.82
N LYS A 28 -7.15 -6.50 -5.05
CA LYS A 28 -7.36 -7.29 -6.26
C LYS A 28 -6.15 -8.17 -6.60
N HIS A 29 -4.94 -7.74 -6.22
CA HIS A 29 -3.69 -8.39 -6.59
C HIS A 29 -3.52 -9.67 -5.74
N ARG A 30 -2.65 -10.59 -6.19
CA ARG A 30 -2.47 -11.87 -5.52
C ARG A 30 -1.27 -11.86 -4.57
N GLY A 31 -0.13 -11.27 -4.96
CA GLY A 31 1.06 -11.29 -4.12
C GLY A 31 0.94 -10.41 -2.88
N ILE A 32 -0.08 -9.56 -2.82
CA ILE A 32 -0.45 -8.87 -1.59
C ILE A 32 -1.21 -9.86 -0.71
N LEU A 33 -1.27 -9.58 0.60
CA LEU A 33 -1.81 -10.49 1.60
C LEU A 33 -2.83 -9.75 2.48
N TYR A 34 -2.52 -8.50 2.85
CA TYR A 34 -3.44 -7.65 3.59
C TYR A 34 -3.14 -6.22 3.19
N CYS A 35 -4.15 -5.37 3.18
CA CYS A 35 -4.03 -3.96 2.85
C CYS A 35 -4.71 -3.22 4.00
N SER A 36 -4.03 -2.27 4.63
CA SER A 36 -4.59 -1.48 5.71
C SER A 36 -4.05 -0.06 5.63
N VAL A 37 -4.85 0.90 5.16
CA VAL A 37 -4.44 2.28 4.94
C VAL A 37 -5.23 3.25 5.82
N ALA A 38 -4.60 4.36 6.24
CA ALA A 38 -5.25 5.32 7.14
C ALA A 38 -4.69 6.73 6.95
N LEU A 39 -5.50 7.63 6.37
CA LEU A 39 -5.15 9.03 6.17
C LEU A 39 -4.83 9.79 7.47
N ALA A 40 -5.20 9.23 8.63
CA ALA A 40 -4.79 9.76 9.92
C ALA A 40 -3.26 9.73 10.07
N THR A 41 -2.63 8.69 9.51
CA THR A 41 -1.18 8.51 9.51
C THR A 41 -0.60 8.55 8.09
N ASN A 42 -1.44 8.62 7.05
CA ASN A 42 -1.07 8.67 5.64
C ASN A 42 -0.21 7.47 5.27
N LYS A 43 -0.43 6.36 5.97
CA LYS A 43 0.32 5.12 5.83
C LYS A 43 -0.62 4.13 5.17
N ALA A 44 -0.04 3.29 4.33
CA ALA A 44 -0.64 2.08 3.82
C ALA A 44 0.29 0.94 4.21
N HIS A 45 -0.21 0.07 5.07
CA HIS A 45 0.43 -1.15 5.47
C HIS A 45 -0.08 -2.21 4.50
N ILE A 46 0.76 -2.61 3.55
CA ILE A 46 0.49 -3.73 2.68
C ILE A 46 1.37 -4.87 3.19
N LYS A 47 0.74 -5.93 3.68
CA LYS A 47 1.42 -7.21 3.85
C LYS A 47 1.48 -7.83 2.46
N TYR A 48 2.64 -8.35 2.06
CA TYR A 48 2.88 -8.86 0.71
C TYR A 48 3.92 -9.96 0.75
N ASP A 49 4.00 -10.74 -0.33
CA ASP A 49 5.14 -11.59 -0.60
C ASP A 49 6.03 -10.88 -1.65
N PRO A 50 7.33 -10.67 -1.37
CA PRO A 50 8.22 -9.92 -2.22
C PRO A 50 8.58 -10.64 -3.53
N GLU A 51 8.35 -11.95 -3.62
CA GLU A 51 8.66 -12.73 -4.81
C GLU A 51 7.46 -12.65 -5.75
N ILE A 52 6.24 -12.81 -5.21
CA ILE A 52 5.02 -12.73 -6.03
C ILE A 52 4.77 -11.29 -6.47
N ILE A 53 4.92 -10.30 -5.57
CA ILE A 53 4.68 -8.89 -5.83
C ILE A 53 5.95 -8.16 -5.41
N GLY A 54 6.62 -7.48 -6.33
CA GLY A 54 7.73 -6.63 -5.95
C GLY A 54 7.20 -5.46 -5.13
N PRO A 55 7.99 -4.91 -4.19
CA PRO A 55 7.57 -3.72 -3.45
C PRO A 55 7.26 -2.58 -4.42
N ARG A 56 8.11 -2.47 -5.46
CA ARG A 56 7.90 -1.65 -6.63
C ARG A 56 6.46 -1.74 -7.17
N ASP A 57 5.86 -2.93 -7.21
CA ASP A 57 4.57 -3.12 -7.86
C ASP A 57 3.47 -2.49 -7.02
N ILE A 58 3.52 -2.66 -5.70
CA ILE A 58 2.60 -1.99 -4.80
C ILE A 58 2.73 -0.48 -5.00
N ILE A 59 3.96 0.04 -5.00
CA ILE A 59 4.21 1.44 -5.26
C ILE A 59 3.56 1.85 -6.59
N HIS A 60 3.84 1.14 -7.68
CA HIS A 60 3.22 1.39 -8.98
C HIS A 60 1.70 1.45 -8.83
N THR A 61 1.12 0.48 -8.11
CA THR A 61 -0.33 0.39 -7.96
C THR A 61 -0.85 1.68 -7.32
N ILE A 62 -0.28 2.08 -6.19
CA ILE A 62 -0.60 3.33 -5.51
C ILE A 62 -0.48 4.50 -6.49
N GLU A 63 0.74 4.71 -7.00
CA GLU A 63 1.08 5.92 -7.74
C GLU A 63 0.30 6.01 -9.05
N SER A 64 -0.13 4.87 -9.60
CA SER A 64 -0.95 4.83 -10.80
C SER A 64 -2.33 5.48 -10.59
N LEU A 65 -2.77 5.73 -9.35
CA LEU A 65 -3.98 6.51 -9.13
C LEU A 65 -3.61 8.00 -9.21
N GLY A 66 -3.36 8.66 -8.08
CA GLY A 66 -2.96 10.06 -8.04
C GLY A 66 -2.24 10.35 -6.72
N PHE A 67 -1.25 9.53 -6.39
CA PHE A 67 -0.58 9.53 -5.10
C PHE A 67 0.92 9.41 -5.32
N GLU A 68 1.69 9.51 -4.24
CA GLU A 68 3.14 9.29 -4.26
C GLU A 68 3.51 8.53 -2.99
N ALA A 69 4.43 7.57 -3.06
CA ALA A 69 4.75 6.70 -1.94
C ALA A 69 6.16 6.93 -1.39
N SER A 70 6.38 6.50 -0.15
CA SER A 70 7.70 6.49 0.51
C SER A 70 7.67 5.44 1.61
N LEU A 71 8.68 4.58 1.73
CA LEU A 71 8.78 3.64 2.86
C LEU A 71 8.69 4.39 4.19
N VAL A 72 8.01 3.82 5.19
CA VAL A 72 8.02 4.37 6.55
C VAL A 72 8.40 3.29 7.57
N LYS A 73 7.58 2.25 7.71
CA LYS A 73 7.71 1.23 8.74
C LYS A 73 7.75 1.83 10.16
N ILE A 74 6.61 1.82 10.85
CA ILE A 74 6.46 2.37 12.20
C ILE A 74 7.24 1.55 13.25
N GLU A 75 8.56 1.73 13.24
CA GLU A 75 9.58 0.91 13.89
C GLU A 75 9.91 -0.26 12.96
CU CU1 B . -9.55 11.17 -1.60
#